data_3PYB
#
_entry.id   3PYB
#
_cell.length_a   63.738
_cell.length_b   188.554
_cell.length_c   229.071
_cell.angle_alpha   90.00
_cell.angle_beta   90.00
_cell.angle_gamma   90.00
#
_symmetry.space_group_name_H-M   'P 21 21 21'
#
loop_
_entity.id
_entity.type
_entity.pdbx_description
1 polymer 'Ent-copalyl diphosphate synthase, chloroplastic'
2 non-polymer '2-(methyl{2-[(1S,4aS,8aS)-5,5,8a-trimethyl-2-methylidenedecahydronaphthalen-1-yl]ethyl}amino)ethyl trihydrogen diphosphate'
3 non-polymer 'PENTAETHYLENE GLYCOL'
4 water water
#
_entity_poly.entity_id   1
_entity_poly.type   'polypeptide(L)'
_entity_poly.pdbx_seq_one_letter_code
;MISVGSNSNAFKEAVKSVKTILRNLTDGEITISAYDTAWVALIDAGDKTPAFPSAVKWIAENQLSDGSWGDAYLFSYHDR
LINTLACVVALRSWNLFPHQCNKGITFFRENIGKLEDENDEHMPIGFEVAFPSLLEIARGINIDVPYDSPVLKDIYAKKE
LKLTRIPKEIMHKIPTTLLHSLEGMRDLDWEKLLKLQSQDGSFLFSPSSTAFAFMQTRDSNCLEYLRNAVKRFNGGVPNV
FPVDLFEHIWIVDRLQRLGISRYFEEEIKECLDYVHRYWTDNGICWARCSHVQDIDDTAMAFRLLRQHGYQVSADVFKNF
EKEGEFFCFVGQSNQAVTGMFNLYRASQLAFPREEILKNAKEFSYNYLLEKREREELIDKWIIMKDLPGEIGFALEIPWY
ASLPRVETRFYIDQYGGENDVWIGKTLYRMPYVNNNGYLELAKQDYNNCQAQHQLEWDIFQKWYEENRLSEWGVRRSELL
ECYYLAAATIFESERSHERMVWAKSSVLVKAISSSFGESSDSRRSFSDQFHEYIANARRSDHHFNDRNMRLDRPGSVQAS
RLAGVLIGTLNQMSFDLFMSHGRDVNNLLYLSWGDWMEKWKLYGDEGEGELMVKMIILMKNNDLTNFFTHTHFVRLAEII
NRICLPRQYLKARRNDEKEKTIKSMEKEMGKMVELALSESDTFRDVSITFLDVAKAFYYFALCGDHLQTHISKVLFQKVG
SHHHHHH
;
_entity_poly.pdbx_strand_id   A,B,C
#
# COMPACT_ATOMS: atom_id res chain seq x y z
N ASN A 7 25.21 21.56 -35.73
CA ASN A 7 26.23 21.79 -34.70
C ASN A 7 27.61 21.30 -35.12
N SER A 8 28.56 22.24 -35.24
CA SER A 8 29.91 21.89 -35.69
C SER A 8 30.66 21.08 -34.64
N ASN A 9 31.96 20.90 -34.85
CA ASN A 9 32.75 20.08 -33.93
C ASN A 9 33.45 20.89 -32.84
N ALA A 10 33.94 22.06 -33.19
CA ALA A 10 34.49 22.96 -32.20
C ALA A 10 33.47 23.11 -31.08
N PHE A 11 32.23 23.37 -31.48
CA PHE A 11 31.11 23.52 -30.55
C PHE A 11 30.87 22.23 -29.74
N LYS A 12 30.73 21.10 -30.42
CA LYS A 12 30.52 19.82 -29.75
C LYS A 12 31.60 19.54 -28.71
N GLU A 13 32.80 20.02 -28.98
CA GLU A 13 33.96 19.80 -28.11
C GLU A 13 33.89 20.71 -26.90
N ALA A 14 33.50 21.97 -27.13
CA ALA A 14 33.28 22.94 -26.07
C ALA A 14 32.24 22.43 -25.06
N VAL A 15 31.23 21.73 -25.56
CA VAL A 15 30.20 21.16 -24.68
C VAL A 15 30.77 20.03 -23.84
N LYS A 16 31.60 19.19 -24.45
CA LYS A 16 32.25 18.11 -23.72
C LYS A 16 33.07 18.67 -22.58
N SER A 17 33.92 19.64 -22.88
CA SER A 17 34.78 20.28 -21.88
C SER A 17 33.98 20.78 -20.67
N VAL A 18 32.93 21.53 -20.94
CA VAL A 18 32.12 22.09 -19.86
C VAL A 18 31.48 20.97 -19.04
N LYS A 19 31.19 19.86 -19.70
CA LYS A 19 30.65 18.69 -19.02
C LYS A 19 31.69 18.05 -18.11
N THR A 20 32.95 17.99 -18.56
CA THR A 20 34.01 17.40 -17.74
C THR A 20 34.31 18.27 -16.52
N ILE A 21 34.04 19.57 -16.63
CA ILE A 21 34.12 20.48 -15.50
C ILE A 21 33.04 20.13 -14.49
N LEU A 22 31.78 20.14 -14.94
CA LEU A 22 30.65 19.91 -14.05
C LEU A 22 30.74 18.57 -13.35
N ARG A 23 31.31 17.59 -14.05
CA ARG A 23 31.44 16.23 -13.53
CA ARG A 23 31.41 16.24 -13.51
C ARG A 23 32.54 16.15 -12.47
N ASN A 24 33.49 17.08 -12.55
CA ASN A 24 34.65 17.08 -11.67
C ASN A 24 34.70 18.19 -10.62
N LEU A 25 33.57 18.83 -10.35
CA LEU A 25 33.53 19.85 -9.30
C LEU A 25 33.86 19.25 -7.93
N THR A 26 34.67 19.95 -7.14
CA THR A 26 35.11 19.42 -5.85
C THR A 26 34.89 20.42 -4.71
N ASP A 27 35.98 20.99 -4.21
CA ASP A 27 35.93 21.95 -3.10
C ASP A 27 36.00 23.40 -3.61
N GLY A 28 36.05 23.57 -4.92
CA GLY A 28 36.05 24.89 -5.50
C GLY A 28 37.27 25.17 -6.35
N GLU A 29 37.08 25.79 -7.50
CA GLU A 29 38.19 26.22 -8.34
C GLU A 29 38.42 27.69 -8.10
N ILE A 30 39.30 27.97 -7.14
CA ILE A 30 39.54 29.32 -6.69
C ILE A 30 41.03 29.59 -6.79
N THR A 31 41.40 30.87 -6.87
CA THR A 31 42.79 31.24 -7.08
C THR A 31 43.55 31.33 -5.76
N ILE A 32 44.85 31.07 -5.81
CA ILE A 32 45.68 31.11 -4.61
C ILE A 32 45.79 32.53 -4.05
N SER A 33 45.85 32.61 -2.73
CA SER A 33 45.91 33.88 -2.03
C SER A 33 47.27 34.03 -1.39
N ALA A 34 48.16 34.79 -2.03
CA ALA A 34 49.53 34.93 -1.54
C ALA A 34 49.57 35.27 -0.04
N TYR A 35 48.65 36.12 0.38
CA TYR A 35 48.51 36.48 1.79
C TYR A 35 48.26 35.25 2.65
N ASP A 36 47.23 34.49 2.31
CA ASP A 36 46.86 33.31 3.11
C ASP A 36 47.96 32.25 3.11
N THR A 37 48.66 32.09 2.00
CA THR A 37 49.70 31.07 1.96
C THR A 37 50.96 31.55 2.69
N ALA A 38 51.05 32.84 2.96
CA ALA A 38 52.17 33.38 3.72
C ALA A 38 51.94 33.14 5.21
N TRP A 39 50.70 33.23 5.65
CA TRP A 39 50.32 32.90 7.03
C TRP A 39 50.48 31.40 7.32
N VAL A 40 50.18 30.56 6.34
CA VAL A 40 50.40 29.14 6.47
C VAL A 40 51.90 28.84 6.52
N ALA A 41 52.67 29.65 5.81
CA ALA A 41 54.12 29.43 5.68
C ALA A 41 54.89 29.92 6.90
N LEU A 42 54.22 30.72 7.73
CA LEU A 42 54.83 31.24 8.96
C LEU A 42 54.81 30.23 10.09
N ILE A 43 54.15 29.09 9.87
CA ILE A 43 53.91 28.13 10.94
C ILE A 43 55.14 27.28 11.25
N ASP A 44 55.52 27.25 12.52
CA ASP A 44 56.65 26.44 13.00
C ASP A 44 56.21 25.01 13.23
N ALA A 45 56.90 24.06 12.58
CA ALA A 45 56.69 22.65 12.86
C ALA A 45 56.80 22.37 14.36
N GLY A 46 57.83 22.93 14.98
CA GLY A 46 58.06 22.81 16.41
C GLY A 46 59.55 22.88 16.67
N ASP A 47 60.33 22.72 15.60
CA ASP A 47 61.79 22.68 15.68
C ASP A 47 62.42 23.79 14.85
N LYS A 48 61.73 24.93 14.76
CA LYS A 48 62.22 26.07 13.99
C LYS A 48 62.40 25.73 12.51
N THR A 49 61.42 25.04 11.94
CA THR A 49 61.32 24.86 10.48
C THR A 49 59.86 24.94 10.07
N PRO A 50 59.62 25.36 8.82
CA PRO A 50 58.26 25.52 8.29
C PRO A 50 57.49 24.21 8.33
N ALA A 51 56.27 24.27 8.85
CA ALA A 51 55.42 23.09 8.91
C ALA A 51 54.97 22.75 7.50
N PHE A 52 54.87 23.77 6.66
CA PHE A 52 54.37 23.60 5.30
C PHE A 52 55.35 24.12 4.25
N PRO A 53 56.43 23.36 4.03
CA PRO A 53 57.45 23.69 3.03
C PRO A 53 56.85 24.14 1.71
N SER A 54 55.82 23.45 1.24
CA SER A 54 55.24 23.73 -0.07
C SER A 54 54.64 25.14 -0.17
N ALA A 55 54.24 25.70 0.96
CA ALA A 55 53.70 27.06 0.99
C ALA A 55 54.82 28.10 0.85
N VAL A 56 55.94 27.84 1.50
CA VAL A 56 57.12 28.67 1.34
C VAL A 56 57.59 28.60 -0.09
N LYS A 57 57.59 27.39 -0.66
CA LYS A 57 58.04 27.20 -2.04
C LYS A 57 57.14 27.93 -3.03
N TRP A 58 55.83 27.90 -2.81
CA TRP A 58 54.91 28.57 -3.71
C TRP A 58 55.22 30.06 -3.80
N ILE A 59 55.45 30.67 -2.64
CA ILE A 59 55.71 32.10 -2.56
C ILE A 59 56.97 32.48 -3.34
N ALA A 60 57.96 31.61 -3.32
CA ALA A 60 59.23 31.91 -3.97
C ALA A 60 59.12 31.83 -5.48
N GLU A 61 58.04 31.21 -5.96
CA GLU A 61 57.94 30.89 -7.37
C GLU A 61 56.76 31.56 -8.06
N ASN A 62 56.04 32.40 -7.32
CA ASN A 62 54.85 33.05 -7.88
C ASN A 62 54.87 34.56 -7.75
N GLN A 63 56.07 35.11 -7.67
CA GLN A 63 56.25 36.54 -7.58
C GLN A 63 56.08 37.15 -8.94
N LEU A 64 55.31 38.24 -9.02
CA LEU A 64 55.19 39.01 -10.24
C LEU A 64 56.51 39.72 -10.52
N SER A 65 56.73 40.08 -11.78
CA SER A 65 58.04 40.59 -12.21
C SER A 65 58.38 41.99 -11.69
N ASP A 66 57.39 42.71 -11.16
CA ASP A 66 57.68 44.00 -10.53
C ASP A 66 57.92 43.86 -9.03
N GLY A 67 58.16 42.63 -8.59
CA GLY A 67 58.54 42.35 -7.21
C GLY A 67 57.40 42.05 -6.26
N SER A 68 56.17 42.18 -6.73
CA SER A 68 55.01 41.98 -5.84
C SER A 68 54.31 40.64 -6.00
N TRP A 69 53.40 40.35 -5.08
CA TRP A 69 52.52 39.19 -5.17
C TRP A 69 51.08 39.67 -5.17
N GLY A 70 50.21 38.94 -5.84
CA GLY A 70 48.80 39.31 -5.91
C GLY A 70 48.23 39.04 -7.29
N ASP A 71 47.06 39.61 -7.57
CA ASP A 71 46.40 39.39 -8.86
C ASP A 71 47.18 40.05 -9.99
N ALA A 72 47.51 39.26 -11.00
CA ALA A 72 48.44 39.70 -12.03
C ALA A 72 47.77 40.54 -13.11
N TYR A 73 46.46 40.34 -13.31
CA TYR A 73 45.75 41.01 -14.39
C TYR A 73 44.89 42.17 -13.91
N LEU A 74 44.90 42.43 -12.61
CA LEU A 74 44.18 43.57 -12.05
C LEU A 74 44.99 44.16 -10.90
N PHE A 75 45.56 45.33 -11.13
CA PHE A 75 46.42 46.00 -10.16
C PHE A 75 45.60 46.76 -9.13
N SER A 76 45.76 46.38 -7.86
CA SER A 76 45.13 47.10 -6.78
C SER A 76 46.19 47.35 -5.71
N TYR A 77 46.36 48.61 -5.32
CA TYR A 77 47.39 48.92 -4.32
C TYR A 77 47.10 48.23 -3.00
N HIS A 78 45.82 48.11 -2.65
CA HIS A 78 45.44 47.38 -1.45
C HIS A 78 45.81 45.91 -1.58
N ASP A 79 45.58 45.33 -2.74
CA ASP A 79 45.86 43.93 -2.95
C ASP A 79 47.36 43.63 -2.94
N ARG A 80 48.12 44.35 -3.77
CA ARG A 80 49.54 44.06 -3.93
C ARG A 80 50.37 44.40 -2.69
N LEU A 81 50.01 45.45 -1.96
CA LEU A 81 50.73 45.81 -0.74
C LEU A 81 50.56 44.78 0.39
N ILE A 82 49.34 44.37 0.70
CA ILE A 82 49.15 43.39 1.78
C ILE A 82 49.66 41.99 1.41
N ASN A 83 49.58 41.62 0.13
CA ASN A 83 50.11 40.33 -0.30
C ASN A 83 51.63 40.26 -0.22
N THR A 84 52.30 41.34 -0.62
CA THR A 84 53.76 41.38 -0.68
C THR A 84 54.37 41.48 0.70
N LEU A 85 53.72 42.25 1.56
CA LEU A 85 54.18 42.42 2.92
C LEU A 85 54.18 41.07 3.60
N ALA A 86 53.07 40.34 3.46
CA ALA A 86 52.93 39.03 4.09
C ALA A 86 53.97 38.05 3.58
N CYS A 87 54.24 38.09 2.28
CA CYS A 87 55.20 37.16 1.69
C CYS A 87 56.65 37.46 2.10
N VAL A 88 56.97 38.74 2.20
CA VAL A 88 58.32 39.14 2.59
C VAL A 88 58.58 38.76 4.05
N VAL A 89 57.58 38.99 4.90
CA VAL A 89 57.63 38.54 6.27
C VAL A 89 57.80 37.02 6.37
N ALA A 90 57.00 36.27 5.61
CA ALA A 90 57.11 34.82 5.61
C ALA A 90 58.50 34.36 5.19
N LEU A 91 59.00 34.90 4.08
CA LEU A 91 60.33 34.57 3.58
C LEU A 91 61.46 34.98 4.52
N ARG A 92 61.36 36.18 5.08
CA ARG A 92 62.40 36.75 5.94
C ARG A 92 62.54 36.06 7.30
N SER A 93 61.44 35.57 7.87
CA SER A 93 61.54 34.94 9.18
C SER A 93 61.99 33.49 9.15
N TRP A 94 62.27 32.96 7.95
CA TRP A 94 62.94 31.68 7.83
C TRP A 94 64.30 31.92 7.24
N ASN A 95 64.59 33.19 6.98
CA ASN A 95 65.86 33.58 6.38
C ASN A 95 66.10 32.85 5.06
N LEU A 96 65.04 32.78 4.25
CA LEU A 96 65.10 32.05 3.00
C LEU A 96 64.84 32.93 1.78
N PHE A 97 65.38 32.51 0.64
CA PHE A 97 65.13 33.19 -0.63
C PHE A 97 65.33 34.69 -0.54
N PRO A 98 66.59 35.12 -0.42
CA PRO A 98 66.98 36.52 -0.20
C PRO A 98 66.62 37.41 -1.38
N HIS A 99 66.91 36.95 -2.58
CA HIS A 99 66.70 37.75 -3.77
C HIS A 99 65.25 38.18 -3.95
N GLN A 100 64.34 37.22 -3.96
CA GLN A 100 62.92 37.54 -4.11
C GLN A 100 62.39 38.34 -2.92
N CYS A 101 62.86 38.00 -1.72
CA CYS A 101 62.48 38.75 -0.54
C CYS A 101 62.89 40.23 -0.64
N ASN A 102 64.12 40.47 -1.09
CA ASN A 102 64.63 41.82 -1.27
C ASN A 102 63.89 42.58 -2.36
N LYS A 103 63.72 41.94 -3.51
CA LYS A 103 62.91 42.52 -4.58
C LYS A 103 61.53 42.89 -4.04
N GLY A 104 61.01 42.06 -3.15
CA GLY A 104 59.71 42.31 -2.54
C GLY A 104 59.65 43.55 -1.66
N ILE A 105 60.64 43.71 -0.80
CA ILE A 105 60.72 44.90 0.06
C ILE A 105 60.88 46.19 -0.75
N THR A 106 61.69 46.13 -1.81
CA THR A 106 61.85 47.27 -2.71
C THR A 106 60.51 47.71 -3.29
N PHE A 107 59.71 46.75 -3.78
CA PHE A 107 58.37 47.07 -4.21
C PHE A 107 57.59 47.76 -3.08
N PHE A 108 57.53 47.13 -1.92
CA PHE A 108 56.75 47.69 -0.81
C PHE A 108 57.20 49.11 -0.46
N ARG A 109 58.51 49.34 -0.46
CA ARG A 109 59.03 50.67 -0.11
C ARG A 109 58.59 51.71 -1.13
N GLU A 110 58.80 51.39 -2.40
CA GLU A 110 58.56 52.36 -3.44
C GLU A 110 57.08 52.61 -3.67
N ASN A 111 56.24 51.73 -3.14
CA ASN A 111 54.81 51.72 -3.45
C ASN A 111 53.86 51.99 -2.28
N ILE A 112 54.38 52.03 -1.06
CA ILE A 112 53.48 52.23 0.07
C ILE A 112 52.87 53.63 0.03
N GLY A 113 53.59 54.58 -0.58
CA GLY A 113 53.12 55.94 -0.68
C GLY A 113 51.87 56.14 -1.53
N LYS A 114 51.62 55.24 -2.47
CA LYS A 114 50.47 55.35 -3.37
C LYS A 114 49.16 54.87 -2.75
N LEU A 115 49.26 54.12 -1.67
CA LEU A 115 48.09 53.53 -1.02
C LEU A 115 47.17 54.64 -0.50
N GLU A 116 47.76 55.71 -0.01
CA GLU A 116 47.02 56.82 0.58
C GLU A 116 45.96 57.44 -0.33
N ASP A 117 46.04 57.18 -1.63
CA ASP A 117 45.14 57.84 -2.57
C ASP A 117 44.14 56.94 -3.31
N GLU A 118 44.35 55.62 -3.27
CA GLU A 118 43.33 54.72 -3.82
C GLU A 118 42.11 54.78 -2.90
N ASN A 119 40.92 54.77 -3.49
CA ASN A 119 39.68 54.90 -2.73
C ASN A 119 39.29 53.62 -1.97
N ASP A 120 38.73 53.80 -0.79
CA ASP A 120 38.32 52.68 0.06
C ASP A 120 37.03 52.04 -0.44
N GLU A 121 36.65 52.33 -1.67
CA GLU A 121 35.39 51.83 -2.23
C GLU A 121 35.47 50.34 -2.55
N HIS A 122 36.62 49.90 -3.04
CA HIS A 122 36.89 48.48 -3.21
C HIS A 122 38.07 48.10 -2.32
N MET A 123 37.76 47.83 -1.06
CA MET A 123 38.77 47.59 -0.04
C MET A 123 38.55 46.28 0.70
N PRO A 124 39.60 45.43 0.74
CA PRO A 124 39.51 44.06 1.22
C PRO A 124 38.98 43.93 2.65
N ILE A 125 38.56 42.72 2.98
CA ILE A 125 37.98 42.38 4.27
C ILE A 125 39.04 42.41 5.36
N GLY A 126 38.79 43.22 6.40
CA GLY A 126 39.69 43.31 7.54
C GLY A 126 41.07 43.83 7.18
N PHE A 127 41.11 44.78 6.27
CA PHE A 127 42.38 45.34 5.82
C PHE A 127 42.95 46.31 6.85
N GLU A 128 42.10 47.18 7.40
CA GLU A 128 42.55 48.16 8.36
C GLU A 128 43.07 47.52 9.65
N VAL A 129 42.70 46.27 9.88
CA VAL A 129 43.15 45.53 11.05
C VAL A 129 44.29 44.56 10.74
N ALA A 130 44.19 43.86 9.60
CA ALA A 130 45.18 42.85 9.23
C ALA A 130 46.50 43.45 8.72
N PHE A 131 46.44 44.67 8.19
CA PHE A 131 47.62 45.31 7.60
C PHE A 131 48.62 45.80 8.65
N PRO A 132 48.16 46.59 9.65
CA PRO A 132 49.06 46.97 10.74
C PRO A 132 49.65 45.77 11.49
N SER A 133 48.91 44.66 11.54
CA SER A 133 49.37 43.46 12.24
C SER A 133 50.64 42.88 11.64
N LEU A 134 50.70 42.85 10.31
CA LEU A 134 51.89 42.40 9.61
C LEU A 134 53.05 43.38 9.84
N LEU A 135 52.72 44.67 9.77
CA LEU A 135 53.70 45.73 10.01
C LEU A 135 54.48 45.47 11.29
N GLU A 136 53.76 45.13 12.35
CA GLU A 136 54.37 44.82 13.65
C GLU A 136 55.32 43.64 13.56
N ILE A 137 54.84 42.53 13.01
CA ILE A 137 55.65 41.35 12.79
C ILE A 137 56.93 41.72 12.03
N ALA A 138 56.79 42.64 11.08
CA ALA A 138 57.91 43.07 10.24
C ALA A 138 58.88 43.97 11.00
N ARG A 139 58.33 44.93 11.74
CA ARG A 139 59.14 45.84 12.57
C ARG A 139 60.00 45.03 13.52
N GLY A 140 59.43 43.94 14.05
CA GLY A 140 60.11 43.09 15.00
C GLY A 140 60.88 41.94 14.39
N ILE A 141 61.38 42.13 13.17
CA ILE A 141 62.33 41.20 12.55
C ILE A 141 63.29 42.00 11.68
N ASN A 142 63.31 43.32 11.93
CA ASN A 142 64.22 44.25 11.29
C ASN A 142 64.14 44.29 9.76
N ILE A 143 62.93 44.39 9.25
CA ILE A 143 62.73 44.62 7.83
C ILE A 143 62.72 46.11 7.60
N ASP A 144 63.55 46.58 6.68
CA ASP A 144 63.70 48.02 6.46
C ASP A 144 62.56 48.61 5.63
N VAL A 145 61.53 49.06 6.31
CA VAL A 145 60.38 49.67 5.66
C VAL A 145 59.99 50.94 6.40
N PRO A 146 59.38 51.90 5.68
CA PRO A 146 58.95 53.18 6.27
C PRO A 146 57.81 53.00 7.27
N TYR A 147 58.12 52.87 8.55
CA TYR A 147 57.08 52.66 9.57
C TYR A 147 56.42 53.96 9.99
N ASP A 148 57.17 55.05 9.88
CA ASP A 148 56.67 56.38 10.22
C ASP A 148 55.68 56.88 9.17
N SER A 149 56.06 56.73 7.90
CA SER A 149 55.26 57.16 6.74
C SER A 149 53.91 57.80 7.07
N PRO A 150 53.71 59.04 6.61
CA PRO A 150 52.48 59.80 6.84
C PRO A 150 51.22 58.95 6.70
N VAL A 151 51.21 58.04 5.73
CA VAL A 151 50.05 57.18 5.47
C VAL A 151 49.95 56.01 6.44
N LEU A 152 51.09 55.59 6.99
CA LEU A 152 51.14 54.44 7.89
C LEU A 152 50.64 54.71 9.32
N LYS A 153 51.18 55.74 9.96
CA LYS A 153 50.72 56.10 11.30
C LYS A 153 49.22 56.40 11.28
N ASP A 154 48.69 56.53 10.06
CA ASP A 154 47.28 56.81 9.86
C ASP A 154 46.43 55.54 9.99
N ILE A 155 46.94 54.42 9.47
CA ILE A 155 46.21 53.15 9.54
C ILE A 155 46.42 52.44 10.87
N TYR A 156 47.55 52.69 11.52
CA TYR A 156 47.75 52.22 12.89
C TYR A 156 46.64 52.77 13.75
N ALA A 157 46.25 54.01 13.47
CA ALA A 157 45.19 54.68 14.21
C ALA A 157 43.83 54.08 13.88
N LYS A 158 43.52 53.99 12.59
CA LYS A 158 42.25 53.40 12.15
C LYS A 158 42.06 52.01 12.73
N LYS A 159 43.16 51.31 12.97
CA LYS A 159 43.09 49.97 13.53
C LYS A 159 42.51 50.03 14.94
N GLU A 160 43.18 50.77 15.81
CA GLU A 160 42.77 50.82 17.21
C GLU A 160 41.32 51.28 17.35
N LEU A 161 40.87 52.13 16.43
CA LEU A 161 39.52 52.67 16.47
C LEU A 161 38.51 51.66 15.92
N LYS A 162 38.96 50.84 14.97
CA LYS A 162 38.15 49.74 14.45
C LYS A 162 38.05 48.64 15.50
N LEU A 163 39.10 48.52 16.32
CA LEU A 163 39.16 47.47 17.34
C LEU A 163 38.25 47.72 18.55
N THR A 164 37.65 48.90 18.64
CA THR A 164 36.79 49.21 19.77
C THR A 164 35.30 49.07 19.41
N ARG A 165 35.03 48.96 18.12
CA ARG A 165 33.67 48.71 17.64
C ARG A 165 33.33 47.24 17.83
N ILE A 166 34.37 46.41 17.94
CA ILE A 166 34.22 44.96 18.05
C ILE A 166 33.56 44.52 19.34
N PRO A 167 32.55 43.65 19.23
CA PRO A 167 31.85 43.08 20.39
C PRO A 167 32.63 41.87 20.90
N LYS A 168 33.68 42.11 21.68
CA LYS A 168 34.54 41.02 22.13
C LYS A 168 33.75 39.94 22.86
N GLU A 169 32.78 40.36 23.68
CA GLU A 169 31.94 39.41 24.41
C GLU A 169 31.25 38.44 23.46
N ILE A 170 30.43 38.98 22.57
CA ILE A 170 29.69 38.17 21.60
C ILE A 170 30.61 37.30 20.75
N MET A 171 31.69 37.89 20.25
CA MET A 171 32.62 37.17 19.39
C MET A 171 33.09 35.84 19.97
N HIS A 172 33.24 35.79 21.29
CA HIS A 172 33.75 34.60 21.98
C HIS A 172 32.64 33.63 22.35
N LYS A 173 31.40 34.10 22.33
CA LYS A 173 30.28 33.30 22.79
C LYS A 173 29.56 32.57 21.65
N ILE A 174 29.24 33.31 20.58
CA ILE A 174 28.49 32.73 19.46
C ILE A 174 29.18 32.98 18.11
N PRO A 175 28.90 32.12 17.12
CA PRO A 175 29.50 32.22 15.79
C PRO A 175 29.14 33.50 15.05
N THR A 176 30.16 34.19 14.58
CA THR A 176 29.95 35.37 13.75
C THR A 176 30.97 35.31 12.63
N THR A 177 30.87 36.25 11.70
CA THR A 177 31.79 36.30 10.58
C THR A 177 33.19 36.73 11.02
N LEU A 178 33.28 37.35 12.20
CA LEU A 178 34.57 37.79 12.71
C LEU A 178 35.57 36.64 12.79
N LEU A 179 35.09 35.43 13.07
CA LEU A 179 35.96 34.27 13.18
C LEU A 179 36.83 34.11 11.94
N HIS A 180 36.42 34.76 10.87
CA HIS A 180 37.10 34.69 9.57
C HIS A 180 38.35 35.58 9.56
N SER A 181 38.34 36.63 10.39
CA SER A 181 39.42 37.60 10.39
C SER A 181 40.05 37.76 11.78
N LEU A 182 40.78 36.76 12.23
CA LEU A 182 41.37 36.78 13.58
C LEU A 182 42.81 37.29 13.62
N GLU A 183 43.49 37.27 12.48
CA GLU A 183 44.92 37.59 12.43
C GLU A 183 45.26 38.95 13.01
N GLY A 184 44.29 39.87 12.99
CA GLY A 184 44.54 41.22 13.46
C GLY A 184 44.25 41.50 14.93
N MET A 185 43.48 40.64 15.58
CA MET A 185 43.02 40.90 16.95
C MET A 185 44.10 40.60 18.00
N ARG A 186 43.95 41.19 19.18
CA ARG A 186 44.98 41.15 20.23
C ARG A 186 44.80 39.98 21.19
N ASP A 187 44.41 40.30 22.42
CA ASP A 187 44.22 39.29 23.45
C ASP A 187 42.89 38.58 23.27
N LEU A 188 42.97 37.31 22.93
CA LEU A 188 41.78 36.52 22.65
C LEU A 188 41.75 35.35 23.61
N ASP A 189 40.55 34.95 24.03
CA ASP A 189 40.43 33.79 24.89
C ASP A 189 40.26 32.54 24.03
N TRP A 190 41.38 31.90 23.70
CA TRP A 190 41.35 30.69 22.90
C TRP A 190 40.61 29.56 23.57
N GLU A 191 40.46 29.66 24.88
CA GLU A 191 39.61 28.74 25.64
C GLU A 191 38.22 28.70 25.02
N LYS A 192 37.63 29.87 24.86
CA LYS A 192 36.27 30.02 24.35
C LYS A 192 36.19 29.94 22.83
N LEU A 193 37.25 30.36 22.15
CA LEU A 193 37.24 30.40 20.69
C LEU A 193 37.25 29.00 20.04
N LEU A 194 38.09 28.10 20.54
CA LEU A 194 38.16 26.77 19.98
C LEU A 194 36.81 26.04 20.00
N LYS A 195 35.91 26.50 20.86
CA LYS A 195 34.59 25.90 20.94
C LYS A 195 33.71 26.40 19.79
N LEU A 196 34.17 27.44 19.11
CA LEU A 196 33.47 28.01 17.97
C LEU A 196 34.13 27.59 16.65
N GLN A 197 34.92 26.53 16.71
CA GLN A 197 35.58 25.99 15.52
C GLN A 197 34.57 25.33 14.60
N SER A 198 34.94 25.11 13.34
CA SER A 198 34.02 24.48 12.39
C SER A 198 34.31 23.00 12.24
N GLN A 199 33.32 22.26 11.74
CA GLN A 199 33.41 20.80 11.71
C GLN A 199 34.65 20.30 10.95
N ASP A 200 35.19 21.12 10.06
CA ASP A 200 36.39 20.75 9.32
C ASP A 200 37.65 21.27 10.01
N GLY A 201 37.46 21.95 11.14
CA GLY A 201 38.56 22.36 11.99
C GLY A 201 39.12 23.73 11.67
N SER A 202 38.33 24.54 10.97
CA SER A 202 38.77 25.85 10.55
C SER A 202 38.04 26.93 11.33
N PHE A 203 38.45 28.17 11.13
CA PHE A 203 37.67 29.28 11.62
C PHE A 203 37.01 29.99 10.45
N LEU A 204 35.73 29.66 10.24
CA LEU A 204 34.93 30.18 9.12
C LEU A 204 35.66 30.04 7.80
N PHE A 205 36.22 28.86 7.57
CA PHE A 205 36.79 28.51 6.28
C PHE A 205 37.81 29.52 5.76
N SER A 206 38.65 30.01 6.66
CA SER A 206 39.73 30.90 6.26
C SER A 206 41.09 30.33 6.66
N PRO A 207 41.91 29.95 5.68
CA PRO A 207 43.22 29.35 5.95
C PRO A 207 44.18 30.25 6.74
N SER A 208 44.14 31.57 6.54
CA SER A 208 45.03 32.47 7.30
C SER A 208 44.58 32.64 8.75
N SER A 209 43.28 32.82 8.96
CA SER A 209 42.73 32.91 10.30
C SER A 209 42.98 31.62 11.08
N THR A 210 42.77 30.48 10.41
CA THR A 210 43.00 29.18 11.02
C THR A 210 44.48 28.96 11.28
N ALA A 211 45.32 29.34 10.32
CA ALA A 211 46.77 29.20 10.47
C ALA A 211 47.25 30.00 11.67
N PHE A 212 46.61 31.14 11.89
CA PHE A 212 46.93 31.99 13.03
C PHE A 212 46.55 31.32 14.34
N ALA A 213 45.32 30.84 14.42
CA ALA A 213 44.85 30.13 15.61
C ALA A 213 45.76 28.96 15.96
N PHE A 214 46.20 28.21 14.95
CA PHE A 214 47.06 27.07 15.21
C PHE A 214 48.38 27.51 15.80
N MET A 215 48.92 28.60 15.26
CA MET A 215 50.17 29.15 15.76
C MET A 215 50.08 29.44 17.26
N GLN A 216 48.87 29.76 17.72
CA GLN A 216 48.62 30.15 19.11
C GLN A 216 48.12 29.02 20.01
N THR A 217 47.64 27.94 19.41
CA THR A 217 47.02 26.87 20.19
C THR A 217 47.58 25.49 19.84
N ARG A 218 48.30 25.41 18.72
CA ARG A 218 48.85 24.14 18.26
C ARG A 218 47.74 23.10 18.18
N ASP A 219 46.50 23.55 18.03
CA ASP A 219 45.36 22.65 17.94
C ASP A 219 45.51 21.66 16.79
N SER A 220 45.09 20.42 17.03
CA SER A 220 45.31 19.33 16.08
C SER A 220 44.32 19.34 14.93
N ASN A 221 43.16 19.96 15.16
CA ASN A 221 42.14 20.05 14.12
C ASN A 221 42.44 21.15 13.10
N CYS A 222 42.88 22.31 13.58
CA CYS A 222 43.30 23.38 12.68
C CYS A 222 44.41 22.89 11.77
N LEU A 223 45.28 22.03 12.31
CA LEU A 223 46.35 21.45 11.53
C LEU A 223 45.82 20.54 10.43
N GLU A 224 44.76 19.80 10.74
CA GLU A 224 44.18 18.85 9.79
C GLU A 224 43.55 19.56 8.60
N TYR A 225 42.85 20.66 8.91
CA TYR A 225 42.21 21.48 7.89
C TYR A 225 43.23 22.15 6.99
N LEU A 226 44.24 22.79 7.58
CA LEU A 226 45.30 23.41 6.81
C LEU A 226 46.02 22.40 5.94
N ARG A 227 46.16 21.19 6.45
CA ARG A 227 46.87 20.15 5.72
C ARG A 227 46.09 19.73 4.47
N ASN A 228 44.77 19.73 4.56
CA ASN A 228 43.94 19.38 3.40
C ASN A 228 43.97 20.47 2.35
N ALA A 229 43.90 21.72 2.81
CA ALA A 229 43.99 22.88 1.93
C ALA A 229 45.29 22.86 1.15
N VAL A 230 46.40 22.76 1.86
CA VAL A 230 47.70 22.75 1.20
C VAL A 230 47.78 21.66 0.14
N LYS A 231 47.11 20.55 0.39
CA LYS A 231 47.14 19.42 -0.54
C LYS A 231 46.28 19.71 -1.77
N ARG A 232 45.05 20.14 -1.51
CA ARG A 232 44.09 20.44 -2.57
C ARG A 232 44.66 21.33 -3.67
N PHE A 233 45.43 22.34 -3.29
CA PHE A 233 45.92 23.33 -4.25
C PHE A 233 47.40 23.21 -4.54
N ASN A 234 48.00 22.09 -4.16
CA ASN A 234 49.39 21.82 -4.50
C ASN A 234 50.35 22.95 -4.12
N GLY A 235 50.36 23.32 -2.85
CA GLY A 235 51.30 24.30 -2.34
C GLY A 235 50.63 25.51 -1.73
N GLY A 236 50.01 26.32 -2.59
CA GLY A 236 49.33 27.51 -2.13
C GLY A 236 48.01 27.21 -1.45
N VAL A 237 47.35 28.25 -0.99
CA VAL A 237 46.01 28.13 -0.43
C VAL A 237 45.20 29.35 -0.84
N PRO A 238 43.88 29.21 -0.94
CA PRO A 238 42.96 30.29 -1.32
C PRO A 238 42.68 31.14 -0.11
N ASN A 239 41.84 32.17 -0.23
CA ASN A 239 41.44 32.92 0.96
C ASN A 239 40.06 32.51 1.49
N VAL A 240 39.55 31.40 0.98
CA VAL A 240 38.35 30.78 1.52
C VAL A 240 38.31 29.33 1.04
N PHE A 241 37.89 28.42 1.92
CA PHE A 241 38.01 26.99 1.64
C PHE A 241 37.28 26.17 2.70
N PRO A 242 36.32 25.31 2.28
CA PRO A 242 35.92 25.09 0.89
C PRO A 242 34.99 26.18 0.38
N VAL A 243 34.72 26.15 -0.92
CA VAL A 243 33.83 27.12 -1.52
C VAL A 243 32.83 26.35 -2.41
N ASP A 244 32.56 25.11 -1.99
CA ASP A 244 31.86 24.12 -2.82
C ASP A 244 30.38 24.37 -3.08
N LEU A 245 29.63 24.79 -2.07
CA LEU A 245 28.22 25.10 -2.29
C LEU A 245 28.07 26.32 -3.18
N PHE A 246 28.82 27.36 -2.86
CA PHE A 246 28.83 28.58 -3.67
C PHE A 246 29.15 28.27 -5.13
N GLU A 247 30.15 27.45 -5.37
CA GLU A 247 30.52 27.12 -6.73
C GLU A 247 29.42 26.34 -7.46
N HIS A 248 28.87 25.32 -6.82
CA HIS A 248 27.80 24.55 -7.46
C HIS A 248 26.64 25.46 -7.87
N ILE A 249 26.13 26.24 -6.92
CA ILE A 249 24.99 27.12 -7.18
C ILE A 249 25.26 28.19 -8.25
N TRP A 250 26.47 28.72 -8.30
CA TRP A 250 26.78 29.78 -9.26
C TRP A 250 27.00 29.27 -10.69
N ILE A 251 27.61 28.11 -10.85
CA ILE A 251 27.78 27.54 -12.18
C ILE A 251 26.40 27.25 -12.78
N VAL A 252 25.54 26.60 -12.01
CA VAL A 252 24.18 26.34 -12.47
C VAL A 252 23.47 27.62 -12.88
N ASP A 253 23.48 28.63 -12.02
CA ASP A 253 22.81 29.88 -12.33
C ASP A 253 23.31 30.54 -13.61
N ARG A 254 24.63 30.57 -13.79
CA ARG A 254 25.22 31.14 -14.99
C ARG A 254 24.83 30.37 -16.25
N LEU A 255 24.86 29.05 -16.18
CA LEU A 255 24.50 28.24 -17.34
C LEU A 255 23.05 28.45 -17.74
N GLN A 256 22.16 28.64 -16.77
CA GLN A 256 20.75 28.87 -17.09
C GLN A 256 20.51 30.26 -17.67
N ARG A 257 21.12 31.28 -17.08
CA ARG A 257 20.98 32.63 -17.60
C ARG A 257 21.58 32.77 -19.00
N LEU A 258 22.73 32.17 -19.22
CA LEU A 258 23.39 32.24 -20.52
C LEU A 258 22.59 31.51 -21.62
N GLY A 259 21.51 30.85 -21.22
CA GLY A 259 20.63 30.18 -22.16
C GLY A 259 21.09 28.81 -22.65
N ILE A 260 22.27 28.37 -22.23
CA ILE A 260 22.80 27.10 -22.72
C ILE A 260 22.63 25.96 -21.73
N SER A 261 21.69 26.12 -20.81
CA SER A 261 21.51 25.16 -19.71
C SER A 261 21.11 23.75 -20.17
N ARG A 262 20.41 23.65 -21.29
CA ARG A 262 19.80 22.37 -21.69
C ARG A 262 20.80 21.31 -22.14
N TYR A 263 21.93 21.73 -22.71
CA TYR A 263 22.97 20.79 -23.10
C TYR A 263 23.48 19.96 -21.92
N PHE A 264 23.35 20.48 -20.70
CA PHE A 264 23.94 19.83 -19.54
C PHE A 264 22.92 19.36 -18.50
N GLU A 265 21.71 19.02 -18.94
CA GLU A 265 20.62 18.76 -18.02
C GLU A 265 20.98 17.73 -16.96
N GLU A 266 21.73 16.70 -17.35
CA GLU A 266 22.04 15.60 -16.43
C GLU A 266 23.07 16.02 -15.39
N GLU A 267 24.14 16.67 -15.86
CA GLU A 267 25.18 17.15 -14.96
C GLU A 267 24.64 18.17 -13.96
N ILE A 268 23.75 19.04 -14.43
CA ILE A 268 23.11 20.02 -13.55
C ILE A 268 22.27 19.33 -12.48
N LYS A 269 21.73 18.14 -12.79
CA LYS A 269 20.94 17.41 -11.80
C LYS A 269 21.83 16.87 -10.69
N GLU A 270 23.01 16.38 -11.05
CA GLU A 270 24.00 15.96 -10.06
C GLU A 270 24.38 17.13 -9.14
N CYS A 271 24.54 18.32 -9.73
CA CYS A 271 24.91 19.52 -8.97
C CYS A 271 23.86 19.91 -7.95
N LEU A 272 22.61 20.08 -8.38
CA LEU A 272 21.56 20.42 -7.44
C LEU A 272 21.35 19.28 -6.44
N ASP A 273 21.68 18.05 -6.84
CA ASP A 273 21.59 16.92 -5.92
C ASP A 273 22.60 17.11 -4.79
N TYR A 274 23.85 17.35 -5.16
CA TYR A 274 24.89 17.69 -4.21
C TYR A 274 24.47 18.82 -3.27
N VAL A 275 23.84 19.86 -3.80
CA VAL A 275 23.46 21.00 -2.98
C VAL A 275 22.30 20.67 -2.03
N HIS A 276 21.38 19.82 -2.48
CA HIS A 276 20.28 19.41 -1.62
C HIS A 276 20.79 18.59 -0.44
N ARG A 277 21.78 17.74 -0.71
CA ARG A 277 22.44 16.92 0.30
C ARG A 277 22.86 17.75 1.54
N TYR A 278 23.51 18.88 1.31
CA TYR A 278 24.01 19.74 2.40
C TYR A 278 23.13 20.94 2.71
N TRP A 279 21.90 20.92 2.22
CA TRP A 279 20.89 21.93 2.54
C TRP A 279 20.40 21.73 3.98
N THR A 280 20.08 22.81 4.68
CA THR A 280 19.56 22.71 6.04
C THR A 280 18.41 23.67 6.31
N ASP A 281 17.77 23.54 7.47
CA ASP A 281 16.62 24.36 7.82
C ASP A 281 17.00 25.78 8.23
N ASN A 282 18.30 26.03 8.31
CA ASN A 282 18.81 27.36 8.63
C ASN A 282 19.34 28.05 7.38
N GLY A 283 19.24 27.34 6.27
CA GLY A 283 19.84 27.80 5.02
C GLY A 283 21.22 27.21 4.86
N ILE A 284 22.05 27.84 4.04
CA ILE A 284 23.44 27.41 3.89
C ILE A 284 24.35 28.63 3.82
N CYS A 285 25.65 28.36 3.72
CA CYS A 285 26.61 29.41 3.38
C CYS A 285 27.48 28.87 2.25
N TRP A 286 28.53 29.59 1.89
CA TRP A 286 29.36 29.18 0.77
C TRP A 286 29.95 27.77 0.91
N ALA A 287 30.08 27.27 2.13
CA ALA A 287 30.67 25.94 2.34
C ALA A 287 29.73 24.96 3.05
N ARG A 288 29.90 23.69 2.77
CA ARG A 288 29.12 22.65 3.44
C ARG A 288 29.44 22.59 4.92
N CYS A 289 28.42 22.33 5.74
CA CYS A 289 28.59 22.11 7.17
C CYS A 289 29.14 23.33 7.91
N SER A 290 28.31 24.36 8.00
CA SER A 290 28.69 25.61 8.64
C SER A 290 27.71 25.98 9.76
N HIS A 291 28.23 26.60 10.81
CA HIS A 291 27.40 27.13 11.89
C HIS A 291 27.03 28.58 11.60
N VAL A 292 27.54 29.08 10.48
CA VAL A 292 27.19 30.40 9.96
C VAL A 292 26.53 30.26 8.59
N GLN A 293 25.49 31.05 8.35
CA GLN A 293 24.81 31.07 7.05
C GLN A 293 24.62 32.49 6.56
N ASP A 294 24.49 32.64 5.25
CA ASP A 294 24.24 33.94 4.64
C ASP A 294 23.02 33.90 3.74
N ILE A 295 22.35 35.04 3.61
CA ILE A 295 21.12 35.13 2.84
C ILE A 295 21.38 35.05 1.33
N ASP A 296 22.60 35.36 0.93
CA ASP A 296 22.98 35.31 -0.48
C ASP A 296 23.03 33.87 -0.99
N ASP A 297 23.98 33.08 -0.50
CA ASP A 297 24.05 31.67 -0.85
C ASP A 297 22.72 30.94 -0.64
N THR A 298 22.08 31.20 0.50
CA THR A 298 20.80 30.56 0.81
C THR A 298 19.72 30.87 -0.24
N ALA A 299 19.54 32.14 -0.58
CA ALA A 299 18.54 32.56 -1.55
C ALA A 299 18.78 31.95 -2.93
N MET A 300 20.03 31.90 -3.35
CA MET A 300 20.37 31.28 -4.64
C MET A 300 20.07 29.79 -4.65
N ALA A 301 20.30 29.12 -3.53
CA ALA A 301 20.05 27.70 -3.42
C ALA A 301 18.55 27.44 -3.38
N PHE A 302 17.84 28.22 -2.55
CA PHE A 302 16.40 28.08 -2.42
C PHE A 302 15.71 28.15 -3.77
N ARG A 303 16.05 29.18 -4.53
CA ARG A 303 15.44 29.39 -5.83
C ARG A 303 15.78 28.28 -6.80
N LEU A 304 17.07 27.99 -6.97
CA LEU A 304 17.47 26.94 -7.90
C LEU A 304 16.86 25.59 -7.54
N LEU A 305 16.62 25.37 -6.24
CA LEU A 305 16.06 24.09 -5.79
C LEU A 305 14.56 24.00 -6.03
N ARG A 306 13.83 25.00 -5.58
CA ARG A 306 12.39 25.03 -5.76
C ARG A 306 11.99 25.00 -7.24
N GLN A 307 12.73 25.75 -8.06
CA GLN A 307 12.45 25.81 -9.49
C GLN A 307 12.71 24.49 -10.22
N HIS A 308 13.34 23.54 -9.54
CA HIS A 308 13.65 22.24 -10.14
C HIS A 308 12.97 21.12 -9.39
N GLY A 309 11.95 21.46 -8.62
CA GLY A 309 11.07 20.47 -8.03
C GLY A 309 11.55 19.84 -6.74
N TYR A 310 12.62 20.37 -6.16
CA TYR A 310 13.03 19.94 -4.83
C TYR A 310 12.12 20.61 -3.81
N GLN A 311 11.70 19.86 -2.81
CA GLN A 311 10.86 20.41 -1.76
C GLN A 311 11.70 21.13 -0.71
N VAL A 312 11.75 22.46 -0.81
CA VAL A 312 12.46 23.28 0.16
C VAL A 312 11.48 24.22 0.82
N SER A 313 11.81 24.71 2.01
CA SER A 313 10.86 25.54 2.75
C SER A 313 11.30 26.98 2.95
N ALA A 314 10.34 27.89 2.91
CA ALA A 314 10.61 29.32 3.04
C ALA A 314 10.85 29.76 4.49
N ASP A 315 10.61 28.86 5.44
CA ASP A 315 10.87 29.18 6.85
C ASP A 315 12.36 29.38 7.06
N VAL A 316 13.14 29.00 6.05
CA VAL A 316 14.58 29.13 6.08
C VAL A 316 15.02 30.59 6.19
N PHE A 317 14.11 31.51 5.88
CA PHE A 317 14.43 32.93 5.85
C PHE A 317 14.07 33.65 7.14
N LYS A 318 13.41 32.96 8.06
CA LYS A 318 13.04 33.56 9.35
C LYS A 318 14.28 34.14 10.02
N ASN A 319 15.39 33.41 9.95
CA ASN A 319 16.62 33.77 10.66
C ASN A 319 17.28 35.09 10.26
N PHE A 320 17.09 35.52 9.02
CA PHE A 320 17.79 36.70 8.53
C PHE A 320 16.96 37.96 8.66
N GLU A 321 15.84 37.87 9.37
CA GLU A 321 14.90 38.98 9.43
C GLU A 321 14.68 39.53 10.83
N LYS A 322 14.74 40.85 10.95
CA LYS A 322 14.35 41.56 12.16
C LYS A 322 13.68 42.87 11.79
N GLU A 323 12.48 43.09 12.32
CA GLU A 323 11.77 44.35 12.12
C GLU A 323 11.38 44.59 10.67
N GLY A 324 11.01 43.51 9.97
CA GLY A 324 10.60 43.61 8.58
C GLY A 324 11.72 43.95 7.62
N GLU A 325 12.95 43.75 8.07
CA GLU A 325 14.12 43.92 7.21
C GLU A 325 14.89 42.60 7.12
N PHE A 326 15.71 42.46 6.08
CA PHE A 326 16.49 41.25 5.89
C PHE A 326 17.99 41.57 5.87
N PHE A 327 18.81 40.62 6.30
CA PHE A 327 20.25 40.87 6.44
C PHE A 327 21.09 39.72 5.90
N CYS A 328 22.33 40.03 5.51
CA CYS A 328 23.23 39.02 4.97
C CYS A 328 23.54 37.90 5.95
N PHE A 329 23.85 38.27 7.19
CA PHE A 329 24.20 37.30 8.21
C PHE A 329 23.31 37.38 9.45
N VAL A 330 22.96 36.23 9.99
CA VAL A 330 22.16 36.17 11.20
C VAL A 330 22.75 37.05 12.31
N GLY A 331 21.97 38.02 12.76
CA GLY A 331 22.36 38.83 13.90
C GLY A 331 23.47 39.83 13.64
N GLN A 332 23.81 40.03 12.37
CA GLN A 332 24.73 41.09 12.01
C GLN A 332 23.98 42.14 11.23
N SER A 333 24.53 43.35 11.15
CA SER A 333 23.83 44.46 10.51
C SER A 333 24.23 44.61 9.04
N ASN A 334 24.93 43.62 8.51
CA ASN A 334 25.48 43.69 7.16
C ASN A 334 24.43 43.52 6.05
N GLN A 335 24.39 44.48 5.13
CA GLN A 335 23.54 44.40 3.94
C GLN A 335 24.40 44.63 2.69
N ALA A 336 24.24 43.77 1.70
CA ALA A 336 25.00 43.92 0.46
C ALA A 336 24.06 43.89 -0.75
N VAL A 337 24.45 44.58 -1.81
CA VAL A 337 23.58 44.71 -2.97
C VAL A 337 23.25 43.38 -3.66
N THR A 338 24.24 42.51 -3.82
CA THR A 338 24.03 41.25 -4.53
C THR A 338 23.23 40.24 -3.71
N GLY A 339 23.29 40.35 -2.40
CA GLY A 339 22.54 39.46 -1.53
C GLY A 339 21.07 39.79 -1.59
N MET A 340 20.76 41.09 -1.55
CA MET A 340 19.37 41.55 -1.65
C MET A 340 18.81 41.27 -3.02
N PHE A 341 19.66 41.39 -4.04
CA PHE A 341 19.27 41.06 -5.41
C PHE A 341 18.82 39.61 -5.51
N ASN A 342 19.62 38.69 -4.97
CA ASN A 342 19.30 37.28 -5.00
C ASN A 342 18.15 36.90 -4.08
N LEU A 343 17.92 37.72 -3.06
CA LEU A 343 16.76 37.52 -2.22
C LEU A 343 15.51 37.92 -2.99
N TYR A 344 15.61 39.00 -3.76
CA TYR A 344 14.48 39.48 -4.55
C TYR A 344 14.07 38.46 -5.62
N ARG A 345 15.05 37.81 -6.24
CA ARG A 345 14.77 36.79 -7.25
C ARG A 345 14.16 35.55 -6.61
N ALA A 346 14.57 35.24 -5.39
CA ALA A 346 14.07 34.07 -4.68
C ALA A 346 12.63 34.28 -4.22
N SER A 347 12.35 35.46 -3.69
CA SER A 347 11.05 35.77 -3.11
C SER A 347 9.93 35.74 -4.14
N GLN A 348 10.27 35.72 -5.42
CA GLN A 348 9.25 35.66 -6.47
C GLN A 348 8.75 34.23 -6.69
N LEU A 349 9.47 33.25 -6.15
CA LEU A 349 9.02 31.86 -6.24
C LEU A 349 8.14 31.48 -5.06
N ALA A 350 7.50 32.48 -4.45
CA ALA A 350 6.68 32.27 -3.26
C ALA A 350 5.33 31.60 -3.55
N PHE A 351 5.07 30.50 -2.88
CA PHE A 351 3.74 29.92 -2.87
C PHE A 351 2.82 30.87 -2.11
N PRO A 352 1.50 30.76 -2.32
CA PRO A 352 0.53 31.70 -1.75
C PRO A 352 0.50 31.77 -0.21
N ARG A 353 1.07 30.77 0.46
CA ARG A 353 1.04 30.71 1.92
C ARG A 353 2.22 31.40 2.61
N GLU A 354 3.27 31.70 1.87
CA GLU A 354 4.53 32.14 2.46
C GLU A 354 4.63 33.64 2.70
N GLU A 355 4.14 34.08 3.86
CA GLU A 355 4.14 35.51 4.20
C GLU A 355 5.55 36.05 4.39
N ILE A 356 6.46 35.18 4.81
CA ILE A 356 7.86 35.56 4.99
C ILE A 356 8.44 36.07 3.67
N LEU A 357 7.99 35.50 2.56
CA LEU A 357 8.48 35.88 1.24
C LEU A 357 7.75 37.08 0.65
N LYS A 358 6.54 37.34 1.12
CA LYS A 358 5.87 38.57 0.72
C LYS A 358 6.66 39.74 1.28
N ASN A 359 7.05 39.63 2.55
CA ASN A 359 7.84 40.66 3.21
C ASN A 359 9.23 40.78 2.59
N ALA A 360 9.80 39.64 2.23
CA ALA A 360 11.14 39.62 1.63
C ALA A 360 11.13 40.33 0.28
N LYS A 361 10.11 40.04 -0.51
CA LYS A 361 9.95 40.72 -1.79
C LYS A 361 9.81 42.24 -1.61
N GLU A 362 8.88 42.65 -0.76
CA GLU A 362 8.59 44.07 -0.60
C GLU A 362 9.83 44.84 -0.14
N PHE A 363 10.62 44.21 0.71
CA PHE A 363 11.80 44.86 1.26
C PHE A 363 12.94 44.96 0.25
N SER A 364 13.27 43.83 -0.36
CA SER A 364 14.38 43.79 -1.31
C SER A 364 14.06 44.60 -2.55
N TYR A 365 12.77 44.82 -2.80
CA TYR A 365 12.37 45.64 -3.94
C TYR A 365 12.76 47.09 -3.68
N ASN A 366 12.29 47.63 -2.55
CA ASN A 366 12.58 49.01 -2.19
C ASN A 366 14.06 49.28 -1.99
N TYR A 367 14.73 48.38 -1.30
CA TYR A 367 16.17 48.50 -1.11
C TYR A 367 16.88 48.72 -2.45
N LEU A 368 16.61 47.84 -3.42
CA LEU A 368 17.23 47.93 -4.74
C LEU A 368 16.69 49.13 -5.52
N LEU A 369 15.45 49.51 -5.23
CA LEU A 369 14.82 50.64 -5.86
C LEU A 369 15.53 51.93 -5.45
N GLU A 370 15.67 52.12 -4.15
CA GLU A 370 16.33 53.31 -3.61
C GLU A 370 17.79 53.31 -4.01
N LYS A 371 18.42 52.14 -3.95
CA LYS A 371 19.83 52.01 -4.33
C LYS A 371 20.03 52.47 -5.77
N ARG A 372 19.02 52.24 -6.61
CA ARG A 372 19.10 52.67 -8.00
C ARG A 372 18.98 54.18 -8.12
N GLU A 373 18.09 54.77 -7.34
CA GLU A 373 17.85 56.22 -7.39
C GLU A 373 18.94 56.98 -6.62
N ARG A 374 20.07 56.32 -6.39
CA ARG A 374 21.22 56.95 -5.77
C ARG A 374 22.48 56.45 -6.46
N GLU A 375 22.28 55.78 -7.60
CA GLU A 375 23.39 55.24 -8.38
C GLU A 375 24.34 54.38 -7.56
N GLU A 376 23.84 53.86 -6.44
CA GLU A 376 24.63 53.07 -5.52
C GLU A 376 24.47 51.56 -5.76
N LEU A 377 24.20 51.19 -7.01
CA LEU A 377 23.99 49.78 -7.36
C LEU A 377 25.31 49.05 -7.63
N ILE A 378 26.30 49.30 -6.81
CA ILE A 378 27.57 48.59 -6.96
C ILE A 378 27.83 47.79 -5.71
N ASP A 379 28.40 46.59 -5.89
CA ASP A 379 28.79 45.80 -4.73
C ASP A 379 30.26 45.97 -4.41
N LYS A 380 30.55 46.41 -3.18
CA LYS A 380 31.91 46.65 -2.74
C LYS A 380 32.75 45.38 -2.77
N TRP A 381 32.09 44.24 -2.64
CA TRP A 381 32.77 42.96 -2.50
C TRP A 381 33.10 42.28 -3.81
N ILE A 382 32.53 42.77 -4.90
CA ILE A 382 32.74 42.12 -6.20
C ILE A 382 32.78 43.11 -7.36
N ILE A 383 33.75 42.94 -8.24
CA ILE A 383 33.88 43.76 -9.44
C ILE A 383 33.31 43.06 -10.68
N MET A 384 32.13 43.49 -11.12
CA MET A 384 31.43 42.87 -12.25
C MET A 384 31.36 43.80 -13.44
N LYS A 385 31.18 43.22 -14.62
CA LYS A 385 31.07 44.02 -15.85
C LYS A 385 29.86 44.96 -15.86
N ASP A 386 28.73 44.51 -15.33
CA ASP A 386 27.52 45.32 -15.37
C ASP A 386 26.46 44.89 -14.34
N LEU A 387 26.67 45.25 -13.08
CA LEU A 387 25.69 44.93 -12.06
C LEU A 387 24.43 45.77 -12.20
N PRO A 388 24.59 47.09 -12.39
CA PRO A 388 23.38 47.94 -12.49
C PRO A 388 22.44 47.46 -13.59
N GLY A 389 22.99 46.90 -14.66
CA GLY A 389 22.20 46.39 -15.77
C GLY A 389 21.40 45.14 -15.41
N GLU A 390 22.07 44.14 -14.84
CA GLU A 390 21.41 42.92 -14.40
C GLU A 390 20.21 43.24 -13.51
N ILE A 391 20.42 44.13 -12.55
CA ILE A 391 19.41 44.50 -11.57
C ILE A 391 18.31 45.38 -12.16
N GLY A 392 18.67 46.26 -13.10
CA GLY A 392 17.67 47.05 -13.79
C GLY A 392 16.66 46.15 -14.49
N PHE A 393 17.17 45.09 -15.10
CA PHE A 393 16.31 44.15 -15.80
C PHE A 393 15.35 43.44 -14.84
N ALA A 394 15.87 42.98 -13.71
CA ALA A 394 15.06 42.29 -12.72
C ALA A 394 14.03 43.24 -12.08
N LEU A 395 14.35 44.52 -12.05
CA LEU A 395 13.46 45.53 -11.47
C LEU A 395 12.26 45.84 -12.36
N GLU A 396 12.44 45.68 -13.68
CA GLU A 396 11.40 46.04 -14.63
C GLU A 396 10.72 44.81 -15.25
N ILE A 397 11.43 43.69 -15.30
CA ILE A 397 10.86 42.45 -15.81
C ILE A 397 10.76 41.41 -14.70
N PRO A 398 9.60 41.33 -14.05
CA PRO A 398 9.35 40.38 -12.96
C PRO A 398 9.49 38.94 -13.45
N TRP A 399 9.79 38.02 -12.54
CA TRP A 399 9.96 36.62 -12.93
C TRP A 399 8.71 36.06 -13.64
N TYR A 400 7.52 36.50 -13.22
CA TYR A 400 6.29 36.08 -13.89
C TYR A 400 6.26 36.50 -15.36
N ALA A 401 7.06 37.50 -15.73
CA ALA A 401 7.03 38.05 -17.08
C ALA A 401 8.35 37.88 -17.81
N SER A 402 9.24 37.07 -17.26
CA SER A 402 10.56 36.88 -17.86
C SER A 402 10.56 35.67 -18.78
N LEU A 403 10.77 35.89 -20.07
CA LEU A 403 10.86 34.77 -21.00
C LEU A 403 12.30 34.40 -21.30
N PRO A 404 12.61 33.09 -21.25
CA PRO A 404 13.93 32.52 -21.46
C PRO A 404 14.80 33.39 -22.36
N ARG A 405 14.35 33.58 -23.58
CA ARG A 405 15.14 34.25 -24.62
C ARG A 405 15.38 35.74 -24.34
N VAL A 406 14.45 36.38 -23.66
CA VAL A 406 14.62 37.79 -23.32
C VAL A 406 15.65 37.98 -22.22
N GLU A 407 15.48 37.31 -21.09
CA GLU A 407 16.50 37.36 -20.04
C GLU A 407 17.86 37.04 -20.62
N THR A 408 17.98 35.88 -21.25
CA THR A 408 19.26 35.44 -21.77
C THR A 408 19.89 36.46 -22.72
N ARG A 409 19.06 37.07 -23.56
CA ARG A 409 19.55 38.03 -24.53
C ARG A 409 20.25 39.18 -23.85
N PHE A 410 19.68 39.65 -22.75
CA PHE A 410 20.26 40.76 -22.00
C PHE A 410 21.43 40.31 -21.16
N TYR A 411 21.37 39.09 -20.64
CA TYR A 411 22.45 38.62 -19.78
C TYR A 411 23.76 38.33 -20.51
N ILE A 412 23.68 37.86 -21.76
CA ILE A 412 24.91 37.61 -22.52
C ILE A 412 25.74 38.88 -22.70
N ASP A 413 25.07 40.04 -22.67
CA ASP A 413 25.75 41.32 -22.81
C ASP A 413 26.28 41.85 -21.47
N GLN A 414 25.77 41.30 -20.38
CA GLN A 414 26.14 41.75 -19.04
C GLN A 414 27.23 40.87 -18.41
N TYR A 415 27.21 39.58 -18.73
CA TYR A 415 28.15 38.61 -18.15
C TYR A 415 29.60 38.98 -18.44
N GLY A 416 30.39 39.14 -17.38
CA GLY A 416 31.74 39.62 -17.51
C GLY A 416 32.77 38.55 -17.83
N GLY A 417 32.36 37.29 -17.81
CA GLY A 417 33.29 36.20 -18.07
C GLY A 417 34.48 36.24 -17.14
N GLU A 418 35.67 36.03 -17.68
CA GLU A 418 36.88 35.89 -16.87
C GLU A 418 37.33 37.21 -16.24
N ASN A 419 36.72 38.32 -16.65
CA ASN A 419 37.08 39.64 -16.15
C ASN A 419 36.39 40.04 -14.85
N ASP A 420 35.57 39.14 -14.31
CA ASP A 420 34.96 39.38 -13.01
C ASP A 420 35.91 39.01 -11.89
N VAL A 421 35.99 39.86 -10.89
CA VAL A 421 36.93 39.69 -9.78
C VAL A 421 36.24 39.82 -8.45
N TRP A 422 36.42 38.82 -7.59
CA TRP A 422 35.84 38.83 -6.26
C TRP A 422 36.83 39.39 -5.24
N ILE A 423 36.28 40.03 -4.21
CA ILE A 423 37.10 40.67 -3.18
C ILE A 423 36.82 40.06 -1.82
N GLY A 424 37.81 39.35 -1.29
CA GLY A 424 37.78 38.86 0.07
C GLY A 424 38.81 39.61 0.90
N LYS A 425 39.88 38.92 1.29
CA LYS A 425 41.02 39.58 1.92
C LYS A 425 42.00 39.98 0.85
N THR A 426 42.01 39.21 -0.22
CA THR A 426 42.79 39.50 -1.40
C THR A 426 41.83 39.56 -2.57
N LEU A 427 42.35 39.64 -3.79
CA LEU A 427 41.51 39.50 -4.97
C LEU A 427 41.54 38.03 -5.39
N TYR A 428 40.41 37.51 -5.85
CA TYR A 428 40.37 36.13 -6.32
C TYR A 428 39.35 35.94 -7.43
N ARG A 429 39.59 34.93 -8.27
CA ARG A 429 38.74 34.68 -9.42
C ARG A 429 38.22 33.26 -9.35
N MET A 430 37.06 33.03 -9.96
CA MET A 430 36.46 31.70 -9.97
C MET A 430 36.31 31.25 -11.41
N PRO A 431 37.38 30.69 -11.99
CA PRO A 431 37.44 30.26 -13.39
C PRO A 431 36.26 29.41 -13.85
N TYR A 432 35.63 28.66 -12.95
CA TYR A 432 34.50 27.81 -13.34
C TYR A 432 33.15 28.49 -13.26
N VAL A 433 33.12 29.68 -12.67
CA VAL A 433 31.90 30.49 -12.62
C VAL A 433 32.02 31.68 -13.57
N ASN A 434 33.24 32.22 -13.67
CA ASN A 434 33.51 33.36 -14.53
C ASN A 434 34.52 32.98 -15.59
N ASN A 435 33.99 32.61 -16.72
CA ASN A 435 34.72 31.87 -17.74
C ASN A 435 34.41 32.53 -19.06
N ASN A 436 35.42 32.68 -19.93
CA ASN A 436 35.17 33.21 -21.26
C ASN A 436 34.60 32.13 -22.19
N GLY A 437 34.97 30.90 -21.92
CA GLY A 437 34.45 29.76 -22.66
C GLY A 437 32.94 29.70 -22.65
N TYR A 438 32.32 29.91 -21.49
CA TYR A 438 30.86 29.88 -21.41
C TYR A 438 30.30 31.02 -22.25
N LEU A 439 30.98 32.16 -22.25
CA LEU A 439 30.47 33.30 -23.00
C LEU A 439 30.46 33.04 -24.49
N GLU A 440 31.54 32.50 -25.02
CA GLU A 440 31.60 32.20 -26.45
C GLU A 440 30.57 31.12 -26.83
N LEU A 441 30.50 30.06 -26.04
CA LEU A 441 29.50 29.02 -26.23
C LEU A 441 28.11 29.64 -26.30
N ALA A 442 27.80 30.52 -25.37
CA ALA A 442 26.47 31.14 -25.32
C ALA A 442 26.23 32.08 -26.50
N LYS A 443 27.28 32.80 -26.90
CA LYS A 443 27.17 33.72 -28.02
C LYS A 443 26.92 32.94 -29.33
N GLN A 444 27.62 31.82 -29.50
CA GLN A 444 27.42 30.96 -30.67
C GLN A 444 26.07 30.27 -30.67
N ASP A 445 25.66 29.71 -29.53
CA ASP A 445 24.36 29.04 -29.45
C ASP A 445 23.22 30.03 -29.68
N TYR A 446 23.28 31.17 -29.03
CA TYR A 446 22.21 32.15 -29.17
C TYR A 446 22.04 32.61 -30.61
N ASN A 447 23.15 32.81 -31.31
CA ASN A 447 23.07 33.24 -32.71
C ASN A 447 22.52 32.16 -33.65
N ASN A 448 22.80 30.89 -33.34
CA ASN A 448 22.28 29.79 -34.15
C ASN A 448 20.77 29.68 -34.09
N CYS A 449 20.22 29.63 -32.87
CA CYS A 449 18.78 29.58 -32.71
C CYS A 449 18.10 30.79 -33.32
N GLN A 450 18.79 31.93 -33.31
CA GLN A 450 18.22 33.16 -33.84
C GLN A 450 18.21 33.13 -35.37
N ALA A 451 19.22 32.50 -35.96
CA ALA A 451 19.25 32.32 -37.41
C ALA A 451 18.05 31.47 -37.82
N GLN A 452 17.81 30.41 -37.05
CA GLN A 452 16.70 29.49 -37.26
C GLN A 452 15.35 30.17 -37.11
N HIS A 453 15.24 31.12 -36.18
CA HIS A 453 13.98 31.85 -36.01
C HIS A 453 13.74 32.80 -37.17
N GLN A 454 14.80 33.31 -37.76
CA GLN A 454 14.62 34.22 -38.88
C GLN A 454 14.06 33.48 -40.09
N LEU A 455 14.45 32.22 -40.27
CA LEU A 455 13.89 31.38 -41.32
C LEU A 455 12.41 31.11 -41.09
N GLU A 456 12.08 30.68 -39.86
CA GLU A 456 10.71 30.36 -39.53
C GLU A 456 9.81 31.57 -39.66
N TRP A 457 10.39 32.76 -39.53
CA TRP A 457 9.59 33.98 -39.56
C TRP A 457 9.29 34.43 -40.98
N ASP A 458 10.17 34.07 -41.92
CA ASP A 458 9.88 34.34 -43.33
C ASP A 458 8.81 33.37 -43.80
N ILE A 459 9.03 32.10 -43.53
CA ILE A 459 8.06 31.04 -43.79
C ILE A 459 6.70 31.37 -43.18
N PHE A 460 6.73 31.97 -42.00
CA PHE A 460 5.52 32.27 -41.25
C PHE A 460 4.77 33.43 -41.86
N GLN A 461 5.51 34.33 -42.52
CA GLN A 461 4.88 35.46 -43.20
C GLN A 461 4.22 35.01 -44.50
N LYS A 462 4.92 34.17 -45.24
CA LYS A 462 4.37 33.59 -46.45
C LYS A 462 3.05 32.89 -46.16
N TRP A 463 3.02 32.07 -45.11
CA TRP A 463 1.81 31.37 -44.69
C TRP A 463 0.68 32.34 -44.39
N TYR A 464 0.99 33.44 -43.73
CA TYR A 464 0.00 34.48 -43.40
C TYR A 464 -0.57 35.17 -44.64
N GLU A 465 0.24 35.27 -45.70
CA GLU A 465 -0.20 35.90 -46.93
C GLU A 465 -0.99 34.93 -47.79
N GLU A 466 -0.51 33.69 -47.87
CA GLU A 466 -1.09 32.68 -48.75
C GLU A 466 -2.51 32.30 -48.34
N ASN A 467 -2.81 32.38 -47.06
CA ASN A 467 -4.17 32.14 -46.58
C ASN A 467 -4.97 33.42 -46.41
N ARG A 468 -4.41 34.52 -46.92
CA ARG A 468 -5.05 35.83 -46.85
C ARG A 468 -5.63 36.09 -45.45
N LEU A 469 -4.84 35.78 -44.43
CA LEU A 469 -5.31 35.91 -43.06
C LEU A 469 -5.55 37.36 -42.68
N SER A 470 -5.05 38.28 -43.49
CA SER A 470 -5.24 39.71 -43.22
C SER A 470 -6.73 40.07 -43.37
N GLU A 471 -7.41 39.36 -44.28
CA GLU A 471 -8.83 39.59 -44.52
C GLU A 471 -9.69 38.94 -43.44
N TRP A 472 -9.06 38.16 -42.57
CA TRP A 472 -9.78 37.50 -41.48
C TRP A 472 -9.58 38.21 -40.15
N GLY A 473 -9.01 39.41 -40.21
CA GLY A 473 -8.92 40.25 -39.03
C GLY A 473 -7.62 40.15 -38.25
N VAL A 474 -6.64 39.45 -38.80
CA VAL A 474 -5.34 39.32 -38.15
C VAL A 474 -4.37 40.38 -38.67
N ARG A 475 -3.95 41.27 -37.78
CA ARG A 475 -3.06 42.37 -38.15
C ARG A 475 -1.60 41.93 -38.19
N ARG A 476 -0.77 42.64 -38.95
CA ARG A 476 0.65 42.29 -39.03
C ARG A 476 1.34 42.44 -37.68
N SER A 477 0.80 43.33 -36.84
CA SER A 477 1.32 43.51 -35.50
CA SER A 477 1.32 43.51 -35.49
C SER A 477 1.12 42.22 -34.70
N GLU A 478 -0.09 41.68 -34.76
CA GLU A 478 -0.42 40.44 -34.07
C GLU A 478 0.42 39.29 -34.60
N LEU A 479 0.60 39.23 -35.91
CA LEU A 479 1.41 38.18 -36.49
C LEU A 479 2.78 38.10 -35.81
N LEU A 480 3.52 39.20 -35.82
CA LEU A 480 4.85 39.23 -35.22
C LEU A 480 4.83 38.95 -33.72
N GLU A 481 3.83 39.48 -33.02
CA GLU A 481 3.70 39.25 -31.58
C GLU A 481 3.40 37.78 -31.26
N CYS A 482 2.59 37.14 -32.09
CA CYS A 482 2.27 35.72 -31.91
C CYS A 482 3.51 34.86 -32.10
N TYR A 483 4.31 35.19 -33.12
CA TYR A 483 5.54 34.47 -33.36
C TYR A 483 6.61 34.75 -32.29
N TYR A 484 6.76 36.01 -31.91
CA TYR A 484 7.79 36.41 -30.96
C TYR A 484 7.64 35.70 -29.62
N LEU A 485 6.42 35.65 -29.11
CA LEU A 485 6.16 35.01 -27.83
C LEU A 485 6.44 33.51 -27.90
N ALA A 486 6.08 32.87 -29.01
CA ALA A 486 6.34 31.45 -29.18
C ALA A 486 7.85 31.18 -29.18
N ALA A 487 8.59 31.95 -29.97
CA ALA A 487 10.03 31.76 -30.09
C ALA A 487 10.82 32.24 -28.87
N ALA A 488 10.34 33.28 -28.20
CA ALA A 488 11.02 33.74 -27.00
C ALA A 488 10.87 32.74 -25.86
N THR A 489 10.01 31.76 -26.03
CA THR A 489 9.78 30.78 -24.96
C THR A 489 10.28 29.39 -25.32
N ILE A 490 9.90 28.90 -26.49
CA ILE A 490 10.38 27.62 -26.99
C ILE A 490 11.29 27.88 -28.17
N PHE A 491 12.58 28.01 -27.90
CA PHE A 491 13.52 28.58 -28.86
C PHE A 491 14.46 27.55 -29.48
N GLU A 492 14.53 26.37 -28.87
CA GLU A 492 15.45 25.35 -29.32
C GLU A 492 15.16 24.97 -30.77
N SER A 493 16.21 24.84 -31.58
CA SER A 493 16.02 24.49 -32.98
C SER A 493 15.34 23.14 -33.14
N GLU A 494 15.64 22.22 -32.22
CA GLU A 494 15.08 20.87 -32.27
C GLU A 494 13.62 20.84 -31.81
N ARG A 495 12.98 22.01 -31.74
CA ARG A 495 11.61 22.10 -31.23
C ARG A 495 10.73 22.98 -32.09
N SER A 496 11.06 23.09 -33.38
CA SER A 496 10.23 23.85 -34.32
C SER A 496 8.74 23.48 -34.28
N HIS A 497 8.42 22.21 -34.13
CA HIS A 497 7.02 21.77 -34.11
C HIS A 497 6.17 22.47 -33.05
N GLU A 498 6.63 22.42 -31.80
CA GLU A 498 5.85 22.96 -30.71
C GLU A 498 5.78 24.48 -30.83
N ARG A 499 6.86 25.07 -31.32
CA ARG A 499 6.94 26.51 -31.49
C ARG A 499 5.97 27.01 -32.56
N MET A 500 6.02 26.38 -33.73
CA MET A 500 5.15 26.75 -34.83
C MET A 500 3.66 26.52 -34.56
N VAL A 501 3.30 25.35 -34.02
CA VAL A 501 1.90 25.09 -33.71
C VAL A 501 1.34 26.15 -32.77
N TRP A 502 2.16 26.60 -31.84
CA TRP A 502 1.77 27.64 -30.89
C TRP A 502 1.53 28.95 -31.62
N ALA A 503 2.52 29.37 -32.39
CA ALA A 503 2.43 30.62 -33.15
C ALA A 503 1.25 30.62 -34.14
N LYS A 504 1.00 29.50 -34.80
CA LYS A 504 -0.13 29.41 -35.74
C LYS A 504 -1.48 29.33 -35.03
N SER A 505 -1.58 28.47 -34.02
CA SER A 505 -2.82 28.32 -33.27
C SER A 505 -3.30 29.65 -32.69
N SER A 506 -2.37 30.47 -32.20
CA SER A 506 -2.77 31.75 -31.63
C SER A 506 -3.27 32.71 -32.71
N VAL A 507 -2.56 32.76 -33.84
CA VAL A 507 -3.01 33.58 -34.96
C VAL A 507 -4.42 33.18 -35.41
N LEU A 508 -4.72 31.88 -35.36
CA LEU A 508 -6.01 31.37 -35.83
C LEU A 508 -7.16 31.63 -34.86
N VAL A 509 -6.87 31.64 -33.56
CA VAL A 509 -7.90 31.96 -32.58
C VAL A 509 -8.26 33.43 -32.70
N LYS A 510 -7.30 34.21 -33.16
CA LYS A 510 -7.53 35.63 -33.42
C LYS A 510 -8.39 35.84 -34.67
N ALA A 511 -8.11 35.08 -35.72
CA ALA A 511 -8.92 35.16 -36.94
C ALA A 511 -10.37 34.77 -36.64
N ILE A 512 -10.55 33.63 -35.99
CA ILE A 512 -11.89 33.13 -35.67
C ILE A 512 -12.64 34.08 -34.76
N SER A 513 -11.95 34.64 -33.78
CA SER A 513 -12.59 35.52 -32.79
C SER A 513 -13.02 36.90 -33.36
N SER A 514 -12.20 37.48 -34.23
CA SER A 514 -12.52 38.79 -34.77
C SER A 514 -13.49 38.69 -35.95
N SER A 515 -13.54 37.52 -36.57
CA SER A 515 -14.43 37.29 -37.70
C SER A 515 -15.83 36.80 -37.29
N PHE A 516 -15.90 35.97 -36.26
CA PHE A 516 -17.16 35.30 -35.93
C PHE A 516 -17.52 35.33 -34.45
N GLY A 517 -16.88 36.21 -33.70
CA GLY A 517 -17.09 36.21 -32.27
C GLY A 517 -18.07 37.25 -31.74
N GLU A 518 -18.78 37.94 -32.63
CA GLU A 518 -19.65 39.03 -32.21
C GLU A 518 -20.93 38.57 -31.51
N SER A 519 -21.84 37.94 -32.26
CA SER A 519 -23.14 37.56 -31.70
C SER A 519 -23.14 36.15 -31.09
N SER A 520 -24.16 35.90 -30.27
CA SER A 520 -24.27 34.66 -29.50
C SER A 520 -24.61 33.45 -30.38
N ASP A 521 -24.74 33.66 -31.68
CA ASP A 521 -25.01 32.57 -32.60
C ASP A 521 -24.08 32.56 -33.80
N SER A 522 -23.49 33.71 -34.11
CA SER A 522 -22.50 33.78 -35.18
C SER A 522 -21.33 32.90 -34.77
N ARG A 523 -21.10 32.81 -33.47
CA ARG A 523 -20.16 31.83 -32.94
C ARG A 523 -20.67 30.45 -33.30
N ARG A 524 -21.91 30.15 -32.90
CA ARG A 524 -22.53 28.87 -33.24
C ARG A 524 -22.30 28.54 -34.70
N SER A 525 -22.57 29.51 -35.56
CA SER A 525 -22.44 29.33 -37.00
C SER A 525 -21.08 28.78 -37.41
N PHE A 526 -20.02 29.36 -36.84
CA PHE A 526 -18.67 28.93 -37.17
C PHE A 526 -18.38 27.54 -36.62
N SER A 527 -18.82 27.31 -35.39
CA SER A 527 -18.63 26.02 -34.74
C SER A 527 -19.33 24.90 -35.52
N ASP A 528 -20.56 25.17 -35.96
CA ASP A 528 -21.29 24.21 -36.77
C ASP A 528 -20.51 23.90 -38.04
N GLN A 529 -20.11 24.96 -38.74
CA GLN A 529 -19.32 24.81 -39.97
C GLN A 529 -18.06 23.99 -39.77
N PHE A 530 -17.41 24.18 -38.63
CA PHE A 530 -16.18 23.45 -38.32
C PHE A 530 -16.49 21.97 -38.18
N HIS A 531 -17.57 21.65 -37.47
CA HIS A 531 -17.96 20.26 -37.23
C HIS A 531 -18.54 19.57 -38.45
N GLU A 532 -19.12 20.35 -39.37
CA GLU A 532 -19.55 19.79 -40.65
C GLU A 532 -18.33 19.48 -41.50
N TYR A 533 -17.50 20.50 -41.72
CA TYR A 533 -16.22 20.33 -42.38
C TYR A 533 -15.50 19.09 -41.83
N ILE A 534 -15.68 18.84 -40.54
CA ILE A 534 -15.13 17.67 -39.87
C ILE A 534 -15.68 16.37 -40.47
N ALA A 535 -17.00 16.20 -40.36
CA ALA A 535 -17.64 14.92 -40.66
C ALA A 535 -17.72 14.59 -42.15
N ASN A 536 -16.58 14.20 -42.71
CA ASN A 536 -16.50 13.72 -44.09
C ASN A 536 -15.64 12.46 -44.14
N ALA A 537 -15.17 12.02 -42.98
CA ALA A 537 -14.33 10.83 -42.87
C ALA A 537 -14.96 9.63 -43.58
N GLY A 555 -22.43 34.18 -44.99
CA GLY A 555 -22.85 33.73 -43.68
C GLY A 555 -22.19 32.43 -43.26
N SER A 556 -22.76 31.31 -43.69
CA SER A 556 -22.13 30.01 -43.50
C SER A 556 -21.05 29.84 -44.56
N VAL A 557 -21.27 30.48 -45.70
CA VAL A 557 -20.28 30.48 -46.77
C VAL A 557 -18.96 30.97 -46.19
N GLN A 558 -18.99 32.15 -45.58
CA GLN A 558 -17.80 32.74 -44.97
C GLN A 558 -17.18 31.83 -43.92
N ALA A 559 -17.98 31.40 -42.95
CA ALA A 559 -17.49 30.49 -41.90
C ALA A 559 -16.78 29.27 -42.48
N SER A 560 -17.36 28.69 -43.52
CA SER A 560 -16.79 27.49 -44.12
C SER A 560 -15.39 27.72 -44.72
N ARG A 561 -15.13 28.92 -45.22
CA ARG A 561 -13.84 29.24 -45.81
C ARG A 561 -12.75 29.35 -44.75
N LEU A 562 -13.04 30.04 -43.65
CA LEU A 562 -12.10 30.13 -42.53
C LEU A 562 -11.81 28.74 -41.95
N ALA A 563 -12.86 27.95 -41.76
CA ALA A 563 -12.73 26.61 -41.21
C ALA A 563 -11.77 25.78 -42.05
N GLY A 564 -11.84 25.98 -43.37
CA GLY A 564 -10.96 25.30 -44.29
C GLY A 564 -9.51 25.67 -44.08
N VAL A 565 -9.27 26.91 -43.67
CA VAL A 565 -7.92 27.38 -43.40
C VAL A 565 -7.41 26.73 -42.13
N LEU A 566 -8.29 26.69 -41.13
CA LEU A 566 -7.97 26.02 -39.87
C LEU A 566 -7.63 24.55 -40.11
N ILE A 567 -8.55 23.85 -40.79
CA ILE A 567 -8.37 22.43 -41.06
C ILE A 567 -7.13 22.15 -41.90
N GLY A 568 -6.89 22.98 -42.90
CA GLY A 568 -5.71 22.83 -43.73
C GLY A 568 -4.45 22.89 -42.88
N THR A 569 -4.42 23.85 -41.97
CA THR A 569 -3.26 24.07 -41.12
C THR A 569 -3.08 22.92 -40.15
N LEU A 570 -4.20 22.48 -39.56
CA LEU A 570 -4.19 21.31 -38.70
C LEU A 570 -3.60 20.09 -39.39
N ASN A 571 -4.07 19.81 -40.60
CA ASN A 571 -3.59 18.66 -41.36
C ASN A 571 -2.12 18.74 -41.71
N GLN A 572 -1.66 19.93 -42.10
CA GLN A 572 -0.25 20.12 -42.46
C GLN A 572 0.67 19.74 -41.32
N MET A 573 0.26 20.11 -40.11
CA MET A 573 1.11 19.95 -38.94
C MET A 573 1.14 18.52 -38.40
N SER A 574 -0.03 17.88 -38.30
CA SER A 574 -0.08 16.52 -37.80
C SER A 574 0.61 15.54 -38.74
N PHE A 575 0.59 15.85 -40.03
CA PHE A 575 1.27 15.02 -41.01
C PHE A 575 2.77 15.27 -40.98
N ASP A 576 3.17 16.53 -40.84
CA ASP A 576 4.58 16.86 -40.68
C ASP A 576 5.13 16.07 -39.50
N LEU A 577 4.40 16.09 -38.40
CA LEU A 577 4.79 15.37 -37.20
C LEU A 577 4.96 13.89 -37.52
N PHE A 578 3.91 13.30 -38.08
CA PHE A 578 3.93 11.89 -38.44
C PHE A 578 5.10 11.57 -39.35
N MET A 579 5.49 12.53 -40.18
CA MET A 579 6.63 12.35 -41.07
C MET A 579 7.92 12.16 -40.30
N SER A 580 8.02 12.86 -39.17
CA SER A 580 9.25 12.88 -38.38
C SER A 580 9.31 11.77 -37.32
N HIS A 581 8.19 11.52 -36.66
CA HIS A 581 8.19 10.66 -35.48
C HIS A 581 7.26 9.45 -35.57
N GLY A 582 6.40 9.44 -36.58
CA GLY A 582 5.49 8.32 -36.78
C GLY A 582 4.31 8.31 -35.83
N ARG A 583 4.07 9.44 -35.18
CA ARG A 583 2.89 9.60 -34.35
C ARG A 583 1.74 10.19 -35.19
N ASP A 584 0.53 9.68 -34.98
CA ASP A 584 -0.65 10.26 -35.61
C ASP A 584 -1.49 10.97 -34.56
N VAL A 585 -1.52 12.29 -34.62
CA VAL A 585 -2.20 13.08 -33.61
C VAL A 585 -3.35 13.86 -34.21
N ASN A 586 -3.67 13.57 -35.46
CA ASN A 586 -4.66 14.32 -36.19
C ASN A 586 -6.01 14.48 -35.46
N ASN A 587 -6.59 13.35 -35.03
CA ASN A 587 -7.89 13.40 -34.36
C ASN A 587 -7.88 14.20 -33.07
N LEU A 588 -6.82 14.00 -32.27
CA LEU A 588 -6.66 14.73 -31.03
C LEU A 588 -6.54 16.25 -31.25
N LEU A 589 -5.94 16.64 -32.38
CA LEU A 589 -5.90 18.05 -32.77
C LEU A 589 -7.31 18.61 -32.95
N TYR A 590 -8.11 17.93 -33.76
CA TYR A 590 -9.48 18.33 -34.01
C TYR A 590 -10.28 18.39 -32.72
N LEU A 591 -10.24 17.31 -31.95
CA LEU A 591 -10.98 17.24 -30.69
C LEU A 591 -10.71 18.46 -29.81
N SER A 592 -9.43 18.81 -29.68
CA SER A 592 -9.02 19.90 -28.81
C SER A 592 -9.55 21.26 -29.28
N TRP A 593 -9.56 21.46 -30.59
CA TRP A 593 -10.12 22.70 -31.15
C TRP A 593 -11.63 22.78 -31.00
N GLY A 594 -12.27 21.61 -30.97
CA GLY A 594 -13.71 21.55 -30.79
C GLY A 594 -14.09 21.84 -29.36
N ASP A 595 -13.25 21.42 -28.43
CA ASP A 595 -13.49 21.69 -27.02
C ASP A 595 -13.42 23.18 -26.74
N TRP A 596 -12.40 23.82 -27.30
CA TRP A 596 -12.26 25.26 -27.15
C TRP A 596 -13.52 25.99 -27.64
N MET A 597 -14.09 25.53 -28.76
CA MET A 597 -15.28 26.19 -29.29
C MET A 597 -16.52 26.00 -28.42
N GLU A 598 -16.83 24.77 -28.03
CA GLU A 598 -17.94 24.52 -27.12
C GLU A 598 -17.93 25.57 -26.02
N LYS A 599 -16.73 25.88 -25.53
CA LYS A 599 -16.54 26.83 -24.46
C LYS A 599 -16.73 28.26 -24.99
N TRP A 600 -16.03 28.56 -26.09
CA TRP A 600 -16.05 29.88 -26.70
C TRP A 600 -17.44 30.24 -27.24
N LYS A 601 -18.20 29.22 -27.63
CA LYS A 601 -19.51 29.38 -28.25
C LYS A 601 -20.51 30.07 -27.31
N LEU A 602 -20.31 29.89 -26.01
CA LEU A 602 -21.28 30.36 -25.01
C LEU A 602 -21.07 31.83 -24.63
N TYR A 603 -19.82 32.26 -24.57
CA TYR A 603 -19.50 33.61 -24.14
C TYR A 603 -18.56 34.28 -25.14
N GLY A 604 -17.61 35.06 -24.63
CA GLY A 604 -16.61 35.68 -25.46
C GLY A 604 -15.46 34.72 -25.70
N ASP A 605 -14.29 35.25 -26.02
CA ASP A 605 -13.09 34.44 -26.20
C ASP A 605 -12.63 33.93 -24.84
N GLU A 606 -12.92 32.66 -24.55
CA GLU A 606 -12.64 32.10 -23.24
C GLU A 606 -11.33 31.33 -23.21
N GLY A 607 -11.44 30.02 -22.95
CA GLY A 607 -10.29 29.17 -22.68
C GLY A 607 -9.21 29.08 -23.76
N GLU A 608 -8.66 30.23 -24.15
CA GLU A 608 -7.59 30.29 -25.16
C GLU A 608 -6.29 29.71 -24.63
N GLY A 609 -6.07 29.83 -23.32
CA GLY A 609 -4.86 29.35 -22.69
C GLY A 609 -4.70 27.84 -22.70
N GLU A 610 -5.78 27.13 -22.36
CA GLU A 610 -5.73 25.67 -22.28
C GLU A 610 -5.38 25.07 -23.62
N LEU A 611 -5.89 25.70 -24.69
CA LEU A 611 -5.71 25.18 -26.03
C LEU A 611 -4.27 25.23 -26.53
N MET A 612 -3.53 26.27 -26.15
CA MET A 612 -2.15 26.39 -26.58
C MET A 612 -1.29 25.31 -25.92
N VAL A 613 -1.60 25.01 -24.66
CA VAL A 613 -0.90 23.95 -23.93
C VAL A 613 -1.08 22.58 -24.60
N LYS A 614 -2.31 22.27 -25.00
CA LYS A 614 -2.59 21.00 -25.63
C LYS A 614 -1.87 20.86 -26.98
N MET A 615 -1.90 21.91 -27.79
CA MET A 615 -1.17 21.93 -29.05
C MET A 615 0.30 21.60 -28.85
N ILE A 616 0.97 22.41 -28.03
CA ILE A 616 2.38 22.21 -27.71
C ILE A 616 2.68 20.79 -27.25
N ILE A 617 1.91 20.31 -26.27
CA ILE A 617 2.07 18.95 -25.77
C ILE A 617 1.92 17.91 -26.88
N LEU A 618 0.91 18.06 -27.72
CA LEU A 618 0.67 17.11 -28.81
C LEU A 618 1.80 17.07 -29.83
N MET A 619 2.59 18.13 -29.89
CA MET A 619 3.68 18.20 -30.86
C MET A 619 5.03 17.83 -30.25
N LYS A 620 5.04 17.40 -29.00
CA LYS A 620 6.28 17.00 -28.35
C LYS A 620 6.80 15.70 -28.95
N ASN A 621 8.12 15.57 -29.08
CA ASN A 621 8.72 14.42 -29.74
C ASN A 621 8.31 13.08 -29.13
N ASN A 622 7.86 13.12 -27.88
CA ASN A 622 7.35 11.93 -27.20
C ASN A 622 5.87 12.09 -26.84
N ASP A 623 5.24 10.99 -26.46
CA ASP A 623 3.81 11.00 -26.16
C ASP A 623 3.52 11.34 -24.71
N LEU A 624 2.55 12.21 -24.48
CA LEU A 624 2.16 12.65 -23.14
C LEU A 624 0.66 12.86 -23.01
N THR A 625 -0.11 12.46 -24.01
CA THR A 625 -1.56 12.69 -24.02
C THR A 625 -2.24 12.03 -22.82
N ASN A 626 -1.60 11.02 -22.26
CA ASN A 626 -2.13 10.29 -21.10
C ASN A 626 -2.61 11.24 -20.01
N PHE A 627 -1.92 12.37 -19.87
CA PHE A 627 -2.11 13.25 -18.73
C PHE A 627 -3.28 14.22 -18.87
N PHE A 628 -3.87 14.30 -20.06
CA PHE A 628 -4.99 15.23 -20.26
C PHE A 628 -6.17 14.88 -19.35
N THR A 629 -6.16 13.65 -18.86
CA THR A 629 -7.24 13.13 -18.03
C THR A 629 -6.99 13.42 -16.55
N HIS A 630 -5.72 13.43 -16.16
CA HIS A 630 -5.32 13.60 -14.77
C HIS A 630 -5.87 14.84 -14.09
N THR A 631 -6.24 14.68 -12.83
CA THR A 631 -6.76 15.78 -12.02
C THR A 631 -5.82 16.97 -12.03
N HIS A 632 -4.52 16.69 -12.01
CA HIS A 632 -3.52 17.76 -11.99
C HIS A 632 -3.54 18.59 -13.27
N PHE A 633 -3.74 17.93 -14.41
CA PHE A 633 -3.87 18.65 -15.67
C PHE A 633 -5.15 19.46 -15.68
N VAL A 634 -6.21 18.89 -15.14
CA VAL A 634 -7.49 19.57 -15.10
C VAL A 634 -7.42 20.80 -14.22
N ARG A 635 -6.80 20.64 -13.05
CA ARG A 635 -6.68 21.72 -12.09
C ARG A 635 -5.88 22.86 -12.68
N LEU A 636 -4.76 22.53 -13.31
CA LEU A 636 -3.96 23.49 -14.03
C LEU A 636 -4.81 24.19 -15.10
N ALA A 637 -5.38 23.41 -16.00
CA ALA A 637 -6.22 23.97 -17.06
C ALA A 637 -7.26 24.93 -16.49
N GLU A 638 -7.81 24.59 -15.33
CA GLU A 638 -8.83 25.43 -14.72
C GLU A 638 -8.29 26.82 -14.40
N ILE A 639 -6.99 26.89 -14.07
CA ILE A 639 -6.41 28.17 -13.69
C ILE A 639 -5.91 28.97 -14.89
N ILE A 640 -5.24 28.29 -15.81
CA ILE A 640 -4.66 28.96 -16.97
C ILE A 640 -5.73 29.76 -17.71
N ASN A 641 -6.97 29.27 -17.63
CA ASN A 641 -8.07 29.91 -18.33
C ASN A 641 -8.58 31.16 -17.61
N ARG A 642 -8.23 31.28 -16.34
CA ARG A 642 -8.64 32.44 -15.57
C ARG A 642 -7.58 33.53 -15.64
N ILE A 643 -6.39 33.15 -16.11
CA ILE A 643 -5.32 34.11 -16.38
C ILE A 643 -5.54 34.75 -17.73
N CYS A 644 -5.83 33.91 -18.73
CA CYS A 644 -5.90 34.34 -20.12
C CYS A 644 -7.32 34.75 -20.54
N LEU A 645 -7.47 36.03 -20.89
CA LEU A 645 -8.76 36.58 -21.27
C LEU A 645 -8.58 37.90 -22.02
N PRO A 646 -9.53 38.26 -22.89
CA PRO A 646 -9.43 39.46 -23.75
C PRO A 646 -9.09 40.73 -22.98
N GLU A 659 -4.64 46.40 -14.86
CA GLU A 659 -4.19 47.18 -13.71
C GLU A 659 -4.79 46.61 -12.43
N LYS A 660 -6.08 46.31 -12.49
CA LYS A 660 -6.75 45.58 -11.42
C LYS A 660 -6.77 44.12 -11.85
N THR A 661 -6.66 43.92 -13.17
CA THR A 661 -6.64 42.58 -13.75
C THR A 661 -5.23 42.01 -13.70
N ILE A 662 -4.23 42.87 -13.88
CA ILE A 662 -2.84 42.46 -13.76
C ILE A 662 -2.60 41.90 -12.37
N LYS A 663 -3.25 42.50 -11.37
CA LYS A 663 -3.18 42.00 -10.01
C LYS A 663 -3.84 40.63 -9.88
N SER A 664 -5.06 40.52 -10.39
CA SER A 664 -5.77 39.24 -10.35
C SER A 664 -4.94 38.15 -11.04
N MET A 665 -4.12 38.55 -11.99
CA MET A 665 -3.27 37.61 -12.72
C MET A 665 -2.19 36.99 -11.85
N GLU A 666 -1.50 37.84 -11.08
CA GLU A 666 -0.49 37.36 -10.16
C GLU A 666 -1.11 36.43 -9.14
N LYS A 667 -2.26 36.84 -8.59
CA LYS A 667 -3.01 36.01 -7.66
C LYS A 667 -3.12 34.61 -8.23
N GLU A 668 -3.78 34.51 -9.38
CA GLU A 668 -3.99 33.23 -10.05
C GLU A 668 -2.67 32.51 -10.28
N MET A 669 -1.76 33.19 -10.98
CA MET A 669 -0.46 32.64 -11.29
C MET A 669 0.25 32.10 -10.05
N GLY A 670 -0.05 32.69 -8.90
CA GLY A 670 0.48 32.21 -7.64
C GLY A 670 0.05 30.78 -7.40
N LYS A 671 -1.23 30.51 -7.65
CA LYS A 671 -1.78 29.16 -7.48
C LYS A 671 -1.15 28.20 -8.46
N MET A 672 -0.74 28.73 -9.60
CA MET A 672 -0.16 27.93 -10.69
C MET A 672 1.26 27.48 -10.39
N VAL A 673 2.05 28.38 -9.82
CA VAL A 673 3.47 28.11 -9.55
C VAL A 673 3.66 26.95 -8.57
N GLU A 674 2.90 26.94 -7.49
CA GLU A 674 2.97 25.83 -6.53
C GLU A 674 2.70 24.52 -7.25
N LEU A 675 1.56 24.47 -7.94
CA LEU A 675 1.13 23.26 -8.62
C LEU A 675 2.12 22.80 -9.69
N ALA A 676 2.67 23.76 -10.42
CA ALA A 676 3.49 23.47 -11.59
C ALA A 676 4.84 22.89 -11.25
N LEU A 677 5.46 23.38 -10.18
CA LEU A 677 6.81 22.98 -9.82
C LEU A 677 6.86 21.73 -8.94
N SER A 678 5.91 21.63 -8.02
CA SER A 678 5.83 20.46 -7.14
C SER A 678 5.31 19.24 -7.88
N GLU A 679 6.10 18.73 -8.82
CA GLU A 679 5.66 17.63 -9.69
C GLU A 679 6.70 16.53 -9.90
N SER A 680 6.27 15.29 -9.75
CA SER A 680 7.09 14.13 -10.09
C SER A 680 7.52 14.27 -11.54
N ASP A 681 8.74 13.84 -11.84
CA ASP A 681 9.38 14.22 -13.10
C ASP A 681 8.85 13.55 -14.38
N THR A 682 7.76 12.80 -14.26
CA THR A 682 7.08 12.30 -15.44
C THR A 682 6.17 13.41 -15.96
N PHE A 683 5.39 13.98 -15.04
CA PHE A 683 4.40 15.00 -15.34
C PHE A 683 5.03 16.38 -15.57
N ARG A 684 6.30 16.51 -15.21
CA ARG A 684 6.97 17.81 -15.22
C ARG A 684 6.90 18.55 -16.56
N ASP A 685 7.14 17.83 -17.66
CA ASP A 685 7.13 18.45 -18.98
C ASP A 685 5.76 19.03 -19.35
N VAL A 686 4.73 18.61 -18.64
CA VAL A 686 3.39 19.14 -18.84
C VAL A 686 3.21 20.40 -17.99
N SER A 687 3.50 20.28 -16.71
CA SER A 687 3.37 21.40 -15.78
C SER A 687 4.17 22.63 -16.23
N ILE A 688 5.42 22.43 -16.61
CA ILE A 688 6.23 23.55 -17.10
C ILE A 688 5.53 24.23 -18.27
N THR A 689 5.15 23.44 -19.27
CA THR A 689 4.48 23.97 -20.46
C THR A 689 3.34 24.90 -20.08
N PHE A 690 2.63 24.55 -19.02
CA PHE A 690 1.58 25.41 -18.51
C PHE A 690 2.15 26.77 -18.07
N LEU A 691 3.25 26.72 -17.34
CA LEU A 691 3.93 27.93 -16.89
C LEU A 691 4.40 28.79 -18.06
N ASP A 692 5.07 28.16 -19.02
CA ASP A 692 5.55 28.86 -20.20
C ASP A 692 4.47 29.75 -20.80
N VAL A 693 3.32 29.15 -21.09
CA VAL A 693 2.18 29.88 -21.66
C VAL A 693 1.70 31.01 -20.76
N ALA A 694 1.50 30.71 -19.48
CA ALA A 694 1.06 31.74 -18.55
C ALA A 694 2.02 32.93 -18.49
N LYS A 695 3.32 32.66 -18.40
CA LYS A 695 4.32 33.73 -18.42
C LYS A 695 4.15 34.58 -19.66
N ALA A 696 4.00 33.92 -20.81
CA ALA A 696 3.88 34.61 -22.09
C ALA A 696 2.72 35.61 -22.05
N PHE A 697 1.61 35.20 -21.44
CA PHE A 697 0.45 36.07 -21.32
CA PHE A 697 0.45 36.08 -21.34
C PHE A 697 0.70 37.23 -20.37
N TYR A 698 1.26 36.92 -19.21
CA TYR A 698 1.57 37.95 -18.23
C TYR A 698 2.51 38.96 -18.85
N TYR A 699 3.60 38.46 -19.45
CA TYR A 699 4.58 39.31 -20.10
C TYR A 699 3.90 40.22 -21.10
N PHE A 700 3.00 39.67 -21.89
CA PHE A 700 2.32 40.49 -22.87
C PHE A 700 1.39 41.51 -22.23
N ALA A 701 0.75 41.12 -21.13
CA ALA A 701 -0.13 42.02 -20.42
C ALA A 701 0.65 43.19 -19.85
N LEU A 702 1.95 42.98 -19.64
CA LEU A 702 2.77 43.95 -18.93
C LEU A 702 3.61 44.80 -19.88
N CYS A 703 3.92 44.28 -21.06
CA CYS A 703 4.85 44.94 -21.95
C CYS A 703 4.33 45.07 -23.38
N GLY A 704 3.18 44.46 -23.63
CA GLY A 704 2.62 44.43 -24.97
C GLY A 704 2.59 45.75 -25.70
N ASP A 705 2.45 46.86 -24.97
CA ASP A 705 2.31 48.18 -25.58
C ASP A 705 3.59 48.67 -26.27
N HIS A 706 4.74 48.44 -25.67
CA HIS A 706 6.01 48.81 -26.30
CA HIS A 706 6.01 48.83 -26.29
C HIS A 706 6.98 47.65 -26.30
N LEU A 707 6.88 46.77 -27.30
CA LEU A 707 7.74 45.59 -27.39
C LEU A 707 8.83 45.68 -28.47
N GLN A 708 8.87 46.77 -29.22
CA GLN A 708 9.78 46.83 -30.38
C GLN A 708 11.27 46.69 -30.03
N THR A 709 11.67 47.14 -28.85
CA THR A 709 13.06 46.99 -28.42
C THR A 709 13.42 45.54 -28.10
N HIS A 710 12.60 44.87 -27.28
CA HIS A 710 12.82 43.46 -26.95
C HIS A 710 12.85 42.59 -28.19
N ILE A 711 11.79 42.67 -28.98
CA ILE A 711 11.69 41.91 -30.23
C ILE A 711 12.92 42.08 -31.09
N SER A 712 13.35 43.34 -31.25
CA SER A 712 14.51 43.67 -32.05
C SER A 712 15.77 42.95 -31.56
N LYS A 713 16.11 43.14 -30.29
CA LYS A 713 17.30 42.53 -29.72
C LYS A 713 17.25 40.99 -29.76
N VAL A 714 16.09 40.43 -29.48
CA VAL A 714 15.95 38.99 -29.39
C VAL A 714 16.00 38.30 -30.76
N LEU A 715 15.22 38.80 -31.71
CA LEU A 715 15.08 38.14 -33.01
C LEU A 715 15.96 38.68 -34.15
N PHE A 716 16.32 39.98 -34.10
CA PHE A 716 16.95 40.62 -35.26
C PHE A 716 18.32 41.25 -35.05
N GLN A 717 18.97 40.99 -33.92
CA GLN A 717 20.33 41.49 -33.70
C GLN A 717 21.24 40.42 -33.11
N LYS A 718 22.12 39.85 -33.93
CA LYS A 718 23.07 38.86 -33.46
C LYS A 718 23.77 39.33 -32.18
N VAL A 719 24.17 38.39 -31.34
CA VAL A 719 24.94 38.72 -30.15
C VAL A 719 26.37 39.04 -30.58
N GLY A 720 26.91 40.14 -30.05
CA GLY A 720 28.22 40.60 -30.45
C GLY A 720 28.15 41.67 -31.51
N ASN B 7 -14.50 -35.01 -18.33
CA ASN B 7 -14.10 -33.97 -17.38
C ASN B 7 -13.89 -34.50 -15.97
N SER B 8 -12.98 -33.87 -15.24
CA SER B 8 -12.57 -34.32 -13.92
C SER B 8 -13.61 -34.02 -12.85
N ASN B 9 -13.41 -34.61 -11.67
CA ASN B 9 -14.29 -34.39 -10.53
C ASN B 9 -14.34 -32.93 -10.10
N ALA B 10 -13.16 -32.33 -9.91
CA ALA B 10 -13.07 -30.94 -9.46
C ALA B 10 -13.87 -30.02 -10.37
N PHE B 11 -13.80 -30.31 -11.66
CA PHE B 11 -14.49 -29.52 -12.67
C PHE B 11 -16.00 -29.69 -12.56
N LYS B 12 -16.45 -30.91 -12.33
CA LYS B 12 -17.87 -31.18 -12.21
C LYS B 12 -18.45 -30.52 -10.96
N GLU B 13 -17.64 -30.48 -9.91
CA GLU B 13 -18.06 -29.91 -8.63
C GLU B 13 -18.17 -28.39 -8.73
N ALA B 14 -17.23 -27.78 -9.45
CA ALA B 14 -17.25 -26.34 -9.68
C ALA B 14 -18.48 -25.93 -10.48
N VAL B 15 -18.81 -26.69 -11.51
CA VAL B 15 -20.01 -26.47 -12.28
C VAL B 15 -21.24 -26.60 -11.39
N LYS B 16 -21.19 -27.55 -10.46
CA LYS B 16 -22.31 -27.76 -9.54
C LYS B 16 -22.47 -26.58 -8.59
N SER B 17 -21.35 -25.97 -8.21
CA SER B 17 -21.37 -24.80 -7.34
C SER B 17 -22.03 -23.61 -8.02
N VAL B 18 -21.64 -23.36 -9.27
CA VAL B 18 -22.20 -22.26 -10.04
C VAL B 18 -23.70 -22.47 -10.26
N LYS B 19 -24.10 -23.73 -10.38
CA LYS B 19 -25.51 -24.07 -10.56
C LYS B 19 -26.30 -23.78 -9.30
N THR B 20 -25.67 -24.03 -8.15
CA THR B 20 -26.30 -23.71 -6.88
C THR B 20 -26.56 -22.22 -6.78
N ILE B 21 -25.56 -21.43 -7.14
CA ILE B 21 -25.68 -19.97 -7.14
C ILE B 21 -26.84 -19.48 -8.02
N LEU B 22 -26.92 -20.03 -9.22
CA LEU B 22 -27.93 -19.58 -10.19
C LEU B 22 -29.35 -19.98 -9.78
N ARG B 23 -29.48 -21.12 -9.11
CA ARG B 23 -30.77 -21.64 -8.69
CA ARG B 23 -30.79 -21.61 -8.70
C ARG B 23 -31.27 -20.90 -7.44
N ASN B 24 -30.36 -20.24 -6.73
CA ASN B 24 -30.70 -19.55 -5.48
C ASN B 24 -30.39 -18.05 -5.46
N LEU B 25 -30.66 -17.37 -6.58
CA LEU B 25 -30.52 -15.91 -6.62
C LEU B 25 -31.83 -15.24 -6.25
N THR B 26 -31.76 -14.24 -5.39
CA THR B 26 -32.97 -13.50 -5.02
C THR B 26 -32.84 -12.00 -5.27
N ASP B 27 -32.54 -11.25 -4.21
CA ASP B 27 -32.50 -9.79 -4.30
C ASP B 27 -31.09 -9.23 -4.51
N GLY B 28 -30.10 -10.12 -4.53
CA GLY B 28 -28.74 -9.72 -4.87
C GLY B 28 -27.70 -9.98 -3.80
N GLU B 29 -26.53 -10.47 -4.20
CA GLU B 29 -25.41 -10.60 -3.30
C GLU B 29 -24.55 -9.37 -3.42
N ILE B 30 -24.78 -8.42 -2.52
CA ILE B 30 -24.08 -7.15 -2.57
C ILE B 30 -23.45 -6.83 -1.22
N THR B 31 -22.15 -6.57 -1.23
CA THR B 31 -21.42 -6.26 0.00
C THR B 31 -22.11 -5.17 0.81
N ILE B 32 -21.87 -5.18 2.13
CA ILE B 32 -22.46 -4.23 3.06
C ILE B 32 -21.81 -2.86 2.95
N SER B 33 -22.63 -1.81 3.02
CA SER B 33 -22.15 -0.44 2.96
C SER B 33 -22.16 0.22 4.34
N ALA B 34 -20.97 0.50 4.87
CA ALA B 34 -20.85 1.11 6.20
C ALA B 34 -21.71 2.36 6.35
N TYR B 35 -21.60 3.28 5.39
CA TYR B 35 -22.38 4.51 5.38
C TYR B 35 -23.89 4.29 5.50
N ASP B 36 -24.43 3.29 4.83
CA ASP B 36 -25.86 3.06 4.86
C ASP B 36 -26.32 2.44 6.17
N THR B 37 -25.56 1.48 6.70
CA THR B 37 -25.96 0.79 7.92
C THR B 37 -25.86 1.71 9.13
N ALA B 38 -25.10 2.80 9.00
CA ALA B 38 -25.02 3.81 10.05
C ALA B 38 -26.25 4.72 10.01
N TRP B 39 -26.74 4.99 8.80
CA TRP B 39 -27.92 5.84 8.66
C TRP B 39 -29.13 5.13 9.22
N VAL B 40 -29.11 3.81 9.17
CA VAL B 40 -30.18 2.99 9.74
C VAL B 40 -30.01 2.90 11.26
N ALA B 41 -28.75 2.83 11.69
CA ALA B 41 -28.43 2.84 13.11
C ALA B 41 -28.92 4.10 13.83
N LEU B 42 -29.07 5.19 13.08
CA LEU B 42 -29.52 6.46 13.63
C LEU B 42 -31.01 6.51 13.92
N ILE B 43 -31.77 5.56 13.39
CA ILE B 43 -33.22 5.57 13.57
C ILE B 43 -33.65 5.35 15.01
N ASP B 44 -34.43 6.29 15.53
CA ASP B 44 -34.94 6.19 16.89
C ASP B 44 -36.17 5.29 16.92
N ALA B 45 -36.15 4.28 17.76
CA ALA B 45 -37.27 3.35 17.91
C ALA B 45 -38.55 4.06 18.33
N GLY B 46 -38.40 5.27 18.83
CA GLY B 46 -39.54 6.04 19.31
C GLY B 46 -39.39 6.38 20.78
N ASP B 47 -38.54 5.62 21.48
CA ASP B 47 -38.31 5.83 22.90
C ASP B 47 -36.82 5.90 23.26
N LYS B 48 -36.07 6.65 22.45
CA LYS B 48 -34.65 6.92 22.68
C LYS B 48 -33.77 5.69 22.71
N THR B 49 -34.12 4.68 21.93
CA THR B 49 -33.25 3.55 21.68
C THR B 49 -33.24 3.21 20.19
N PRO B 50 -32.15 2.60 19.71
CA PRO B 50 -32.06 2.26 18.29
C PRO B 50 -33.24 1.40 17.83
N ALA B 51 -33.85 1.76 16.70
CA ALA B 51 -34.92 0.97 16.14
C ALA B 51 -34.35 -0.31 15.57
N PHE B 52 -33.09 -0.25 15.15
CA PHE B 52 -32.41 -1.39 14.54
C PHE B 52 -31.10 -1.74 15.22
N PRO B 53 -31.18 -2.30 16.44
CA PRO B 53 -30.05 -2.68 17.28
C PRO B 53 -28.99 -3.49 16.54
N SER B 54 -29.41 -4.26 15.53
CA SER B 54 -28.50 -5.12 14.79
C SER B 54 -27.55 -4.29 13.94
N ALA B 55 -28.06 -3.15 13.47
CA ALA B 55 -27.26 -2.22 12.69
C ALA B 55 -26.07 -1.70 13.50
N VAL B 56 -26.36 -1.16 14.67
CA VAL B 56 -25.32 -0.64 15.56
C VAL B 56 -24.25 -1.69 15.83
N LYS B 57 -24.69 -2.91 16.17
CA LYS B 57 -23.75 -3.99 16.47
C LYS B 57 -22.81 -4.28 15.30
N TRP B 58 -23.32 -4.21 14.06
CA TRP B 58 -22.47 -4.38 12.89
C TRP B 58 -21.33 -3.37 12.90
N ILE B 59 -21.68 -2.10 13.03
CA ILE B 59 -20.70 -1.03 13.04
C ILE B 59 -19.61 -1.30 14.09
N ALA B 60 -19.98 -2.00 15.14
CA ALA B 60 -19.03 -2.31 16.20
C ALA B 60 -17.99 -3.34 15.77
N GLU B 61 -18.42 -4.41 15.13
CA GLU B 61 -17.53 -5.53 14.85
C GLU B 61 -16.76 -5.37 13.54
N ASN B 62 -17.21 -4.48 12.67
CA ASN B 62 -16.65 -4.38 11.34
C ASN B 62 -15.76 -3.17 11.08
N GLN B 63 -15.33 -2.53 12.15
CA GLN B 63 -14.34 -1.48 12.05
C GLN B 63 -13.02 -2.11 11.66
N LEU B 64 -12.38 -1.55 10.64
CA LEU B 64 -11.11 -2.09 10.15
C LEU B 64 -10.01 -1.93 11.19
N SER B 65 -8.87 -2.58 10.95
CA SER B 65 -7.76 -2.52 11.88
C SER B 65 -7.29 -1.09 12.11
N ASP B 66 -7.41 -0.25 11.08
CA ASP B 66 -6.89 1.11 11.15
C ASP B 66 -7.90 2.16 11.63
N GLY B 67 -8.99 1.70 12.24
CA GLY B 67 -9.97 2.60 12.83
C GLY B 67 -11.02 3.17 11.89
N SER B 68 -10.97 2.80 10.61
CA SER B 68 -11.96 3.25 9.65
C SER B 68 -12.90 2.12 9.22
N TRP B 69 -14.03 2.50 8.63
CA TRP B 69 -14.93 1.53 8.00
C TRP B 69 -14.87 1.71 6.50
N GLY B 70 -15.27 0.67 5.78
CA GLY B 70 -15.30 0.73 4.33
C GLY B 70 -14.75 -0.52 3.68
N ASP B 71 -14.18 -0.37 2.49
CA ASP B 71 -13.69 -1.52 1.74
C ASP B 71 -12.30 -1.95 2.18
N ALA B 72 -12.21 -3.17 2.69
CA ALA B 72 -10.98 -3.70 3.27
C ALA B 72 -9.83 -3.80 2.28
N TYR B 73 -10.13 -3.95 0.98
CA TYR B 73 -9.09 -4.30 0.02
C TYR B 73 -8.75 -3.24 -1.03
N LEU B 74 -9.59 -2.22 -1.16
CA LEU B 74 -9.27 -1.11 -2.06
C LEU B 74 -9.38 0.22 -1.31
N PHE B 75 -8.24 0.82 -1.00
CA PHE B 75 -8.23 2.05 -0.24
C PHE B 75 -8.51 3.27 -1.10
N SER B 76 -9.65 3.92 -0.84
CA SER B 76 -9.97 5.19 -1.45
C SER B 76 -10.38 6.16 -0.36
N TYR B 77 -9.82 7.35 -0.37
CA TYR B 77 -10.05 8.31 0.72
C TYR B 77 -11.50 8.77 0.84
N HIS B 78 -12.16 9.05 -0.28
CA HIS B 78 -13.56 9.43 -0.21
C HIS B 78 -14.39 8.33 0.44
N ASP B 79 -14.07 7.08 0.10
CA ASP B 79 -14.73 5.91 0.66
C ASP B 79 -14.52 5.84 2.17
N ARG B 80 -13.25 5.79 2.57
CA ARG B 80 -12.89 5.62 3.98
C ARG B 80 -13.37 6.76 4.86
N LEU B 81 -13.34 7.98 4.34
CA LEU B 81 -13.70 9.16 5.15
C LEU B 81 -15.19 9.27 5.43
N ILE B 82 -16.01 9.21 4.39
CA ILE B 82 -17.45 9.30 4.56
C ILE B 82 -18.03 8.07 5.27
N ASN B 83 -17.39 6.92 5.09
CA ASN B 83 -17.80 5.72 5.80
C ASN B 83 -17.51 5.82 7.28
N THR B 84 -16.33 6.32 7.61
CA THR B 84 -15.93 6.45 9.01
C THR B 84 -16.68 7.57 9.72
N LEU B 85 -16.87 8.69 9.04
CA LEU B 85 -17.64 9.78 9.62
C LEU B 85 -19.05 9.33 9.97
N ALA B 86 -19.73 8.68 9.03
CA ALA B 86 -21.09 8.22 9.26
C ALA B 86 -21.17 7.26 10.44
N CYS B 87 -20.28 6.28 10.48
CA CYS B 87 -20.28 5.31 11.57
C CYS B 87 -20.09 5.96 12.93
N VAL B 88 -19.13 6.88 13.01
CA VAL B 88 -18.83 7.57 14.24
C VAL B 88 -20.02 8.38 14.72
N VAL B 89 -20.52 9.28 13.87
CA VAL B 89 -21.74 10.02 14.16
C VAL B 89 -22.83 9.12 14.73
N ALA B 90 -23.03 7.96 14.10
CA ALA B 90 -24.06 7.02 14.53
C ALA B 90 -23.79 6.49 15.94
N LEU B 91 -22.55 6.05 16.16
CA LEU B 91 -22.13 5.50 17.46
C LEU B 91 -22.17 6.53 18.60
N ARG B 92 -21.82 7.77 18.28
CA ARG B 92 -21.69 8.82 19.29
C ARG B 92 -23.03 9.47 19.62
N SER B 93 -24.01 9.29 18.75
CA SER B 93 -25.33 9.84 18.98
C SER B 93 -26.20 8.89 19.80
N TRP B 94 -25.65 7.73 20.11
CA TRP B 94 -26.28 6.80 21.06
C TRP B 94 -25.36 6.65 22.26
N ASN B 95 -24.22 7.33 22.20
CA ASN B 95 -23.22 7.23 23.23
C ASN B 95 -22.87 5.78 23.53
N LEU B 96 -22.49 5.04 22.49
CA LEU B 96 -22.16 3.62 22.65
C LEU B 96 -20.84 3.26 21.99
N PHE B 97 -20.21 2.20 22.48
CA PHE B 97 -18.93 1.75 21.97
C PHE B 97 -17.97 2.92 21.81
N PRO B 98 -17.54 3.51 22.94
CA PRO B 98 -16.67 4.69 22.90
C PRO B 98 -15.28 4.33 22.41
N HIS B 99 -14.86 3.09 22.65
CA HIS B 99 -13.55 2.63 22.19
C HIS B 99 -13.41 2.76 20.67
N GLN B 100 -14.23 2.00 19.94
CA GLN B 100 -14.22 2.07 18.48
C GLN B 100 -14.52 3.48 18.02
N CYS B 101 -15.50 4.11 18.65
CA CYS B 101 -15.89 5.48 18.31
C CYS B 101 -14.69 6.44 18.24
N ASN B 102 -13.73 6.28 19.14
CA ASN B 102 -12.57 7.17 19.18
C ASN B 102 -11.52 6.88 18.12
N LYS B 103 -11.19 5.60 17.94
CA LYS B 103 -10.22 5.21 16.93
C LYS B 103 -10.67 5.77 15.59
N GLY B 104 -11.98 5.84 15.42
CA GLY B 104 -12.57 6.37 14.21
C GLY B 104 -12.29 7.84 14.07
N ILE B 105 -12.51 8.58 15.15
CA ILE B 105 -12.27 10.02 15.13
C ILE B 105 -10.78 10.28 14.88
N THR B 106 -9.93 9.43 15.44
CA THR B 106 -8.50 9.53 15.21
C THR B 106 -8.19 9.43 13.72
N PHE B 107 -8.53 8.27 13.14
CA PHE B 107 -8.33 8.04 11.71
C PHE B 107 -8.83 9.19 10.84
N PHE B 108 -10.06 9.64 11.10
CA PHE B 108 -10.60 10.78 10.38
C PHE B 108 -9.72 12.01 10.62
N ARG B 109 -9.51 12.30 11.90
CA ARG B 109 -8.72 13.45 12.32
C ARG B 109 -7.41 13.54 11.55
N GLU B 110 -6.72 12.40 11.46
CA GLU B 110 -5.45 12.30 10.73
C GLU B 110 -5.61 12.41 9.20
N ASN B 111 -6.18 11.36 8.60
CA ASN B 111 -6.25 11.22 7.14
C ASN B 111 -7.05 12.31 6.39
N ILE B 112 -7.86 13.08 7.11
CA ILE B 112 -8.76 14.06 6.50
C ILE B 112 -8.08 15.04 5.54
N GLY B 113 -6.82 15.36 5.79
CA GLY B 113 -6.10 16.31 4.97
C GLY B 113 -5.75 15.78 3.59
N LYS B 114 -5.59 14.46 3.50
CA LYS B 114 -5.21 13.80 2.25
C LYS B 114 -6.38 13.62 1.29
N LEU B 115 -7.56 14.06 1.73
CA LEU B 115 -8.77 13.99 0.90
C LEU B 115 -8.74 15.10 -0.14
N GLU B 116 -8.12 16.21 0.21
CA GLU B 116 -8.00 17.36 -0.66
C GLU B 116 -7.19 17.01 -1.92
N ASP B 117 -6.54 15.86 -1.90
CA ASP B 117 -5.53 15.53 -2.90
C ASP B 117 -5.94 14.41 -3.85
N GLU B 118 -6.36 13.27 -3.30
CA GLU B 118 -6.77 12.12 -4.10
C GLU B 118 -7.62 12.54 -5.30
N ASN B 119 -7.60 11.72 -6.35
CA ASN B 119 -8.45 11.95 -7.51
C ASN B 119 -9.86 12.34 -7.11
N ASP B 120 -10.53 13.12 -7.95
CA ASP B 120 -11.90 13.53 -7.67
C ASP B 120 -12.88 12.92 -8.68
N GLU B 121 -12.44 11.86 -9.35
CA GLU B 121 -13.25 11.22 -10.38
C GLU B 121 -14.04 10.03 -9.83
N HIS B 122 -13.32 9.07 -9.24
CA HIS B 122 -13.94 7.93 -8.59
C HIS B 122 -14.48 8.32 -7.22
N MET B 123 -15.23 9.42 -7.19
CA MET B 123 -15.85 9.91 -5.96
C MET B 123 -17.33 9.56 -5.93
N PRO B 124 -17.77 8.94 -4.83
CA PRO B 124 -19.13 8.44 -4.56
C PRO B 124 -20.25 9.35 -5.04
N ILE B 125 -21.43 8.75 -5.24
CA ILE B 125 -22.62 9.46 -5.71
C ILE B 125 -23.15 10.39 -4.63
N GLY B 126 -23.42 11.63 -5.03
CA GLY B 126 -23.95 12.62 -4.10
C GLY B 126 -23.03 12.90 -2.92
N PHE B 127 -21.75 12.60 -3.09
CA PHE B 127 -20.76 12.79 -2.04
C PHE B 127 -20.73 14.23 -1.57
N GLU B 128 -20.74 15.16 -2.52
CA GLU B 128 -20.58 16.58 -2.19
C GLU B 128 -21.75 17.16 -1.39
N VAL B 129 -22.85 16.42 -1.30
CA VAL B 129 -23.98 16.85 -0.50
C VAL B 129 -24.10 16.06 0.80
N ALA B 130 -23.75 14.79 0.74
CA ALA B 130 -23.88 13.90 1.89
C ALA B 130 -22.77 14.10 2.93
N PHE B 131 -21.61 14.54 2.47
CA PHE B 131 -20.47 14.76 3.36
C PHE B 131 -20.65 16.03 4.20
N PRO B 132 -20.93 17.17 3.56
CA PRO B 132 -21.16 18.38 4.35
C PRO B 132 -22.37 18.24 5.24
N SER B 133 -23.46 17.66 4.73
CA SER B 133 -24.67 17.49 5.54
C SER B 133 -24.39 16.53 6.69
N LEU B 134 -23.33 15.75 6.57
CA LEU B 134 -22.96 14.78 7.59
C LEU B 134 -22.01 15.42 8.60
N LEU B 135 -21.41 16.53 8.21
CA LEU B 135 -20.60 17.33 9.13
C LEU B 135 -21.49 18.24 9.96
N GLU B 136 -22.59 18.69 9.37
CA GLU B 136 -23.56 19.55 10.06
C GLU B 136 -24.27 18.78 11.17
N ILE B 137 -24.04 17.47 11.21
CA ILE B 137 -24.61 16.62 12.25
C ILE B 137 -23.55 16.31 13.28
N ALA B 138 -22.35 16.04 12.82
CA ALA B 138 -21.23 15.76 13.71
C ALA B 138 -20.92 17.00 14.56
N ARG B 139 -21.10 18.17 13.96
CA ARG B 139 -20.91 19.43 14.67
C ARG B 139 -22.02 19.61 15.71
N GLY B 140 -23.20 19.11 15.38
CA GLY B 140 -24.36 19.28 16.25
C GLY B 140 -24.38 18.42 17.50
N ILE B 141 -23.50 17.42 17.58
CA ILE B 141 -23.42 16.59 18.78
C ILE B 141 -22.02 16.53 19.39
N ASN B 142 -21.22 17.56 19.13
CA ASN B 142 -19.91 17.68 19.76
C ASN B 142 -18.97 16.54 19.37
N ILE B 143 -18.28 16.71 18.25
CA ILE B 143 -17.28 15.74 17.82
C ILE B 143 -16.05 16.48 17.29
N ASP B 144 -14.91 16.32 17.98
CA ASP B 144 -13.71 17.07 17.61
C ASP B 144 -13.03 16.52 16.36
N VAL B 145 -13.31 17.17 15.23
CA VAL B 145 -12.68 16.84 13.96
C VAL B 145 -12.37 18.13 13.20
N PRO B 146 -11.23 18.16 12.47
CA PRO B 146 -10.75 19.35 11.76
C PRO B 146 -11.82 20.02 10.89
N TYR B 147 -12.75 20.73 11.52
CA TYR B 147 -13.90 21.29 10.82
C TYR B 147 -13.57 22.35 9.76
N ASP B 148 -12.43 23.00 9.91
CA ASP B 148 -12.05 24.05 8.97
C ASP B 148 -10.76 23.69 8.24
N SER B 149 -10.43 22.41 8.25
CA SER B 149 -9.26 21.90 7.53
C SER B 149 -9.15 22.53 6.15
N PRO B 150 -7.91 22.66 5.65
CA PRO B 150 -7.65 23.29 4.34
C PRO B 150 -8.75 23.04 3.31
N VAL B 151 -9.26 21.81 3.26
CA VAL B 151 -10.21 21.41 2.23
C VAL B 151 -11.67 21.73 2.54
N LEU B 152 -12.13 21.39 3.74
CA LEU B 152 -13.53 21.60 4.12
C LEU B 152 -13.96 23.06 4.03
N LYS B 153 -13.00 23.96 3.85
CA LYS B 153 -13.29 25.36 3.59
C LYS B 153 -13.81 25.51 2.16
N ASP B 154 -14.62 24.56 1.72
CA ASP B 154 -14.96 24.48 0.31
C ASP B 154 -16.22 23.65 0.04
N ILE B 155 -16.27 22.42 0.53
CA ILE B 155 -17.37 21.52 0.22
C ILE B 155 -18.73 22.06 0.65
N TYR B 156 -18.73 23.02 1.57
CA TYR B 156 -19.97 23.68 1.98
C TYR B 156 -20.44 24.65 0.90
N ALA B 157 -19.52 24.98 -0.01
CA ALA B 157 -19.85 25.83 -1.15
C ALA B 157 -20.27 24.98 -2.34
N LYS B 158 -19.46 23.98 -2.68
CA LYS B 158 -19.83 23.01 -3.70
C LYS B 158 -21.20 22.42 -3.37
N LYS B 159 -21.47 22.23 -2.08
CA LYS B 159 -22.73 21.66 -1.62
C LYS B 159 -23.91 22.57 -1.94
N GLU B 160 -23.82 23.83 -1.51
CA GLU B 160 -24.90 24.79 -1.70
C GLU B 160 -25.14 25.06 -3.18
N LEU B 161 -24.06 25.10 -3.97
CA LEU B 161 -24.16 25.26 -5.41
C LEU B 161 -24.94 24.10 -6.02
N LYS B 162 -24.60 22.88 -5.61
CA LYS B 162 -25.29 21.69 -6.08
C LYS B 162 -26.73 21.64 -5.60
N LEU B 163 -26.95 22.09 -4.35
CA LEU B 163 -28.27 22.08 -3.75
C LEU B 163 -29.20 23.12 -4.37
N THR B 164 -28.67 23.91 -5.28
CA THR B 164 -29.48 24.89 -6.01
C THR B 164 -29.65 24.47 -7.47
N ARG B 165 -28.71 23.67 -7.97
CA ARG B 165 -28.84 23.06 -9.29
C ARG B 165 -30.00 22.07 -9.28
N ILE B 166 -30.39 21.65 -8.08
CA ILE B 166 -31.52 20.74 -7.89
C ILE B 166 -32.83 21.37 -8.32
N PRO B 167 -33.54 20.72 -9.26
CA PRO B 167 -34.85 21.18 -9.74
C PRO B 167 -35.96 20.86 -8.73
N LYS B 168 -35.87 21.44 -7.53
CA LYS B 168 -36.84 21.19 -6.48
C LYS B 168 -38.25 21.06 -7.06
N GLU B 169 -38.61 22.01 -7.92
CA GLU B 169 -39.91 21.99 -8.60
C GLU B 169 -40.31 20.60 -9.08
N ILE B 170 -39.47 19.99 -9.91
CA ILE B 170 -39.79 18.71 -10.54
C ILE B 170 -39.64 17.54 -9.58
N MET B 171 -38.58 17.57 -8.78
CA MET B 171 -38.26 16.48 -7.85
C MET B 171 -39.45 16.00 -7.02
N HIS B 172 -40.42 16.88 -6.77
CA HIS B 172 -41.55 16.54 -5.93
C HIS B 172 -42.75 16.05 -6.73
N LYS B 173 -42.65 16.13 -8.06
CA LYS B 173 -43.77 15.78 -8.92
C LYS B 173 -43.53 14.47 -9.68
N ILE B 174 -42.33 14.31 -10.22
CA ILE B 174 -42.01 13.13 -11.03
C ILE B 174 -40.87 12.33 -10.41
N PRO B 175 -40.93 11.00 -10.56
CA PRO B 175 -39.88 10.10 -10.05
C PRO B 175 -38.56 10.30 -10.78
N THR B 176 -37.48 10.53 -10.04
CA THR B 176 -36.15 10.74 -10.61
C THR B 176 -35.05 10.15 -9.71
N THR B 177 -33.82 10.11 -10.22
CA THR B 177 -32.70 9.57 -9.47
C THR B 177 -32.39 10.37 -8.20
N LEU B 178 -32.91 11.58 -8.12
CA LEU B 178 -32.73 12.39 -6.92
C LEU B 178 -33.27 11.67 -5.69
N LEU B 179 -34.32 10.87 -5.90
CA LEU B 179 -34.97 10.13 -4.81
C LEU B 179 -34.01 9.15 -4.14
N HIS B 180 -32.83 8.99 -4.73
CA HIS B 180 -31.84 8.05 -4.23
C HIS B 180 -30.84 8.73 -3.28
N SER B 181 -30.92 10.04 -3.17
CA SER B 181 -29.99 10.79 -2.32
C SER B 181 -30.66 11.89 -1.50
N LEU B 182 -31.73 11.55 -0.79
CA LEU B 182 -32.52 12.55 -0.07
C LEU B 182 -31.91 13.01 1.25
N GLU B 183 -31.04 12.18 1.82
CA GLU B 183 -30.58 12.39 3.18
C GLU B 183 -29.91 13.75 3.41
N GLY B 184 -29.19 14.26 2.41
CA GLY B 184 -28.48 15.51 2.58
C GLY B 184 -29.23 16.71 2.01
N MET B 185 -30.53 16.76 2.19
CA MET B 185 -31.34 17.76 1.51
C MET B 185 -32.25 18.56 2.42
N ARG B 186 -32.59 19.76 1.96
CA ARG B 186 -33.30 20.77 2.76
C ARG B 186 -34.81 20.61 2.75
N ASP B 187 -35.51 21.75 2.78
CA ASP B 187 -36.96 21.79 2.93
C ASP B 187 -37.69 20.87 1.94
N LEU B 188 -38.15 19.73 2.44
CA LEU B 188 -38.86 18.76 1.63
C LEU B 188 -40.35 18.79 1.98
N ASP B 189 -41.20 18.57 0.98
CA ASP B 189 -42.64 18.43 1.23
C ASP B 189 -43.05 16.96 1.16
N TRP B 190 -42.95 16.28 2.30
CA TRP B 190 -43.21 14.84 2.36
C TRP B 190 -44.64 14.45 1.98
N GLU B 191 -45.57 15.40 2.08
CA GLU B 191 -46.90 15.19 1.54
C GLU B 191 -46.76 14.66 0.12
N LYS B 192 -46.04 15.41 -0.71
CA LYS B 192 -45.83 15.05 -2.10
C LYS B 192 -44.89 13.84 -2.26
N LEU B 193 -43.70 13.93 -1.68
CA LEU B 193 -42.68 12.89 -1.87
C LEU B 193 -43.18 11.46 -1.65
N LEU B 194 -43.99 11.25 -0.62
CA LEU B 194 -44.47 9.91 -0.29
C LEU B 194 -45.25 9.27 -1.43
N LYS B 195 -45.69 10.08 -2.38
CA LYS B 195 -46.39 9.59 -3.54
C LYS B 195 -45.39 9.06 -4.56
N LEU B 196 -44.13 9.45 -4.40
CA LEU B 196 -43.05 8.99 -5.26
C LEU B 196 -42.33 7.79 -4.64
N GLN B 197 -42.93 7.27 -3.58
CA GLN B 197 -42.40 6.11 -2.88
C GLN B 197 -42.40 4.87 -3.77
N SER B 198 -41.31 4.11 -3.76
CA SER B 198 -41.24 2.86 -4.51
C SER B 198 -42.15 1.78 -3.91
N GLN B 199 -42.53 0.82 -4.74
CA GLN B 199 -43.55 -0.15 -4.38
C GLN B 199 -43.15 -1.07 -3.23
N ASP B 200 -41.85 -1.27 -3.04
CA ASP B 200 -41.40 -2.11 -1.92
C ASP B 200 -41.17 -1.29 -0.65
N GLY B 201 -41.43 0.01 -0.75
CA GLY B 201 -41.44 0.88 0.41
C GLY B 201 -40.34 1.93 0.42
N SER B 202 -39.30 1.71 -0.38
CA SER B 202 -38.10 2.53 -0.32
C SER B 202 -38.19 3.82 -1.11
N PHE B 203 -37.14 4.63 -1.02
CA PHE B 203 -36.98 5.76 -1.93
C PHE B 203 -35.82 5.48 -2.87
N LEU B 204 -36.17 5.26 -4.14
CA LEU B 204 -35.25 4.76 -5.17
C LEU B 204 -34.22 3.74 -4.67
N PHE B 205 -34.72 2.73 -3.93
CA PHE B 205 -33.92 1.57 -3.57
C PHE B 205 -32.64 1.88 -2.81
N SER B 206 -32.60 3.06 -2.20
CA SER B 206 -31.53 3.42 -1.29
C SER B 206 -31.97 3.18 0.15
N PRO B 207 -31.22 2.36 0.90
CA PRO B 207 -31.54 2.20 2.32
C PRO B 207 -31.33 3.49 3.10
N SER B 208 -30.27 4.23 2.83
CA SER B 208 -29.99 5.46 3.56
C SER B 208 -31.02 6.55 3.27
N SER B 209 -31.40 6.69 2.01
CA SER B 209 -32.42 7.67 1.67
C SER B 209 -33.75 7.31 2.35
N THR B 210 -34.02 6.01 2.47
CA THR B 210 -35.26 5.53 3.09
C THR B 210 -35.22 5.70 4.60
N ALA B 211 -34.07 5.45 5.22
CA ALA B 211 -33.89 5.73 6.64
C ALA B 211 -34.22 7.18 6.90
N PHE B 212 -33.51 8.08 6.22
CA PHE B 212 -33.74 9.51 6.35
C PHE B 212 -35.22 9.84 6.18
N ALA B 213 -35.87 9.17 5.24
CA ALA B 213 -37.30 9.39 5.02
C ALA B 213 -38.10 9.00 6.27
N PHE B 214 -37.78 7.85 6.85
CA PHE B 214 -38.55 7.34 7.98
C PHE B 214 -38.41 8.22 9.22
N MET B 215 -37.21 8.72 9.45
CA MET B 215 -36.95 9.64 10.55
C MET B 215 -37.85 10.88 10.47
N GLN B 216 -38.13 11.31 9.25
CA GLN B 216 -38.93 12.52 9.02
C GLN B 216 -40.45 12.24 8.98
N THR B 217 -40.83 10.99 8.77
CA THR B 217 -42.25 10.69 8.48
C THR B 217 -42.85 9.55 9.32
N ARG B 218 -41.99 8.68 9.85
CA ARG B 218 -42.43 7.53 10.63
C ARG B 218 -43.30 6.59 9.79
N ASP B 219 -43.15 6.69 8.47
CA ASP B 219 -44.00 5.93 7.56
C ASP B 219 -43.82 4.42 7.72
N SER B 220 -44.95 3.70 7.77
CA SER B 220 -44.97 2.27 8.03
C SER B 220 -44.32 1.42 6.93
N ASN B 221 -44.39 1.89 5.69
CA ASN B 221 -43.81 1.16 4.56
C ASN B 221 -42.28 1.23 4.51
N CYS B 222 -41.73 2.42 4.75
CA CYS B 222 -40.29 2.60 4.84
C CYS B 222 -39.70 1.62 5.84
N LEU B 223 -40.32 1.57 7.02
CA LEU B 223 -39.85 0.70 8.10
C LEU B 223 -39.88 -0.75 7.64
N GLU B 224 -40.97 -1.14 6.98
CA GLU B 224 -41.11 -2.48 6.42
C GLU B 224 -39.93 -2.83 5.51
N TYR B 225 -39.65 -1.95 4.55
CA TYR B 225 -38.53 -2.12 3.62
C TYR B 225 -37.20 -2.31 4.35
N LEU B 226 -36.93 -1.41 5.28
CA LEU B 226 -35.70 -1.46 6.07
C LEU B 226 -35.57 -2.74 6.88
N ARG B 227 -36.66 -3.20 7.48
CA ARG B 227 -36.62 -4.40 8.30
C ARG B 227 -36.21 -5.63 7.48
N ASN B 228 -36.67 -5.67 6.23
CA ASN B 228 -36.25 -6.69 5.28
C ASN B 228 -34.76 -6.64 5.01
N ALA B 229 -34.29 -5.49 4.53
CA ALA B 229 -32.86 -5.30 4.26
C ALA B 229 -31.99 -5.82 5.40
N VAL B 230 -32.21 -5.32 6.61
CA VAL B 230 -31.38 -5.69 7.76
C VAL B 230 -31.42 -7.20 8.03
N LYS B 231 -32.62 -7.78 7.92
CA LYS B 231 -32.81 -9.22 8.08
C LYS B 231 -31.88 -9.99 7.13
N ARG B 232 -31.95 -9.65 5.84
CA ARG B 232 -31.20 -10.36 4.82
C ARG B 232 -29.69 -10.38 5.07
N PHE B 233 -29.11 -9.23 5.39
CA PHE B 233 -27.66 -9.13 5.54
C PHE B 233 -27.20 -9.17 6.99
N ASN B 234 -28.03 -9.75 7.86
CA ASN B 234 -27.69 -9.92 9.25
C ASN B 234 -27.01 -8.71 9.89
N GLY B 235 -27.73 -7.60 9.97
CA GLY B 235 -27.21 -6.41 10.63
C GLY B 235 -26.96 -5.24 9.70
N GLY B 236 -26.04 -5.43 8.76
CA GLY B 236 -25.71 -4.38 7.82
C GLY B 236 -26.71 -4.27 6.67
N VAL B 237 -26.61 -3.18 5.92
CA VAL B 237 -27.38 -3.02 4.69
C VAL B 237 -26.45 -2.45 3.61
N PRO B 238 -26.79 -2.68 2.33
CA PRO B 238 -25.95 -2.26 1.20
C PRO B 238 -26.33 -0.86 0.75
N ASN B 239 -25.63 -0.32 -0.24
CA ASN B 239 -25.95 1.03 -0.69
C ASN B 239 -27.03 1.08 -1.78
N VAL B 240 -27.61 -0.08 -2.07
CA VAL B 240 -28.73 -0.19 -3.02
C VAL B 240 -29.41 -1.56 -2.83
N PHE B 241 -30.74 -1.59 -2.89
CA PHE B 241 -31.50 -2.81 -2.61
C PHE B 241 -32.98 -2.69 -2.99
N PRO B 242 -33.50 -3.67 -3.75
CA PRO B 242 -32.78 -4.87 -4.19
C PRO B 242 -31.99 -4.58 -5.45
N VAL B 243 -31.31 -5.61 -5.95
CA VAL B 243 -30.48 -5.46 -7.13
C VAL B 243 -30.68 -6.69 -8.02
N ASP B 244 -31.91 -7.20 -8.02
CA ASP B 244 -32.23 -8.49 -8.62
C ASP B 244 -32.10 -8.56 -10.15
N LEU B 245 -32.78 -7.68 -10.86
CA LEU B 245 -32.69 -7.66 -12.32
C LEU B 245 -31.23 -7.50 -12.72
N PHE B 246 -30.58 -6.49 -12.16
CA PHE B 246 -29.20 -6.20 -12.50
C PHE B 246 -28.31 -7.43 -12.37
N GLU B 247 -28.51 -8.18 -11.29
CA GLU B 247 -27.70 -9.36 -11.02
C GLU B 247 -27.98 -10.48 -12.02
N HIS B 248 -29.25 -10.73 -12.31
CA HIS B 248 -29.62 -11.77 -13.27
C HIS B 248 -29.02 -11.52 -14.64
N ILE B 249 -29.15 -10.30 -15.13
CA ILE B 249 -28.64 -9.92 -16.44
C ILE B 249 -27.13 -10.04 -16.55
N TRP B 250 -26.41 -9.45 -15.60
CA TRP B 250 -24.95 -9.48 -15.63
C TRP B 250 -24.37 -10.88 -15.46
N ILE B 251 -25.04 -11.73 -14.68
CA ILE B 251 -24.57 -13.10 -14.52
C ILE B 251 -24.62 -13.82 -15.87
N VAL B 252 -25.80 -13.82 -16.49
CA VAL B 252 -25.95 -14.41 -17.81
C VAL B 252 -24.88 -13.89 -18.78
N ASP B 253 -24.79 -12.57 -18.90
CA ASP B 253 -23.84 -11.96 -19.82
C ASP B 253 -22.41 -12.44 -19.59
N ARG B 254 -21.99 -12.49 -18.32
CA ARG B 254 -20.64 -12.93 -17.97
C ARG B 254 -20.39 -14.40 -18.31
N LEU B 255 -21.39 -15.25 -18.11
CA LEU B 255 -21.25 -16.68 -18.39
C LEU B 255 -21.14 -16.94 -19.88
N GLN B 256 -21.90 -16.19 -20.68
CA GLN B 256 -21.84 -16.33 -22.13
C GLN B 256 -20.49 -15.84 -22.66
N ARG B 257 -20.06 -14.68 -22.19
CA ARG B 257 -18.82 -14.10 -22.71
C ARG B 257 -17.61 -14.92 -22.30
N LEU B 258 -17.67 -15.52 -21.11
CA LEU B 258 -16.58 -16.35 -20.62
C LEU B 258 -16.52 -17.70 -21.34
N GLY B 259 -17.54 -17.99 -22.13
CA GLY B 259 -17.55 -19.16 -23.00
C GLY B 259 -17.94 -20.46 -22.33
N ILE B 260 -18.66 -20.37 -21.20
CA ILE B 260 -19.05 -21.57 -20.46
C ILE B 260 -20.54 -21.63 -20.18
N SER B 261 -21.33 -20.87 -20.92
CA SER B 261 -22.75 -20.76 -20.63
C SER B 261 -23.56 -22.02 -20.98
N ARG B 262 -22.97 -22.93 -21.74
CA ARG B 262 -23.66 -24.14 -22.18
C ARG B 262 -23.79 -25.17 -21.06
N TYR B 263 -22.90 -25.07 -20.07
CA TYR B 263 -22.99 -25.92 -18.90
C TYR B 263 -24.21 -25.58 -18.04
N PHE B 264 -24.77 -24.39 -18.23
CA PHE B 264 -25.87 -23.90 -17.39
C PHE B 264 -27.12 -23.54 -18.19
N GLU B 265 -27.38 -24.30 -19.24
CA GLU B 265 -28.52 -24.04 -20.12
C GLU B 265 -29.83 -23.89 -19.33
N GLU B 266 -30.21 -24.92 -18.60
CA GLU B 266 -31.47 -24.94 -17.87
C GLU B 266 -31.64 -23.73 -16.95
N GLU B 267 -30.56 -23.34 -16.28
CA GLU B 267 -30.61 -22.28 -15.27
C GLU B 267 -30.63 -20.87 -15.87
N ILE B 268 -29.84 -20.66 -16.92
CA ILE B 268 -29.87 -19.38 -17.63
C ILE B 268 -31.27 -19.11 -18.19
N LYS B 269 -32.01 -20.18 -18.46
CA LYS B 269 -33.36 -20.08 -18.97
C LYS B 269 -34.31 -19.63 -17.86
N GLU B 270 -34.18 -20.24 -16.68
CA GLU B 270 -34.97 -19.80 -15.53
C GLU B 270 -34.67 -18.33 -15.20
N CYS B 271 -33.41 -17.92 -15.42
CA CYS B 271 -32.98 -16.54 -15.18
C CYS B 271 -33.63 -15.52 -16.13
N LEU B 272 -33.62 -15.82 -17.42
CA LEU B 272 -34.20 -14.91 -18.40
C LEU B 272 -35.71 -14.87 -18.25
N ASP B 273 -36.30 -16.02 -17.91
CA ASP B 273 -37.73 -16.09 -17.63
C ASP B 273 -38.11 -15.10 -16.56
N TYR B 274 -37.28 -15.01 -15.53
CA TYR B 274 -37.42 -14.04 -14.44
C TYR B 274 -37.38 -12.62 -14.98
N VAL B 275 -36.32 -12.28 -15.71
CA VAL B 275 -36.19 -10.94 -16.25
C VAL B 275 -37.38 -10.57 -17.12
N HIS B 276 -37.78 -11.47 -18.01
CA HIS B 276 -38.90 -11.22 -18.90
C HIS B 276 -40.18 -10.93 -18.11
N ARG B 277 -40.35 -11.61 -16.99
CA ARG B 277 -41.50 -11.44 -16.12
C ARG B 277 -41.66 -9.99 -15.69
N TYR B 278 -40.52 -9.33 -15.45
CA TYR B 278 -40.54 -7.96 -14.94
C TYR B 278 -40.18 -6.91 -16.00
N TRP B 279 -40.14 -7.33 -17.26
CA TRP B 279 -39.92 -6.41 -18.37
C TRP B 279 -41.13 -5.49 -18.48
N THR B 280 -40.95 -4.31 -19.07
CA THR B 280 -42.06 -3.41 -19.33
C THR B 280 -41.88 -2.66 -20.66
N ASP B 281 -42.90 -1.95 -21.09
CA ASP B 281 -42.82 -1.20 -22.34
C ASP B 281 -41.85 -0.03 -22.22
N ASN B 282 -41.53 0.34 -20.98
CA ASN B 282 -40.64 1.47 -20.73
C ASN B 282 -39.26 1.03 -20.25
N GLY B 283 -39.03 -0.27 -20.22
CA GLY B 283 -37.74 -0.81 -19.82
C GLY B 283 -37.66 -1.16 -18.35
N ILE B 284 -36.44 -1.17 -17.82
CA ILE B 284 -36.20 -1.58 -16.44
C ILE B 284 -35.04 -0.79 -15.87
N CYS B 285 -34.85 -0.89 -14.55
CA CYS B 285 -33.61 -0.45 -13.94
C CYS B 285 -32.90 -1.66 -13.34
N TRP B 286 -32.34 -1.52 -12.15
CA TRP B 286 -31.59 -2.60 -11.52
C TRP B 286 -32.49 -3.46 -10.64
N ALA B 287 -33.61 -2.88 -10.23
CA ALA B 287 -34.50 -3.56 -9.30
C ALA B 287 -35.90 -3.69 -9.88
N ARG B 288 -36.56 -4.80 -9.58
CA ARG B 288 -37.90 -5.05 -10.09
C ARG B 288 -38.91 -4.03 -9.57
N CYS B 289 -39.90 -3.72 -10.39
CA CYS B 289 -41.03 -2.87 -9.99
C CYS B 289 -40.66 -1.42 -9.70
N SER B 290 -39.95 -0.81 -10.65
CA SER B 290 -39.54 0.59 -10.50
C SER B 290 -40.32 1.52 -11.43
N HIS B 291 -40.39 2.78 -11.03
CA HIS B 291 -41.01 3.81 -11.87
C HIS B 291 -39.94 4.71 -12.47
N VAL B 292 -38.68 4.28 -12.30
CA VAL B 292 -37.53 4.89 -12.93
C VAL B 292 -36.73 3.80 -13.64
N GLN B 293 -36.35 4.05 -14.89
CA GLN B 293 -35.59 3.07 -15.66
C GLN B 293 -34.30 3.66 -16.21
N ASP B 294 -33.26 2.82 -16.30
CA ASP B 294 -31.97 3.26 -16.79
C ASP B 294 -31.60 2.50 -18.05
N ILE B 295 -30.83 3.14 -18.93
CA ILE B 295 -30.55 2.60 -20.26
C ILE B 295 -29.57 1.44 -20.25
N ASP B 296 -28.76 1.34 -19.20
CA ASP B 296 -27.79 0.25 -19.14
C ASP B 296 -28.48 -1.11 -18.92
N ASP B 297 -29.33 -1.20 -17.90
CA ASP B 297 -30.10 -2.43 -17.66
C ASP B 297 -31.05 -2.75 -18.81
N THR B 298 -31.75 -1.73 -19.31
CA THR B 298 -32.67 -1.93 -20.42
C THR B 298 -31.97 -2.48 -21.66
N ALA B 299 -30.79 -1.95 -21.97
CA ALA B 299 -30.06 -2.38 -23.16
C ALA B 299 -29.42 -3.75 -23.00
N MET B 300 -29.25 -4.18 -21.75
CA MET B 300 -28.67 -5.50 -21.50
C MET B 300 -29.74 -6.58 -21.51
N ALA B 301 -30.91 -6.26 -20.95
CA ALA B 301 -32.04 -7.18 -20.96
C ALA B 301 -32.61 -7.33 -22.37
N PHE B 302 -32.55 -6.25 -23.14
CA PHE B 302 -33.04 -6.25 -24.51
C PHE B 302 -32.21 -7.23 -25.32
N ARG B 303 -30.92 -6.97 -25.40
CA ARG B 303 -30.01 -7.83 -26.16
C ARG B 303 -30.13 -9.29 -25.75
N LEU B 304 -30.16 -9.54 -24.44
CA LEU B 304 -30.21 -10.91 -23.92
C LEU B 304 -31.53 -11.59 -24.22
N LEU B 305 -32.64 -10.86 -24.09
CA LEU B 305 -33.96 -11.45 -24.33
C LEU B 305 -34.17 -11.71 -25.82
N ARG B 306 -33.82 -10.72 -26.64
CA ARG B 306 -33.97 -10.85 -28.08
C ARG B 306 -33.15 -12.01 -28.64
N GLN B 307 -31.90 -12.15 -28.20
CA GLN B 307 -31.04 -13.20 -28.73
C GLN B 307 -31.51 -14.60 -28.31
N HIS B 308 -32.23 -14.68 -27.20
CA HIS B 308 -32.75 -15.97 -26.74
C HIS B 308 -34.19 -16.18 -27.19
N GLY B 309 -34.69 -15.28 -28.01
CA GLY B 309 -35.97 -15.48 -28.68
C GLY B 309 -37.21 -15.02 -27.93
N TYR B 310 -37.10 -13.93 -27.18
CA TYR B 310 -38.29 -13.33 -26.60
C TYR B 310 -38.67 -12.15 -27.47
N GLN B 311 -39.97 -11.95 -27.70
CA GLN B 311 -40.42 -10.81 -28.49
C GLN B 311 -40.31 -9.54 -27.65
N VAL B 312 -39.35 -8.68 -27.98
CA VAL B 312 -39.16 -7.43 -27.25
C VAL B 312 -39.06 -6.26 -28.21
N SER B 313 -39.92 -5.26 -28.03
CA SER B 313 -39.94 -4.11 -28.90
C SER B 313 -38.81 -3.13 -28.62
N ALA B 314 -38.21 -2.61 -29.68
CA ALA B 314 -37.13 -1.65 -29.55
C ALA B 314 -37.67 -0.26 -29.27
N ASP B 315 -38.96 -0.16 -28.99
CA ASP B 315 -39.58 1.13 -28.68
C ASP B 315 -39.32 1.51 -27.22
N VAL B 316 -38.71 0.58 -26.49
CA VAL B 316 -38.35 0.82 -25.11
C VAL B 316 -37.30 1.93 -25.03
N PHE B 317 -36.46 2.00 -26.06
CA PHE B 317 -35.38 2.97 -26.12
C PHE B 317 -35.85 4.38 -26.51
N LYS B 318 -37.16 4.54 -26.71
CA LYS B 318 -37.68 5.83 -27.13
C LYS B 318 -37.69 6.85 -26.01
N ASN B 319 -37.94 6.37 -24.79
CA ASN B 319 -37.96 7.24 -23.62
C ASN B 319 -36.57 7.82 -23.31
N PHE B 320 -35.54 7.24 -23.91
CA PHE B 320 -34.18 7.62 -23.59
C PHE B 320 -33.56 8.59 -24.61
N GLU B 321 -34.27 8.88 -25.68
CA GLU B 321 -33.72 9.70 -26.76
C GLU B 321 -34.21 11.14 -26.74
N LYS B 322 -33.44 12.01 -27.41
CA LYS B 322 -33.82 13.40 -27.64
C LYS B 322 -32.78 14.05 -28.56
N GLU B 323 -33.24 14.71 -29.61
CA GLU B 323 -32.35 15.35 -30.57
C GLU B 323 -31.40 14.34 -31.20
N GLY B 324 -31.81 13.08 -31.22
CA GLY B 324 -31.00 12.01 -31.80
C GLY B 324 -29.94 11.49 -30.87
N GLU B 325 -30.00 11.93 -29.61
CA GLU B 325 -29.04 11.51 -28.59
C GLU B 325 -29.67 10.61 -27.53
N PHE B 326 -28.86 9.75 -26.94
CA PHE B 326 -29.36 8.80 -25.93
C PHE B 326 -28.77 9.03 -24.54
N PHE B 327 -29.58 8.77 -23.51
CA PHE B 327 -29.19 9.07 -22.14
C PHE B 327 -29.46 7.93 -21.18
N CYS B 328 -28.70 7.87 -20.09
CA CYS B 328 -28.84 6.83 -19.07
C CYS B 328 -30.21 6.84 -18.40
N PHE B 329 -30.72 8.03 -18.08
CA PHE B 329 -32.01 8.14 -17.42
C PHE B 329 -32.91 9.11 -18.17
N VAL B 330 -34.21 8.87 -18.11
CA VAL B 330 -35.17 9.75 -18.76
C VAL B 330 -35.18 11.14 -18.12
N GLY B 331 -35.04 12.17 -18.96
CA GLY B 331 -35.14 13.55 -18.49
C GLY B 331 -33.83 14.19 -18.09
N GLN B 332 -32.82 13.38 -17.78
CA GLN B 332 -31.54 13.91 -17.31
C GLN B 332 -30.47 13.77 -18.38
N SER B 333 -29.36 14.46 -18.19
CA SER B 333 -28.31 14.47 -19.20
C SER B 333 -27.09 13.62 -18.80
N ASN B 334 -27.29 12.75 -17.81
CA ASN B 334 -26.23 11.84 -17.40
C ASN B 334 -25.78 10.96 -18.55
N GLN B 335 -24.48 10.80 -18.71
CA GLN B 335 -23.94 9.88 -19.72
C GLN B 335 -22.72 9.15 -19.20
N ALA B 336 -22.79 7.82 -19.22
CA ALA B 336 -21.69 6.99 -18.73
C ALA B 336 -21.25 6.01 -19.82
N VAL B 337 -19.99 5.59 -19.77
CA VAL B 337 -19.45 4.77 -20.84
C VAL B 337 -20.09 3.39 -20.94
N THR B 338 -20.12 2.66 -19.83
CA THR B 338 -20.71 1.31 -19.82
C THR B 338 -22.13 1.27 -20.41
N GLY B 339 -22.95 2.27 -20.06
CA GLY B 339 -24.31 2.33 -20.57
C GLY B 339 -24.37 2.55 -22.07
N MET B 340 -23.44 3.34 -22.59
CA MET B 340 -23.40 3.62 -24.02
C MET B 340 -22.78 2.44 -24.77
N PHE B 341 -21.88 1.72 -24.09
CA PHE B 341 -21.28 0.52 -24.66
C PHE B 341 -22.26 -0.66 -24.73
N ASN B 342 -23.17 -0.75 -23.77
CA ASN B 342 -24.20 -1.77 -23.83
C ASN B 342 -25.35 -1.44 -24.77
N LEU B 343 -25.55 -0.15 -25.03
CA LEU B 343 -26.54 0.29 -26.00
C LEU B 343 -26.04 -0.11 -27.37
N TYR B 344 -24.74 0.12 -27.59
CA TYR B 344 -24.12 -0.24 -28.86
C TYR B 344 -24.18 -1.75 -29.13
N ARG B 345 -23.93 -2.57 -28.10
CA ARG B 345 -24.03 -4.03 -28.25
C ARG B 345 -25.45 -4.47 -28.57
N ALA B 346 -26.41 -3.72 -28.04
CA ALA B 346 -27.81 -4.07 -28.20
C ALA B 346 -28.33 -3.65 -29.57
N SER B 347 -27.88 -2.50 -30.05
CA SER B 347 -28.37 -1.94 -31.30
C SER B 347 -28.04 -2.83 -32.50
N GLN B 348 -26.99 -3.65 -32.36
CA GLN B 348 -26.53 -4.50 -33.45
C GLN B 348 -27.46 -5.68 -33.71
N LEU B 349 -28.45 -5.85 -32.85
CA LEU B 349 -29.47 -6.87 -33.03
C LEU B 349 -30.73 -6.25 -33.59
N ALA B 350 -30.57 -5.12 -34.27
CA ALA B 350 -31.69 -4.38 -34.80
C ALA B 350 -32.30 -5.09 -36.01
N PHE B 351 -33.62 -5.17 -36.04
CA PHE B 351 -34.32 -5.65 -37.22
C PHE B 351 -34.36 -4.52 -38.23
N PRO B 352 -34.42 -4.87 -39.52
CA PRO B 352 -34.33 -3.91 -40.63
C PRO B 352 -35.37 -2.78 -40.55
N ARG B 353 -36.45 -3.00 -39.81
CA ARG B 353 -37.52 -2.01 -39.72
C ARG B 353 -37.40 -1.09 -38.51
N GLU B 354 -36.51 -1.44 -37.58
CA GLU B 354 -36.36 -0.68 -36.35
C GLU B 354 -35.44 0.52 -36.51
N GLU B 355 -36.04 1.68 -36.77
CA GLU B 355 -35.29 2.90 -37.03
C GLU B 355 -34.52 3.42 -35.81
N ILE B 356 -35.16 3.35 -34.64
CA ILE B 356 -34.56 3.91 -33.45
C ILE B 356 -33.25 3.21 -33.10
N LEU B 357 -33.17 1.91 -33.37
CA LEU B 357 -31.95 1.17 -33.12
C LEU B 357 -30.86 1.52 -34.13
N LYS B 358 -31.27 2.01 -35.30
CA LYS B 358 -30.31 2.49 -36.28
C LYS B 358 -29.72 3.82 -35.83
N ASN B 359 -30.57 4.68 -35.26
CA ASN B 359 -30.09 5.93 -34.69
C ASN B 359 -29.24 5.67 -33.44
N ALA B 360 -29.59 4.61 -32.71
CA ALA B 360 -28.85 4.24 -31.50
C ALA B 360 -27.45 3.70 -31.81
N LYS B 361 -27.36 2.77 -32.75
CA LYS B 361 -26.04 2.30 -33.18
C LYS B 361 -25.18 3.44 -33.73
N GLU B 362 -25.79 4.31 -34.54
CA GLU B 362 -25.07 5.44 -35.12
C GLU B 362 -24.47 6.31 -34.02
N PHE B 363 -25.29 6.62 -33.03
CA PHE B 363 -24.88 7.49 -31.92
C PHE B 363 -23.83 6.84 -31.02
N SER B 364 -24.21 5.75 -30.36
CA SER B 364 -23.34 5.08 -29.40
C SER B 364 -21.98 4.73 -30.00
N TYR B 365 -21.96 4.33 -31.25
CA TYR B 365 -20.70 4.03 -31.92
C TYR B 365 -19.78 5.27 -32.00
N ASN B 366 -20.36 6.43 -32.25
CA ASN B 366 -19.59 7.67 -32.33
C ASN B 366 -19.14 8.16 -30.96
N TYR B 367 -20.05 8.16 -29.99
CA TYR B 367 -19.72 8.46 -28.61
C TYR B 367 -18.49 7.66 -28.19
N LEU B 368 -18.54 6.35 -28.39
CA LEU B 368 -17.46 5.46 -27.98
C LEU B 368 -16.15 5.67 -28.74
N LEU B 369 -16.24 5.89 -30.05
CA LEU B 369 -15.07 6.17 -30.87
C LEU B 369 -14.32 7.40 -30.34
N GLU B 370 -15.07 8.47 -30.13
CA GLU B 370 -14.53 9.71 -29.60
C GLU B 370 -13.84 9.45 -28.26
N LYS B 371 -14.49 8.66 -27.41
CA LYS B 371 -13.96 8.34 -26.10
C LYS B 371 -12.62 7.62 -26.19
N ARG B 372 -12.49 6.71 -27.15
CA ARG B 372 -11.25 5.98 -27.31
C ARG B 372 -10.11 6.90 -27.74
N GLU B 373 -10.41 7.83 -28.66
CA GLU B 373 -9.41 8.76 -29.19
C GLU B 373 -8.99 9.76 -28.12
N ARG B 374 -9.80 9.90 -27.09
CA ARG B 374 -9.48 10.78 -25.96
C ARG B 374 -8.84 10.02 -24.80
N GLU B 375 -8.74 8.70 -24.93
CA GLU B 375 -8.26 7.87 -23.85
C GLU B 375 -9.14 8.06 -22.63
N GLU B 376 -10.46 8.12 -22.87
CA GLU B 376 -11.42 8.25 -21.78
C GLU B 376 -12.30 7.01 -21.64
N LEU B 377 -11.83 5.86 -22.12
CA LEU B 377 -12.59 4.62 -22.00
C LEU B 377 -12.53 4.11 -20.57
N ILE B 378 -12.99 4.93 -19.65
CA ILE B 378 -13.02 4.58 -18.24
C ILE B 378 -14.37 5.00 -17.71
N ASP B 379 -14.97 4.17 -16.86
CA ASP B 379 -16.27 4.51 -16.30
C ASP B 379 -16.12 5.10 -14.91
N LYS B 380 -16.55 6.36 -14.79
CA LYS B 380 -16.60 7.06 -13.51
C LYS B 380 -17.06 6.10 -12.41
N TRP B 381 -18.10 5.34 -12.70
CA TRP B 381 -18.84 4.62 -11.67
C TRP B 381 -18.48 3.14 -11.53
N ILE B 382 -17.34 2.74 -12.08
CA ILE B 382 -16.89 1.36 -11.91
C ILE B 382 -15.41 1.17 -12.23
N ILE B 383 -14.73 0.47 -11.32
CA ILE B 383 -13.30 0.23 -11.39
C ILE B 383 -13.02 -1.17 -11.95
N MET B 384 -12.55 -1.22 -13.19
CA MET B 384 -12.41 -2.49 -13.89
C MET B 384 -10.97 -2.80 -14.28
N LYS B 385 -10.73 -4.05 -14.61
CA LYS B 385 -9.42 -4.52 -15.03
C LYS B 385 -9.04 -4.00 -16.41
N ASP B 386 -10.00 -3.99 -17.33
CA ASP B 386 -9.67 -3.79 -18.72
C ASP B 386 -10.83 -3.27 -19.56
N LEU B 387 -11.47 -2.20 -19.11
CA LEU B 387 -12.58 -1.64 -19.88
C LEU B 387 -12.15 -1.16 -21.28
N PRO B 388 -10.97 -0.51 -21.37
CA PRO B 388 -10.45 -0.08 -22.68
C PRO B 388 -10.44 -1.23 -23.69
N GLY B 389 -9.99 -2.40 -23.26
CA GLY B 389 -9.95 -3.58 -24.11
C GLY B 389 -11.31 -4.11 -24.52
N GLU B 390 -12.21 -4.28 -23.55
CA GLU B 390 -13.58 -4.69 -23.84
C GLU B 390 -14.16 -3.87 -24.97
N ILE B 391 -14.09 -2.54 -24.85
CA ILE B 391 -14.70 -1.67 -25.85
C ILE B 391 -13.89 -1.60 -27.13
N GLY B 392 -12.57 -1.55 -27.01
CA GLY B 392 -11.72 -1.61 -28.18
C GLY B 392 -12.08 -2.76 -29.11
N PHE B 393 -12.34 -3.93 -28.52
CA PHE B 393 -12.67 -5.13 -29.28
C PHE B 393 -13.99 -4.98 -30.03
N ALA B 394 -14.98 -4.39 -29.35
CA ALA B 394 -16.29 -4.19 -29.96
C ALA B 394 -16.29 -3.14 -31.07
N LEU B 395 -15.28 -2.26 -31.05
CA LEU B 395 -15.17 -1.24 -32.08
C LEU B 395 -14.50 -1.78 -33.35
N GLU B 396 -13.69 -2.83 -33.18
CA GLU B 396 -12.93 -3.40 -34.28
C GLU B 396 -13.61 -4.65 -34.85
N ILE B 397 -14.47 -5.28 -34.04
CA ILE B 397 -15.20 -6.49 -34.44
C ILE B 397 -16.70 -6.35 -34.19
N PRO B 398 -17.48 -6.06 -35.24
CA PRO B 398 -18.94 -5.90 -35.11
C PRO B 398 -19.57 -7.20 -34.63
N TRP B 399 -20.83 -7.16 -34.24
CA TRP B 399 -21.51 -8.38 -33.80
C TRP B 399 -21.64 -9.39 -34.93
N TYR B 400 -21.83 -8.90 -36.15
CA TYR B 400 -21.94 -9.76 -37.32
C TYR B 400 -20.65 -10.54 -37.62
N ALA B 401 -19.64 -10.34 -36.77
CA ALA B 401 -18.33 -10.96 -36.98
C ALA B 401 -17.74 -11.51 -35.69
N SER B 402 -18.52 -11.46 -34.62
CA SER B 402 -18.06 -11.99 -33.35
C SER B 402 -18.27 -13.49 -33.32
N LEU B 403 -17.24 -14.23 -33.72
CA LEU B 403 -17.27 -15.67 -33.56
C LEU B 403 -17.06 -15.95 -32.08
N PRO B 404 -17.81 -16.93 -31.53
CA PRO B 404 -17.87 -17.21 -30.08
C PRO B 404 -16.51 -17.40 -29.43
N ARG B 405 -15.60 -18.10 -30.10
CA ARG B 405 -14.29 -18.41 -29.55
C ARG B 405 -13.35 -17.21 -29.54
N VAL B 406 -13.59 -16.24 -30.41
CA VAL B 406 -12.71 -15.07 -30.47
C VAL B 406 -13.09 -14.01 -29.43
N GLU B 407 -14.39 -13.81 -29.19
CA GLU B 407 -14.82 -12.95 -28.10
C GLU B 407 -14.30 -13.51 -26.77
N THR B 408 -14.59 -14.78 -26.51
CA THR B 408 -14.17 -15.41 -25.26
C THR B 408 -12.67 -15.35 -25.06
N ARG B 409 -11.91 -15.62 -26.11
CA ARG B 409 -10.45 -15.63 -26.00
C ARG B 409 -9.93 -14.29 -25.49
N PHE B 410 -10.60 -13.20 -25.87
CA PHE B 410 -10.19 -11.88 -25.40
C PHE B 410 -10.79 -11.48 -24.07
N TYR B 411 -12.06 -11.82 -23.87
CA TYR B 411 -12.74 -11.43 -22.64
C TYR B 411 -12.14 -12.10 -21.41
N ILE B 412 -11.76 -13.37 -21.56
CA ILE B 412 -11.12 -14.08 -20.46
C ILE B 412 -9.92 -13.30 -19.90
N ASP B 413 -9.23 -12.57 -20.77
CA ASP B 413 -8.11 -11.75 -20.36
C ASP B 413 -8.52 -10.33 -19.92
N GLN B 414 -9.82 -10.06 -19.92
CA GLN B 414 -10.34 -8.73 -19.58
C GLN B 414 -11.21 -8.78 -18.31
N TYR B 415 -11.75 -9.96 -18.02
CA TYR B 415 -12.60 -10.16 -16.86
C TYR B 415 -11.81 -9.97 -15.57
N GLY B 416 -12.24 -9.03 -14.74
CA GLY B 416 -11.52 -8.69 -13.54
C GLY B 416 -11.50 -9.78 -12.49
N GLY B 417 -12.61 -10.49 -12.35
CA GLY B 417 -12.75 -11.50 -11.32
C GLY B 417 -13.35 -10.89 -10.07
N GLU B 418 -12.71 -11.08 -8.93
CA GLU B 418 -13.19 -10.50 -7.69
C GLU B 418 -12.60 -9.12 -7.44
N ASN B 419 -11.85 -8.61 -8.42
CA ASN B 419 -11.13 -7.35 -8.26
C ASN B 419 -11.87 -6.11 -8.77
N ASP B 420 -12.88 -6.31 -9.61
CA ASP B 420 -13.70 -5.20 -10.06
C ASP B 420 -14.46 -4.60 -8.90
N VAL B 421 -14.48 -3.27 -8.83
CA VAL B 421 -15.17 -2.57 -7.75
C VAL B 421 -16.21 -1.61 -8.29
N TRP B 422 -17.39 -1.60 -7.67
CA TRP B 422 -18.48 -0.74 -8.11
C TRP B 422 -18.58 0.50 -7.23
N ILE B 423 -18.83 1.66 -7.83
CA ILE B 423 -19.00 2.89 -7.07
C ILE B 423 -20.45 3.35 -6.98
N GLY B 424 -21.04 3.22 -5.80
CA GLY B 424 -22.33 3.83 -5.50
C GLY B 424 -22.07 4.99 -4.57
N LYS B 425 -22.94 5.18 -3.58
CA LYS B 425 -22.67 6.14 -2.51
C LYS B 425 -21.37 5.76 -1.81
N THR B 426 -21.11 4.46 -1.75
CA THR B 426 -19.84 3.95 -1.24
C THR B 426 -19.34 2.90 -2.23
N LEU B 427 -18.10 2.46 -2.05
CA LEU B 427 -17.58 1.34 -2.83
C LEU B 427 -18.32 0.06 -2.45
N TYR B 428 -18.37 -0.90 -3.37
CA TYR B 428 -18.99 -2.19 -3.09
C TYR B 428 -18.67 -3.22 -4.16
N ARG B 429 -18.92 -4.48 -3.83
CA ARG B 429 -18.64 -5.60 -4.74
C ARG B 429 -19.88 -6.44 -5.03
N MET B 430 -19.84 -7.19 -6.12
CA MET B 430 -20.90 -8.13 -6.46
C MET B 430 -20.31 -9.52 -6.61
N PRO B 431 -20.20 -10.26 -5.50
CA PRO B 431 -19.59 -11.59 -5.42
C PRO B 431 -20.08 -12.61 -6.46
N TYR B 432 -21.35 -12.54 -6.86
CA TYR B 432 -21.87 -13.51 -7.83
C TYR B 432 -21.77 -13.05 -9.29
N VAL B 433 -21.41 -11.79 -9.50
CA VAL B 433 -21.15 -11.28 -10.84
C VAL B 433 -19.65 -11.26 -11.06
N ASN B 434 -18.93 -10.71 -10.10
CA ASN B 434 -17.48 -10.67 -10.13
C ASN B 434 -16.91 -11.70 -9.17
N ASN B 435 -16.28 -12.71 -9.75
CA ASN B 435 -16.02 -13.94 -9.03
C ASN B 435 -14.86 -14.66 -9.68
N ASN B 436 -13.84 -14.98 -8.90
CA ASN B 436 -12.67 -15.68 -9.44
C ASN B 436 -12.94 -17.12 -9.90
N GLY B 437 -13.98 -17.73 -9.32
CA GLY B 437 -14.36 -19.08 -9.68
C GLY B 437 -14.82 -19.21 -11.12
N TYR B 438 -15.69 -18.30 -11.55
CA TYR B 438 -16.14 -18.27 -12.93
C TYR B 438 -14.93 -18.23 -13.84
N LEU B 439 -13.97 -17.38 -13.48
CA LEU B 439 -12.80 -17.16 -14.29
C LEU B 439 -11.81 -18.32 -14.28
N GLU B 440 -11.76 -19.06 -13.18
CA GLU B 440 -10.91 -20.24 -13.15
C GLU B 440 -11.55 -21.36 -13.97
N LEU B 441 -12.86 -21.52 -13.81
CA LEU B 441 -13.62 -22.51 -14.56
C LEU B 441 -13.51 -22.24 -16.06
N ALA B 442 -13.68 -20.97 -16.44
CA ALA B 442 -13.57 -20.56 -17.84
C ALA B 442 -12.21 -20.91 -18.44
N LYS B 443 -11.14 -20.70 -17.68
CA LYS B 443 -9.80 -21.01 -18.16
C LYS B 443 -9.64 -22.49 -18.45
N GLN B 444 -9.98 -23.34 -17.48
CA GLN B 444 -9.86 -24.78 -17.69
C GLN B 444 -10.64 -25.20 -18.93
N ASP B 445 -11.90 -24.79 -18.98
CA ASP B 445 -12.75 -25.18 -20.10
C ASP B 445 -12.15 -24.74 -21.43
N TYR B 446 -11.71 -23.49 -21.51
CA TYR B 446 -11.17 -23.00 -22.77
C TYR B 446 -9.93 -23.78 -23.20
N ASN B 447 -9.04 -24.06 -22.26
CA ASN B 447 -7.83 -24.78 -22.60
C ASN B 447 -8.09 -26.24 -23.00
N ASN B 448 -9.17 -26.82 -22.47
CA ASN B 448 -9.54 -28.20 -22.82
C ASN B 448 -10.03 -28.33 -24.26
N CYS B 449 -11.02 -27.52 -24.61
CA CYS B 449 -11.48 -27.43 -25.99
C CYS B 449 -10.32 -27.11 -26.92
N GLN B 450 -9.41 -26.26 -26.47
CA GLN B 450 -8.29 -25.88 -27.30
C GLN B 450 -7.32 -27.04 -27.50
N ALA B 451 -7.22 -27.92 -26.50
CA ALA B 451 -6.38 -29.11 -26.61
C ALA B 451 -7.00 -30.08 -27.61
N GLN B 452 -8.31 -30.22 -27.53
CA GLN B 452 -9.08 -31.01 -28.49
C GLN B 452 -8.85 -30.53 -29.93
N HIS B 453 -9.00 -29.23 -30.15
CA HIS B 453 -8.84 -28.63 -31.48
C HIS B 453 -7.46 -28.88 -32.05
N GLN B 454 -6.45 -28.90 -31.18
CA GLN B 454 -5.09 -29.08 -31.62
C GLN B 454 -4.82 -30.52 -32.02
N LEU B 455 -5.65 -31.44 -31.52
CA LEU B 455 -5.59 -32.83 -31.97
C LEU B 455 -6.32 -32.94 -33.31
N GLU B 456 -7.45 -32.27 -33.41
CA GLU B 456 -8.26 -32.30 -34.61
C GLU B 456 -7.53 -31.63 -35.76
N TRP B 457 -6.82 -30.56 -35.47
CA TRP B 457 -6.06 -29.86 -36.49
C TRP B 457 -4.87 -30.69 -36.96
N ASP B 458 -4.41 -31.61 -36.12
CA ASP B 458 -3.32 -32.49 -36.49
C ASP B 458 -3.81 -33.64 -37.36
N ILE B 459 -5.04 -34.07 -37.10
CA ILE B 459 -5.69 -35.11 -37.90
C ILE B 459 -6.20 -34.55 -39.23
N PHE B 460 -6.70 -33.32 -39.17
CA PHE B 460 -7.15 -32.58 -40.36
C PHE B 460 -6.02 -32.44 -41.36
N GLN B 461 -4.80 -32.26 -40.86
CA GLN B 461 -3.64 -32.14 -41.72
C GLN B 461 -3.27 -33.47 -42.38
N LYS B 462 -3.25 -34.54 -41.58
CA LYS B 462 -2.99 -35.86 -42.13
C LYS B 462 -3.98 -36.16 -43.24
N TRP B 463 -5.24 -35.80 -43.01
CA TRP B 463 -6.30 -36.03 -43.99
C TRP B 463 -6.08 -35.27 -45.28
N TYR B 464 -5.37 -34.16 -45.18
CA TYR B 464 -5.11 -33.28 -46.31
C TYR B 464 -3.93 -33.77 -47.13
N GLU B 465 -2.93 -34.30 -46.43
CA GLU B 465 -1.79 -34.91 -47.10
C GLU B 465 -2.18 -36.23 -47.76
N GLU B 466 -2.89 -37.07 -47.02
CA GLU B 466 -3.31 -38.39 -47.51
C GLU B 466 -4.06 -38.30 -48.84
N ASN B 467 -4.86 -37.25 -49.00
CA ASN B 467 -5.62 -37.04 -50.23
C ASN B 467 -4.95 -36.12 -51.24
N ARG B 468 -3.67 -35.84 -51.04
CA ARG B 468 -2.91 -34.97 -51.96
C ARG B 468 -3.68 -33.72 -52.36
N LEU B 469 -4.45 -33.16 -51.42
CA LEU B 469 -5.28 -32.01 -51.71
C LEU B 469 -4.52 -30.75 -52.13
N SER B 470 -3.22 -30.71 -51.86
CA SER B 470 -2.41 -29.59 -52.31
C SER B 470 -2.45 -29.50 -53.82
N GLU B 471 -2.57 -30.65 -54.47
CA GLU B 471 -2.54 -30.73 -55.92
C GLU B 471 -3.87 -30.30 -56.54
N TRP B 472 -4.90 -30.13 -55.73
CA TRP B 472 -6.21 -29.74 -56.25
C TRP B 472 -6.50 -28.27 -55.96
N GLY B 473 -5.46 -27.52 -55.62
CA GLY B 473 -5.57 -26.08 -55.49
C GLY B 473 -5.79 -25.54 -54.09
N VAL B 474 -5.52 -26.35 -53.08
CA VAL B 474 -5.72 -25.93 -51.70
C VAL B 474 -4.38 -25.77 -51.00
N ARG B 475 -4.07 -24.55 -50.58
CA ARG B 475 -2.80 -24.29 -49.92
C ARG B 475 -2.91 -24.53 -48.42
N ARG B 476 -1.80 -24.92 -47.81
CA ARG B 476 -1.77 -25.25 -46.39
C ARG B 476 -2.28 -24.11 -45.52
N SER B 477 -2.20 -22.88 -46.04
CA SER B 477 -2.73 -21.71 -45.35
C SER B 477 -4.26 -21.68 -45.39
N GLU B 478 -4.84 -21.99 -46.55
CA GLU B 478 -6.29 -22.00 -46.67
C GLU B 478 -6.89 -23.13 -45.83
N LEU B 479 -6.14 -24.23 -45.69
CA LEU B 479 -6.56 -25.35 -44.86
C LEU B 479 -6.75 -24.90 -43.42
N LEU B 480 -5.82 -24.10 -42.92
CA LEU B 480 -5.92 -23.59 -41.56
C LEU B 480 -7.13 -22.67 -41.39
N GLU B 481 -7.38 -21.83 -42.39
CA GLU B 481 -8.46 -20.85 -42.28
C GLU B 481 -9.82 -21.54 -42.23
N CYS B 482 -9.96 -22.60 -43.01
CA CYS B 482 -11.21 -23.36 -43.05
C CYS B 482 -11.43 -24.11 -41.75
N TYR B 483 -10.37 -24.67 -41.18
CA TYR B 483 -10.50 -25.29 -39.87
C TYR B 483 -10.80 -24.24 -38.81
N TYR B 484 -10.08 -23.12 -38.89
CA TYR B 484 -10.21 -22.05 -37.92
C TYR B 484 -11.64 -21.53 -37.81
N LEU B 485 -12.22 -21.10 -38.92
CA LEU B 485 -13.56 -20.53 -38.89
C LEU B 485 -14.58 -21.54 -38.36
N ALA B 486 -14.35 -22.84 -38.61
CA ALA B 486 -15.25 -23.87 -38.14
C ALA B 486 -15.06 -24.11 -36.64
N ALA B 487 -13.80 -24.25 -36.24
CA ALA B 487 -13.47 -24.50 -34.85
C ALA B 487 -13.80 -23.29 -33.95
N ALA B 488 -13.62 -22.08 -34.49
CA ALA B 488 -13.90 -20.87 -33.74
C ALA B 488 -15.41 -20.64 -33.55
N THR B 489 -16.21 -21.30 -34.39
CA THR B 489 -17.66 -21.12 -34.33
C THR B 489 -18.34 -22.26 -33.58
N ILE B 490 -18.06 -23.49 -34.00
CA ILE B 490 -18.58 -24.67 -33.32
C ILE B 490 -17.43 -25.36 -32.59
N PHE B 491 -17.29 -25.02 -31.31
CA PHE B 491 -16.07 -25.30 -30.55
C PHE B 491 -16.23 -26.46 -29.57
N GLU B 492 -17.46 -26.69 -29.14
CA GLU B 492 -17.77 -27.73 -28.16
C GLU B 492 -17.18 -29.09 -28.53
N SER B 493 -16.43 -29.68 -27.61
CA SER B 493 -15.82 -31.00 -27.83
C SER B 493 -16.82 -32.07 -28.23
N GLU B 494 -18.05 -31.97 -27.74
CA GLU B 494 -19.08 -32.96 -28.04
C GLU B 494 -19.81 -32.65 -29.35
N ARG B 495 -19.14 -31.94 -30.25
CA ARG B 495 -19.69 -31.60 -31.55
C ARG B 495 -18.62 -31.65 -32.63
N SER B 496 -17.60 -32.48 -32.39
CA SER B 496 -16.52 -32.68 -33.35
C SER B 496 -17.02 -33.13 -34.72
N HIS B 497 -18.23 -33.69 -34.75
CA HIS B 497 -18.81 -34.11 -36.01
C HIS B 497 -19.18 -32.90 -36.88
N GLU B 498 -19.98 -32.00 -36.31
CA GLU B 498 -20.40 -30.80 -37.05
C GLU B 498 -19.24 -29.89 -37.39
N ARG B 499 -18.29 -29.77 -36.47
CA ARG B 499 -17.10 -28.96 -36.71
C ARG B 499 -16.30 -29.47 -37.94
N MET B 500 -16.07 -30.77 -37.99
CA MET B 500 -15.28 -31.36 -39.08
C MET B 500 -16.02 -31.46 -40.42
N VAL B 501 -17.30 -31.81 -40.39
CA VAL B 501 -18.08 -31.85 -41.62
C VAL B 501 -17.94 -30.49 -42.30
N TRP B 502 -17.88 -29.43 -41.49
CA TRP B 502 -17.83 -28.08 -42.00
C TRP B 502 -16.44 -27.73 -42.52
N ALA B 503 -15.44 -27.94 -41.70
CA ALA B 503 -14.06 -27.73 -42.13
C ALA B 503 -13.81 -28.48 -43.44
N LYS B 504 -14.09 -29.78 -43.44
CA LYS B 504 -13.85 -30.63 -44.60
C LYS B 504 -14.64 -30.18 -45.83
N SER B 505 -15.95 -30.03 -45.67
CA SER B 505 -16.79 -29.58 -46.76
C SER B 505 -16.29 -28.31 -47.45
N SER B 506 -16.00 -27.27 -46.67
CA SER B 506 -15.56 -26.01 -47.26
C SER B 506 -14.21 -26.14 -47.95
N VAL B 507 -13.37 -27.07 -47.49
CA VAL B 507 -12.10 -27.32 -48.15
C VAL B 507 -12.31 -28.06 -49.47
N LEU B 508 -13.27 -28.96 -49.52
CA LEU B 508 -13.58 -29.70 -50.75
C LEU B 508 -14.20 -28.79 -51.81
N VAL B 509 -15.01 -27.82 -51.37
CA VAL B 509 -15.59 -26.85 -52.29
C VAL B 509 -14.50 -25.99 -52.90
N LYS B 510 -13.45 -25.71 -52.12
CA LYS B 510 -12.33 -24.95 -52.66
C LYS B 510 -11.56 -25.74 -53.70
N ALA B 511 -11.31 -27.02 -53.43
CA ALA B 511 -10.57 -27.87 -54.36
C ALA B 511 -11.34 -28.05 -55.66
N ILE B 512 -12.65 -28.10 -55.56
CA ILE B 512 -13.51 -28.23 -56.72
C ILE B 512 -13.52 -26.92 -57.53
N SER B 513 -13.72 -25.80 -56.86
CA SER B 513 -13.74 -24.51 -57.54
C SER B 513 -12.38 -24.19 -58.17
N SER B 514 -11.31 -24.52 -57.47
CA SER B 514 -9.96 -24.25 -57.98
C SER B 514 -9.61 -25.11 -59.17
N SER B 515 -10.20 -26.31 -59.25
CA SER B 515 -9.74 -27.30 -60.22
C SER B 515 -10.66 -27.48 -61.43
N PHE B 516 -11.91 -27.05 -61.29
CA PHE B 516 -12.89 -27.21 -62.36
C PHE B 516 -13.88 -26.06 -62.34
N GLY B 517 -13.44 -24.92 -61.85
CA GLY B 517 -14.33 -23.77 -61.68
C GLY B 517 -14.51 -22.92 -62.91
N GLU B 518 -13.46 -22.77 -63.72
CA GLU B 518 -13.48 -21.89 -64.89
C GLU B 518 -14.61 -22.20 -65.89
N SER B 519 -14.23 -22.59 -67.11
CA SER B 519 -15.22 -22.83 -68.17
C SER B 519 -16.42 -23.62 -67.68
N SER B 520 -17.60 -23.30 -68.20
CA SER B 520 -18.81 -24.00 -67.81
C SER B 520 -18.73 -25.45 -68.29
N ASP B 521 -17.76 -25.73 -69.15
CA ASP B 521 -17.57 -27.08 -69.64
C ASP B 521 -16.77 -27.93 -68.65
N SER B 522 -15.91 -27.29 -67.88
CA SER B 522 -15.12 -28.00 -66.87
C SER B 522 -15.94 -28.19 -65.60
N ARG B 523 -16.85 -27.26 -65.32
CA ARG B 523 -17.77 -27.43 -64.21
C ARG B 523 -18.70 -28.59 -64.52
N ARG B 524 -19.38 -28.48 -65.66
CA ARG B 524 -20.29 -29.53 -66.11
C ARG B 524 -19.56 -30.86 -66.21
N SER B 525 -18.28 -30.81 -66.54
CA SER B 525 -17.45 -32.02 -66.56
C SER B 525 -17.47 -32.69 -65.19
N PHE B 526 -16.91 -32.01 -64.21
CA PHE B 526 -16.88 -32.55 -62.85
C PHE B 526 -18.28 -32.94 -62.39
N SER B 527 -19.22 -32.01 -62.54
CA SER B 527 -20.60 -32.25 -62.11
C SER B 527 -21.12 -33.59 -62.60
N ASP B 528 -20.63 -34.03 -63.76
CA ASP B 528 -21.09 -35.27 -64.36
C ASP B 528 -20.35 -36.48 -63.80
N GLN B 529 -19.05 -36.36 -63.62
CA GLN B 529 -18.25 -37.43 -63.02
C GLN B 529 -18.77 -37.77 -61.63
N PHE B 530 -19.32 -36.77 -60.94
CA PHE B 530 -19.94 -36.99 -59.65
C PHE B 530 -21.14 -37.92 -59.80
N HIS B 531 -22.10 -37.52 -60.63
CA HIS B 531 -23.32 -38.31 -60.80
C HIS B 531 -23.06 -39.68 -61.40
N GLU B 532 -21.98 -39.80 -62.17
CA GLU B 532 -21.57 -41.08 -62.72
C GLU B 532 -20.94 -41.92 -61.61
N TYR B 533 -19.97 -41.33 -60.93
CA TYR B 533 -19.25 -42.00 -59.84
C TYR B 533 -20.21 -42.55 -58.78
N ILE B 534 -21.37 -41.89 -58.64
CA ILE B 534 -22.42 -42.40 -57.77
C ILE B 534 -23.13 -43.55 -58.45
N ALA B 535 -23.67 -43.27 -59.62
CA ALA B 535 -24.47 -44.24 -60.38
C ALA B 535 -23.76 -45.58 -60.59
N ASN B 536 -22.43 -45.55 -60.63
CA ASN B 536 -21.66 -46.79 -60.73
C ASN B 536 -21.97 -47.76 -59.58
N ALA B 537 -22.71 -47.28 -58.58
CA ALA B 537 -23.13 -48.09 -57.45
C ALA B 537 -24.64 -48.05 -57.26
N GLY B 555 -10.17 -32.99 -69.34
CA GLY B 555 -9.75 -34.10 -68.51
C GLY B 555 -10.87 -34.67 -67.67
N SER B 556 -11.73 -35.49 -68.30
CA SER B 556 -12.83 -36.12 -67.57
C SER B 556 -12.28 -37.15 -66.58
N VAL B 557 -11.07 -37.63 -66.87
CA VAL B 557 -10.40 -38.59 -65.99
C VAL B 557 -10.01 -37.95 -64.67
N GLN B 558 -9.39 -36.78 -64.73
CA GLN B 558 -8.97 -36.04 -63.54
C GLN B 558 -10.17 -35.67 -62.68
N ALA B 559 -11.24 -35.23 -63.31
CA ALA B 559 -12.46 -34.91 -62.58
C ALA B 559 -12.91 -36.12 -61.79
N SER B 560 -12.67 -37.31 -62.35
CA SER B 560 -13.09 -38.54 -61.69
C SER B 560 -12.34 -38.75 -60.39
N ARG B 561 -11.02 -38.53 -60.41
CA ARG B 561 -10.21 -38.73 -59.21
C ARG B 561 -10.67 -37.85 -58.04
N LEU B 562 -10.81 -36.56 -58.31
CA LEU B 562 -11.28 -35.62 -57.29
C LEU B 562 -12.66 -36.04 -56.77
N ALA B 563 -13.56 -36.41 -57.68
CA ALA B 563 -14.88 -36.88 -57.29
C ALA B 563 -14.78 -38.09 -56.37
N GLY B 564 -13.73 -38.89 -56.55
CA GLY B 564 -13.49 -40.04 -55.70
C GLY B 564 -13.09 -39.60 -54.31
N VAL B 565 -12.20 -38.62 -54.25
CA VAL B 565 -11.81 -38.04 -52.98
C VAL B 565 -13.04 -37.55 -52.22
N LEU B 566 -13.92 -36.85 -52.93
CA LEU B 566 -15.12 -36.29 -52.31
C LEU B 566 -16.02 -37.38 -51.78
N ILE B 567 -16.38 -38.31 -52.66
CA ILE B 567 -17.22 -39.45 -52.29
C ILE B 567 -16.63 -40.22 -51.11
N GLY B 568 -15.32 -40.47 -51.18
CA GLY B 568 -14.62 -41.15 -50.10
C GLY B 568 -14.87 -40.56 -48.73
N THR B 569 -14.77 -39.23 -48.61
CA THR B 569 -14.92 -38.59 -47.31
C THR B 569 -16.39 -38.42 -46.90
N LEU B 570 -17.26 -38.21 -47.87
CA LEU B 570 -18.69 -38.12 -47.56
C LEU B 570 -19.18 -39.42 -46.95
N ASN B 571 -18.64 -40.55 -47.42
CA ASN B 571 -18.94 -41.88 -46.89
C ASN B 571 -18.45 -42.10 -45.47
N GLN B 572 -17.22 -41.66 -45.20
CA GLN B 572 -16.66 -41.76 -43.86
C GLN B 572 -17.51 -40.99 -42.87
N MET B 573 -18.14 -39.91 -43.33
CA MET B 573 -18.92 -39.05 -42.46
C MET B 573 -20.36 -39.54 -42.29
N SER B 574 -20.97 -40.00 -43.37
CA SER B 574 -22.32 -40.55 -43.27
C SER B 574 -22.30 -41.77 -42.38
N PHE B 575 -21.17 -42.48 -42.38
CA PHE B 575 -21.03 -43.70 -41.60
C PHE B 575 -20.66 -43.39 -40.16
N ASP B 576 -19.68 -42.51 -39.99
CA ASP B 576 -19.24 -42.11 -38.65
C ASP B 576 -20.44 -41.68 -37.82
N LEU B 577 -21.40 -41.02 -38.47
CA LEU B 577 -22.62 -40.60 -37.80
C LEU B 577 -23.48 -41.80 -37.45
N PHE B 578 -23.66 -42.71 -38.40
CA PHE B 578 -24.40 -43.94 -38.15
C PHE B 578 -23.81 -44.73 -37.00
N MET B 579 -22.48 -44.74 -36.90
CA MET B 579 -21.81 -45.53 -35.89
C MET B 579 -22.22 -45.16 -34.48
N SER B 580 -22.57 -43.89 -34.26
CA SER B 580 -22.83 -43.40 -32.91
C SER B 580 -24.26 -42.90 -32.68
N HIS B 581 -25.08 -42.96 -33.71
CA HIS B 581 -26.48 -42.52 -33.60
C HIS B 581 -27.42 -43.46 -34.34
N GLY B 582 -26.87 -44.32 -35.19
CA GLY B 582 -27.66 -45.25 -35.98
C GLY B 582 -28.56 -44.57 -37.00
N ARG B 583 -27.99 -43.75 -37.86
CA ARG B 583 -28.77 -43.05 -38.88
C ARG B 583 -28.11 -43.06 -40.26
N ASP B 584 -28.95 -43.21 -41.28
CA ASP B 584 -28.47 -43.25 -42.65
C ASP B 584 -28.79 -41.94 -43.35
N VAL B 585 -27.88 -40.99 -43.25
CA VAL B 585 -28.04 -39.70 -43.91
C VAL B 585 -27.36 -39.71 -45.27
N ASN B 586 -26.57 -40.76 -45.51
CA ASN B 586 -25.80 -40.89 -46.76
C ASN B 586 -26.52 -40.39 -48.02
N ASN B 587 -27.73 -40.90 -48.25
CA ASN B 587 -28.52 -40.50 -49.41
C ASN B 587 -28.73 -38.99 -49.51
N LEU B 588 -29.02 -38.37 -48.37
CA LEU B 588 -29.31 -36.95 -48.33
C LEU B 588 -28.05 -36.09 -48.44
N LEU B 589 -26.91 -36.67 -48.07
CA LEU B 589 -25.64 -35.99 -48.27
C LEU B 589 -25.43 -35.76 -49.75
N TYR B 590 -25.53 -36.84 -50.52
CA TYR B 590 -25.36 -36.77 -51.97
C TYR B 590 -26.36 -35.81 -52.59
N LEU B 591 -27.61 -35.92 -52.17
CA LEU B 591 -28.68 -35.05 -52.66
C LEU B 591 -28.29 -33.59 -52.58
N SER B 592 -27.60 -33.22 -51.49
CA SER B 592 -27.31 -31.82 -51.21
C SER B 592 -26.11 -31.31 -51.99
N TRP B 593 -25.04 -32.12 -52.05
CA TRP B 593 -23.92 -31.81 -52.92
C TRP B 593 -24.37 -31.77 -54.38
N GLY B 594 -25.35 -32.60 -54.71
CA GLY B 594 -25.93 -32.61 -56.04
C GLY B 594 -26.63 -31.30 -56.32
N ASP B 595 -27.50 -30.88 -55.41
CA ASP B 595 -28.21 -29.62 -55.52
C ASP B 595 -27.25 -28.45 -55.62
N TRP B 596 -26.20 -28.46 -54.80
CA TRP B 596 -25.23 -27.38 -54.85
C TRP B 596 -24.57 -27.32 -56.21
N MET B 597 -24.26 -28.48 -56.78
CA MET B 597 -23.55 -28.54 -58.04
C MET B 597 -24.41 -28.04 -59.20
N GLU B 598 -25.72 -28.21 -59.08
CA GLU B 598 -26.62 -27.70 -60.10
C GLU B 598 -26.45 -26.20 -60.26
N LYS B 599 -26.35 -25.50 -59.13
CA LYS B 599 -26.17 -24.05 -59.14
C LYS B 599 -24.77 -23.69 -59.63
N TRP B 600 -23.76 -24.33 -59.04
CA TRP B 600 -22.37 -24.11 -59.40
C TRP B 600 -22.13 -24.37 -60.89
N LYS B 601 -22.87 -25.34 -61.42
CA LYS B 601 -22.77 -25.72 -62.84
C LYS B 601 -22.78 -24.49 -63.75
N LEU B 602 -23.83 -23.71 -63.64
CA LEU B 602 -24.03 -22.53 -64.47
C LEU B 602 -23.46 -21.25 -63.83
N TYR B 603 -23.91 -20.96 -62.62
CA TYR B 603 -23.64 -19.68 -61.97
C TYR B 603 -22.24 -19.50 -61.37
N GLY B 604 -21.27 -20.29 -61.80
CA GLY B 604 -19.93 -20.21 -61.21
C GLY B 604 -20.00 -20.50 -59.72
N ASP B 605 -18.87 -20.42 -59.03
CA ASP B 605 -18.83 -20.76 -57.60
C ASP B 605 -20.00 -20.11 -56.86
N GLU B 606 -20.84 -20.93 -56.24
CA GLU B 606 -22.07 -20.42 -55.64
C GLU B 606 -22.38 -20.85 -54.21
N GLY B 607 -23.56 -21.43 -54.04
CA GLY B 607 -24.19 -21.60 -52.73
C GLY B 607 -23.43 -22.34 -51.65
N GLU B 608 -22.13 -22.10 -51.54
CA GLU B 608 -21.32 -22.73 -50.50
C GLU B 608 -22.03 -22.58 -49.15
N GLY B 609 -22.66 -21.44 -48.95
CA GLY B 609 -23.34 -21.14 -47.69
C GLY B 609 -24.47 -22.10 -47.36
N GLU B 610 -25.34 -22.36 -48.32
CA GLU B 610 -26.46 -23.27 -48.08
C GLU B 610 -25.95 -24.68 -47.90
N LEU B 611 -24.91 -25.03 -48.64
CA LEU B 611 -24.32 -26.37 -48.56
C LEU B 611 -23.76 -26.63 -47.16
N MET B 612 -22.86 -25.76 -46.72
CA MET B 612 -22.30 -25.84 -45.38
C MET B 612 -23.38 -26.05 -44.31
N VAL B 613 -24.39 -25.20 -44.33
CA VAL B 613 -25.52 -25.33 -43.40
C VAL B 613 -26.12 -26.73 -43.41
N LYS B 614 -26.37 -27.27 -44.60
CA LYS B 614 -26.94 -28.61 -44.69
C LYS B 614 -26.02 -29.66 -44.10
N MET B 615 -24.74 -29.61 -44.48
CA MET B 615 -23.74 -30.51 -43.92
C MET B 615 -23.80 -30.52 -42.39
N ILE B 616 -23.86 -29.34 -41.80
CA ILE B 616 -23.85 -29.21 -40.35
C ILE B 616 -25.10 -29.82 -39.72
N ILE B 617 -26.26 -29.52 -40.30
CA ILE B 617 -27.52 -30.03 -39.79
C ILE B 617 -27.64 -31.55 -39.91
N LEU B 618 -26.99 -32.13 -40.91
CA LEU B 618 -27.02 -33.58 -41.08
C LEU B 618 -26.18 -34.28 -40.03
N MET B 619 -25.16 -33.59 -39.54
CA MET B 619 -24.22 -34.19 -38.61
C MET B 619 -24.60 -33.98 -37.15
N LYS B 620 -25.67 -33.23 -36.92
CA LYS B 620 -26.05 -32.90 -35.55
C LYS B 620 -26.42 -34.16 -34.78
N ASN B 621 -26.37 -34.09 -33.45
CA ASN B 621 -26.70 -35.22 -32.59
C ASN B 621 -28.17 -35.63 -32.69
N ASN B 622 -29.07 -34.68 -32.50
CA ASN B 622 -30.48 -34.92 -32.75
C ASN B 622 -30.71 -35.01 -34.25
N ASP B 623 -31.96 -35.18 -34.67
CA ASP B 623 -32.26 -35.34 -36.09
C ASP B 623 -33.21 -34.26 -36.62
N LEU B 624 -32.69 -33.40 -37.49
CA LEU B 624 -33.43 -32.23 -37.95
C LEU B 624 -33.67 -32.21 -39.47
N THR B 625 -33.48 -33.34 -40.13
CA THR B 625 -33.57 -33.42 -41.59
C THR B 625 -34.90 -32.92 -42.16
N ASN B 626 -35.98 -33.21 -41.45
CA ASN B 626 -37.33 -32.89 -41.93
C ASN B 626 -37.53 -31.42 -42.30
N PHE B 627 -36.77 -30.52 -41.70
CA PHE B 627 -36.97 -29.09 -41.90
C PHE B 627 -36.47 -28.58 -43.26
N PHE B 628 -35.54 -29.30 -43.86
CA PHE B 628 -34.90 -28.88 -45.11
C PHE B 628 -35.89 -28.33 -46.15
N THR B 629 -37.15 -28.70 -46.01
CA THR B 629 -38.16 -28.38 -47.03
C THR B 629 -39.14 -27.27 -46.63
N HIS B 630 -39.23 -26.97 -45.34
CA HIS B 630 -40.15 -25.95 -44.86
C HIS B 630 -39.92 -24.57 -45.48
N THR B 631 -40.93 -23.73 -45.41
CA THR B 631 -40.89 -22.39 -45.99
C THR B 631 -39.92 -21.48 -45.23
N HIS B 632 -39.82 -21.69 -43.93
CA HIS B 632 -38.86 -20.95 -43.13
C HIS B 632 -37.46 -21.23 -43.67
N PHE B 633 -37.14 -22.51 -43.84
CA PHE B 633 -35.80 -22.92 -44.26
C PHE B 633 -35.41 -22.42 -45.64
N VAL B 634 -36.27 -22.64 -46.63
CA VAL B 634 -35.98 -22.20 -47.97
C VAL B 634 -35.77 -20.70 -48.02
N ARG B 635 -36.55 -19.97 -47.23
CA ARG B 635 -36.43 -18.52 -47.14
C ARG B 635 -35.02 -18.09 -46.70
N LEU B 636 -34.54 -18.69 -45.62
CA LEU B 636 -33.19 -18.42 -45.13
C LEU B 636 -32.13 -18.84 -46.15
N ALA B 637 -32.38 -19.94 -46.84
CA ALA B 637 -31.43 -20.47 -47.81
C ALA B 637 -31.23 -19.48 -48.94
N GLU B 638 -32.33 -18.84 -49.33
CA GLU B 638 -32.28 -17.82 -50.36
C GLU B 638 -31.36 -16.71 -49.89
N ILE B 639 -31.62 -16.23 -48.68
CA ILE B 639 -30.87 -15.11 -48.11
C ILE B 639 -29.39 -15.42 -47.95
N ILE B 640 -29.09 -16.59 -47.40
CA ILE B 640 -27.71 -16.96 -47.07
C ILE B 640 -26.82 -17.04 -48.32
N ASN B 641 -27.43 -17.24 -49.48
CA ASN B 641 -26.69 -17.32 -50.73
C ASN B 641 -26.39 -15.96 -51.34
N ARG B 642 -27.22 -14.96 -51.03
CA ARG B 642 -26.93 -13.59 -51.42
C ARG B 642 -25.66 -13.11 -50.69
N ILE B 643 -25.38 -13.71 -49.54
CA ILE B 643 -24.23 -13.30 -48.72
C ILE B 643 -22.92 -13.96 -49.14
N CYS B 644 -22.87 -15.29 -49.09
CA CYS B 644 -21.64 -16.02 -49.40
C CYS B 644 -21.32 -16.00 -50.90
N LEU B 645 -20.08 -15.66 -51.22
CA LEU B 645 -19.70 -15.34 -52.59
C LEU B 645 -18.30 -15.90 -52.92
N PRO B 646 -17.59 -15.29 -53.89
CA PRO B 646 -16.17 -15.58 -54.02
C PRO B 646 -15.44 -15.56 -52.67
N ASN B 655 -10.43 -2.68 -54.04
CA ASN B 655 -10.31 -2.44 -52.61
C ASN B 655 -11.49 -1.64 -52.05
N ASP B 656 -11.99 -0.70 -52.86
CA ASP B 656 -13.18 0.06 -52.49
C ASP B 656 -14.43 -0.60 -53.06
N GLU B 657 -14.23 -1.75 -53.70
CA GLU B 657 -15.34 -2.62 -54.07
C GLU B 657 -15.54 -3.60 -52.91
N LYS B 658 -14.52 -3.72 -52.06
CA LYS B 658 -14.64 -4.42 -50.80
C LYS B 658 -15.71 -3.75 -49.95
N GLU B 659 -15.66 -2.41 -49.92
CA GLU B 659 -16.66 -1.62 -49.22
C GLU B 659 -18.03 -1.72 -49.86
N LYS B 660 -18.04 -1.83 -51.18
CA LYS B 660 -19.28 -2.04 -51.93
C LYS B 660 -19.91 -3.36 -51.50
N THR B 661 -19.08 -4.37 -51.29
CA THR B 661 -19.54 -5.71 -50.93
C THR B 661 -20.08 -5.80 -49.50
N ILE B 662 -19.26 -5.41 -48.53
CA ILE B 662 -19.66 -5.45 -47.13
C ILE B 662 -20.98 -4.72 -46.90
N LYS B 663 -21.06 -3.47 -47.39
CA LYS B 663 -22.26 -2.67 -47.22
C LYS B 663 -23.53 -3.42 -47.59
N SER B 664 -23.44 -4.28 -48.60
CA SER B 664 -24.61 -5.04 -49.06
C SER B 664 -24.80 -6.30 -48.23
N MET B 665 -23.70 -6.98 -47.91
CA MET B 665 -23.74 -8.14 -47.02
C MET B 665 -24.54 -7.81 -45.76
N GLU B 666 -24.29 -6.63 -45.21
CA GLU B 666 -24.94 -6.23 -43.96
C GLU B 666 -26.44 -6.06 -44.12
N LYS B 667 -26.86 -5.54 -45.26
CA LYS B 667 -28.29 -5.39 -45.53
C LYS B 667 -28.95 -6.76 -45.53
N GLU B 668 -28.26 -7.73 -46.12
CA GLU B 668 -28.80 -9.08 -46.27
C GLU B 668 -28.75 -9.85 -44.94
N MET B 669 -27.79 -9.52 -44.09
CA MET B 669 -27.66 -10.17 -42.81
C MET B 669 -28.79 -9.77 -41.86
N GLY B 670 -29.15 -8.49 -41.87
CA GLY B 670 -30.24 -7.99 -41.06
C GLY B 670 -31.56 -8.67 -41.37
N LYS B 671 -31.81 -8.93 -42.65
CA LYS B 671 -33.01 -9.67 -43.04
C LYS B 671 -32.96 -11.05 -42.38
N MET B 672 -31.76 -11.61 -42.29
CA MET B 672 -31.57 -12.95 -41.74
C MET B 672 -31.68 -12.98 -40.23
N VAL B 673 -31.34 -11.86 -39.60
CA VAL B 673 -31.37 -11.75 -38.13
C VAL B 673 -32.80 -11.80 -37.60
N GLU B 674 -33.73 -11.14 -38.27
CA GLU B 674 -35.12 -11.19 -37.83
C GLU B 674 -35.64 -12.61 -37.95
N LEU B 675 -35.21 -13.31 -39.00
CA LEU B 675 -35.65 -14.67 -39.28
C LEU B 675 -35.10 -15.70 -38.30
N ALA B 676 -33.81 -15.62 -38.03
CA ALA B 676 -33.14 -16.63 -37.22
C ALA B 676 -33.40 -16.46 -35.73
N LEU B 677 -34.03 -15.36 -35.35
CA LEU B 677 -34.30 -15.11 -33.93
C LEU B 677 -35.79 -14.96 -33.63
N SER B 678 -36.63 -15.58 -34.46
CA SER B 678 -38.08 -15.61 -34.27
C SER B 678 -38.65 -16.79 -35.06
N GLU B 679 -38.97 -17.87 -34.36
CA GLU B 679 -39.31 -19.12 -35.04
C GLU B 679 -39.99 -20.13 -34.10
N SER B 680 -39.83 -21.42 -34.41
CA SER B 680 -40.29 -22.49 -33.52
C SER B 680 -39.11 -23.02 -32.70
N ASP B 681 -39.34 -23.21 -31.41
CA ASP B 681 -38.27 -23.57 -30.45
C ASP B 681 -37.24 -24.59 -30.95
N THR B 682 -37.69 -25.59 -31.69
CA THR B 682 -36.79 -26.59 -32.23
C THR B 682 -36.13 -26.12 -33.52
N PHE B 683 -36.93 -25.52 -34.39
CA PHE B 683 -36.42 -24.96 -35.64
C PHE B 683 -35.33 -23.91 -35.35
N ARG B 684 -35.26 -23.46 -34.12
CA ARG B 684 -34.26 -22.48 -33.72
C ARG B 684 -32.85 -23.09 -33.80
N ASP B 685 -32.76 -24.38 -33.53
CA ASP B 685 -31.48 -25.09 -33.69
C ASP B 685 -31.02 -25.01 -35.14
N VAL B 686 -31.97 -24.97 -36.07
CA VAL B 686 -31.64 -24.80 -37.48
C VAL B 686 -31.34 -23.34 -37.81
N SER B 687 -32.33 -22.46 -37.65
CA SER B 687 -32.19 -21.05 -38.03
C SER B 687 -30.88 -20.45 -37.52
N ILE B 688 -30.43 -20.90 -36.34
CA ILE B 688 -29.20 -20.40 -35.74
C ILE B 688 -27.95 -20.85 -36.49
N THR B 689 -27.98 -22.08 -36.99
CA THR B 689 -26.87 -22.59 -37.79
C THR B 689 -26.65 -21.71 -39.01
N PHE B 690 -27.73 -21.12 -39.52
CA PHE B 690 -27.61 -20.20 -40.64
C PHE B 690 -26.77 -19.00 -40.23
N LEU B 691 -27.15 -18.38 -39.12
CA LEU B 691 -26.42 -17.25 -38.55
C LEU B 691 -24.95 -17.60 -38.35
N ASP B 692 -24.70 -18.70 -37.65
CA ASP B 692 -23.33 -19.20 -37.42
C ASP B 692 -22.48 -19.14 -38.68
N VAL B 693 -23.06 -19.58 -39.79
CA VAL B 693 -22.33 -19.68 -41.05
C VAL B 693 -22.21 -18.33 -41.75
N ALA B 694 -23.25 -17.50 -41.66
CA ALA B 694 -23.14 -16.14 -42.18
C ALA B 694 -22.03 -15.38 -41.45
N LYS B 695 -22.05 -15.43 -40.12
CA LYS B 695 -21.05 -14.72 -39.33
C LYS B 695 -19.61 -15.06 -39.71
N ALA B 696 -19.34 -16.35 -39.91
CA ALA B 696 -17.98 -16.80 -40.25
C ALA B 696 -17.52 -16.20 -41.59
N PHE B 697 -18.45 -16.02 -42.51
CA PHE B 697 -18.10 -15.45 -43.80
C PHE B 697 -17.90 -13.95 -43.69
N TYR B 698 -18.84 -13.29 -43.04
CA TYR B 698 -18.76 -11.85 -42.83
C TYR B 698 -17.49 -11.48 -42.07
N TYR B 699 -17.12 -12.35 -41.14
CA TYR B 699 -15.90 -12.15 -40.36
C TYR B 699 -14.69 -12.28 -41.26
N PHE B 700 -14.73 -13.22 -42.19
CA PHE B 700 -13.59 -13.43 -43.08
C PHE B 700 -13.44 -12.31 -44.10
N ALA B 701 -14.57 -11.75 -44.53
CA ALA B 701 -14.56 -10.65 -45.49
C ALA B 701 -14.08 -9.37 -44.82
N LEU B 702 -14.42 -9.21 -43.56
CA LEU B 702 -14.04 -8.02 -42.81
C LEU B 702 -12.62 -8.11 -42.28
N CYS B 703 -12.34 -9.16 -41.51
CA CYS B 703 -11.05 -9.30 -40.83
C CYS B 703 -10.12 -10.31 -41.49
N GLY B 704 -10.48 -10.79 -42.68
CA GLY B 704 -9.77 -11.87 -43.33
C GLY B 704 -8.33 -11.62 -43.73
N ASP B 705 -8.00 -10.37 -44.05
CA ASP B 705 -6.66 -10.02 -44.50
C ASP B 705 -5.61 -10.20 -43.40
N HIS B 706 -6.01 -9.98 -42.14
CA HIS B 706 -5.09 -10.08 -41.00
C HIS B 706 -5.61 -10.99 -39.89
N LEU B 707 -5.65 -12.29 -40.19
CA LEU B 707 -6.16 -13.29 -39.26
C LEU B 707 -5.06 -13.94 -38.43
N GLN B 708 -3.81 -13.74 -38.83
CA GLN B 708 -2.71 -14.49 -38.26
C GLN B 708 -2.65 -14.43 -36.74
N THR B 709 -3.10 -13.32 -36.15
CA THR B 709 -2.97 -13.14 -34.71
C THR B 709 -4.16 -13.68 -33.93
N HIS B 710 -5.36 -13.53 -34.49
CA HIS B 710 -6.55 -14.14 -33.88
C HIS B 710 -6.36 -15.65 -33.82
N ILE B 711 -5.93 -16.21 -34.94
CA ILE B 711 -5.74 -17.65 -35.03
C ILE B 711 -4.77 -18.15 -33.97
N SER B 712 -3.64 -17.47 -33.84
CA SER B 712 -2.64 -17.87 -32.87
C SER B 712 -3.21 -17.84 -31.45
N LYS B 713 -3.87 -16.76 -31.10
CA LYS B 713 -4.45 -16.62 -29.77
C LYS B 713 -5.58 -17.62 -29.51
N VAL B 714 -6.35 -17.91 -30.54
CA VAL B 714 -7.55 -18.72 -30.37
C VAL B 714 -7.28 -20.23 -30.37
N LEU B 715 -6.36 -20.67 -31.23
CA LEU B 715 -6.09 -22.09 -31.37
C LEU B 715 -4.79 -22.55 -30.69
N PHE B 716 -3.83 -21.63 -30.56
CA PHE B 716 -2.48 -22.04 -30.22
C PHE B 716 -1.86 -21.35 -29.00
N GLN B 717 -2.66 -20.61 -28.26
CA GLN B 717 -2.13 -19.95 -27.06
C GLN B 717 -3.01 -20.22 -25.85
N LYS B 718 -2.52 -21.08 -24.97
CA LYS B 718 -3.20 -21.39 -23.72
C LYS B 718 -3.58 -20.11 -22.99
N VAL B 719 -4.56 -20.21 -22.10
CA VAL B 719 -4.98 -19.08 -21.28
C VAL B 719 -4.27 -19.05 -19.93
N GLY B 720 -3.26 -18.19 -19.81
CA GLY B 720 -2.47 -18.11 -18.58
C GLY B 720 -0.97 -18.19 -18.83
N ASN C 7 18.02 -8.40 17.19
CA ASN C 7 16.98 -8.69 18.19
C ASN C 7 16.56 -7.47 19.01
N SER C 8 17.54 -6.82 19.65
CA SER C 8 17.35 -5.53 20.33
C SER C 8 18.20 -5.43 21.60
N ASN C 9 18.28 -4.23 22.18
CA ASN C 9 18.98 -4.02 23.45
C ASN C 9 18.03 -4.00 24.63
N ALA C 10 16.97 -3.22 24.51
CA ALA C 10 15.91 -3.20 25.52
C ALA C 10 15.43 -4.61 25.77
N PHE C 11 15.28 -5.35 24.67
CA PHE C 11 14.86 -6.75 24.72
C PHE C 11 15.88 -7.61 25.44
N LYS C 12 17.10 -7.66 24.93
CA LYS C 12 18.16 -8.44 25.54
C LYS C 12 18.19 -8.27 27.06
N GLU C 13 17.94 -7.05 27.53
CA GLU C 13 18.04 -6.73 28.95
C GLU C 13 16.84 -7.24 29.74
N ALA C 14 15.66 -7.20 29.12
CA ALA C 14 14.45 -7.74 29.73
C ALA C 14 14.58 -9.24 29.96
N VAL C 15 15.21 -9.94 29.02
CA VAL C 15 15.50 -11.35 29.17
C VAL C 15 16.42 -11.59 30.37
N LYS C 16 17.33 -10.65 30.61
CA LYS C 16 18.25 -10.76 31.72
C LYS C 16 17.55 -10.55 33.06
N SER C 17 16.58 -9.64 33.06
CA SER C 17 15.76 -9.39 34.26
C SER C 17 15.09 -10.67 34.73
N VAL C 18 14.12 -11.14 33.94
CA VAL C 18 13.46 -12.41 34.21
C VAL C 18 14.47 -13.48 34.57
N LYS C 19 15.64 -13.42 33.96
CA LYS C 19 16.67 -14.42 34.18
C LYS C 19 17.14 -14.40 35.63
N THR C 20 17.32 -13.19 36.17
CA THR C 20 17.75 -13.05 37.56
C THR C 20 16.63 -13.43 38.52
N ILE C 21 15.41 -13.04 38.17
CA ILE C 21 14.23 -13.43 38.94
C ILE C 21 14.19 -14.94 39.16
N LEU C 22 14.44 -15.70 38.09
CA LEU C 22 14.40 -17.16 38.17
C LEU C 22 15.52 -17.75 39.01
N ARG C 23 16.69 -17.12 38.98
CA ARG C 23 17.83 -17.64 39.74
C ARG C 23 17.61 -17.40 41.22
N ASN C 24 16.80 -16.40 41.53
CA ASN C 24 16.65 -15.91 42.90
C ASN C 24 15.30 -16.24 43.52
N LEU C 25 14.64 -17.27 43.03
CA LEU C 25 13.38 -17.70 43.60
C LEU C 25 13.65 -18.30 44.96
N THR C 26 12.74 -18.07 45.90
CA THR C 26 12.89 -18.58 47.25
C THR C 26 11.60 -19.22 47.75
N ASP C 27 11.02 -18.62 48.78
CA ASP C 27 9.81 -19.13 49.38
C ASP C 27 8.58 -18.46 48.79
N GLY C 28 8.80 -17.70 47.72
CA GLY C 28 7.69 -17.11 46.99
C GLY C 28 7.58 -15.62 47.19
N GLU C 29 7.32 -14.91 46.10
CA GLU C 29 7.05 -13.49 46.15
C GLU C 29 5.54 -13.28 46.21
N ILE C 30 5.04 -13.10 47.42
CA ILE C 30 3.60 -12.95 47.64
C ILE C 30 3.36 -11.70 48.49
N THR C 31 2.30 -10.96 48.17
CA THR C 31 2.05 -9.68 48.83
C THR C 31 1.59 -9.83 50.28
N ILE C 32 1.91 -8.84 51.10
CA ILE C 32 1.63 -8.88 52.53
C ILE C 32 0.13 -8.88 52.83
N SER C 33 -0.27 -9.70 53.80
CA SER C 33 -1.66 -9.83 54.22
C SER C 33 -1.89 -9.06 55.50
N ALA C 34 -2.51 -7.89 55.40
CA ALA C 34 -2.72 -7.08 56.60
C ALA C 34 -3.35 -7.94 57.70
N TYR C 35 -4.42 -8.64 57.35
CA TYR C 35 -5.07 -9.58 58.27
C TYR C 35 -4.05 -10.45 59.03
N ASP C 36 -3.24 -11.21 58.31
CA ASP C 36 -2.30 -12.10 58.98
C ASP C 36 -1.33 -11.35 59.86
N THR C 37 -0.74 -10.28 59.36
CA THR C 37 0.25 -9.56 60.15
C THR C 37 -0.36 -8.86 61.38
N ALA C 38 -1.67 -8.63 61.35
CA ALA C 38 -2.37 -8.12 62.51
C ALA C 38 -2.46 -9.18 63.59
N TRP C 39 -2.69 -10.43 63.18
CA TRP C 39 -2.70 -11.56 64.10
C TRP C 39 -1.33 -11.86 64.68
N VAL C 40 -0.29 -11.64 63.88
CA VAL C 40 1.07 -11.82 64.36
C VAL C 40 1.43 -10.67 65.31
N ALA C 41 0.83 -9.50 65.09
CA ALA C 41 1.11 -8.32 65.88
C ALA C 41 0.41 -8.34 67.24
N LEU C 42 -0.47 -9.31 67.43
CA LEU C 42 -1.20 -9.43 68.69
C LEU C 42 -0.42 -10.26 69.71
N ILE C 43 0.49 -11.09 69.22
CA ILE C 43 1.25 -11.96 70.11
C ILE C 43 2.02 -11.18 71.18
N ASP C 44 1.68 -11.45 72.43
CA ASP C 44 2.36 -10.86 73.57
C ASP C 44 3.63 -11.65 73.84
N ALA C 45 4.75 -10.97 74.06
CA ALA C 45 6.02 -11.63 74.36
C ALA C 45 5.98 -12.32 75.72
N GLY C 46 5.10 -11.86 76.60
CA GLY C 46 4.96 -12.43 77.93
C GLY C 46 4.87 -11.34 78.98
N ASP C 47 5.49 -10.20 78.68
CA ASP C 47 5.46 -9.05 79.59
C ASP C 47 4.71 -7.87 78.97
N LYS C 48 3.58 -8.17 78.34
CA LYS C 48 2.72 -7.16 77.75
C LYS C 48 3.42 -6.18 76.79
N THR C 49 4.36 -6.71 76.02
CA THR C 49 4.89 -6.00 74.86
C THR C 49 4.81 -6.93 73.65
N PRO C 50 4.55 -6.37 72.46
CA PRO C 50 4.48 -7.14 71.23
C PRO C 50 5.71 -8.03 71.06
N ALA C 51 5.50 -9.30 70.72
CA ALA C 51 6.61 -10.19 70.45
C ALA C 51 7.21 -9.86 69.08
N PHE C 52 6.43 -9.18 68.25
CA PHE C 52 6.87 -8.83 66.90
C PHE C 52 6.60 -7.37 66.58
N PRO C 53 7.46 -6.48 67.10
CA PRO C 53 7.35 -5.02 66.92
C PRO C 53 7.29 -4.61 65.45
N SER C 54 8.07 -5.26 64.59
CA SER C 54 8.09 -4.91 63.18
C SER C 54 6.72 -5.16 62.54
N ALA C 55 5.96 -6.10 63.10
CA ALA C 55 4.62 -6.38 62.60
C ALA C 55 3.66 -5.24 62.93
N VAL C 56 3.80 -4.67 64.13
CA VAL C 56 3.00 -3.52 64.52
C VAL C 56 3.41 -2.27 63.75
N LYS C 57 4.71 -2.14 63.48
CA LYS C 57 5.20 -1.01 62.72
C LYS C 57 4.82 -1.13 61.24
N TRP C 58 4.69 -2.35 60.75
CA TRP C 58 4.23 -2.53 59.38
C TRP C 58 2.79 -2.03 59.21
N ILE C 59 1.93 -2.39 60.16
CA ILE C 59 0.53 -1.98 60.10
C ILE C 59 0.36 -0.46 60.07
N ALA C 60 1.24 0.25 60.76
CA ALA C 60 1.13 1.70 60.83
C ALA C 60 1.67 2.39 59.59
N GLU C 61 2.66 1.80 58.94
CA GLU C 61 3.31 2.43 57.79
C GLU C 61 2.63 2.08 56.46
N ASN C 62 1.57 1.26 56.51
CA ASN C 62 0.93 0.78 55.29
C ASN C 62 -0.59 0.94 55.24
N GLN C 63 -1.09 2.05 55.78
CA GLN C 63 -2.51 2.33 55.72
C GLN C 63 -2.84 3.06 54.43
N LEU C 64 -4.05 2.83 53.91
CA LEU C 64 -4.49 3.50 52.69
C LEU C 64 -5.15 4.83 53.02
N SER C 65 -5.25 5.71 52.04
CA SER C 65 -5.73 7.08 52.27
C SER C 65 -7.10 7.15 52.94
N ASP C 66 -8.04 6.31 52.49
CA ASP C 66 -9.38 6.29 53.06
C ASP C 66 -9.40 5.76 54.50
N GLY C 67 -8.25 5.27 54.95
CA GLY C 67 -8.12 4.78 56.31
C GLY C 67 -8.32 3.29 56.46
N SER C 68 -8.14 2.56 55.37
CA SER C 68 -8.33 1.12 55.39
C SER C 68 -7.06 0.38 55.01
N TRP C 69 -7.09 -0.94 55.16
CA TRP C 69 -5.97 -1.80 54.77
C TRP C 69 -6.45 -2.81 53.74
N GLY C 70 -5.53 -3.35 52.96
CA GLY C 70 -5.87 -4.36 51.98
C GLY C 70 -5.25 -4.11 50.61
N ASP C 71 -5.87 -4.65 49.57
CA ASP C 71 -5.37 -4.50 48.21
C ASP C 71 -5.68 -3.11 47.67
N ALA C 72 -4.64 -2.34 47.40
CA ALA C 72 -4.77 -0.95 46.97
C ALA C 72 -5.45 -0.81 45.61
N TYR C 73 -5.15 -1.73 44.70
CA TYR C 73 -5.56 -1.59 43.30
C TYR C 73 -6.86 -2.31 42.93
N LEU C 74 -7.42 -3.06 43.89
CA LEU C 74 -8.71 -3.72 43.67
C LEU C 74 -9.55 -3.61 44.93
N PHE C 75 -10.58 -2.78 44.87
CA PHE C 75 -11.41 -2.53 46.04
C PHE C 75 -12.51 -3.58 46.19
N SER C 76 -12.47 -4.32 47.28
CA SER C 76 -13.53 -5.24 47.63
C SER C 76 -13.94 -4.97 49.06
N TYR C 77 -15.24 -4.99 49.32
CA TYR C 77 -15.74 -4.73 50.66
C TYR C 77 -15.37 -5.83 51.66
N HIS C 78 -15.51 -7.09 51.25
CA HIS C 78 -15.12 -8.20 52.11
C HIS C 78 -13.64 -8.09 52.51
N ASP C 79 -12.84 -7.51 51.63
CA ASP C 79 -11.40 -7.39 51.86
C ASP C 79 -11.06 -6.22 52.78
N ARG C 80 -11.50 -5.03 52.41
CA ARG C 80 -11.18 -3.84 53.19
C ARG C 80 -11.72 -3.94 54.62
N LEU C 81 -12.93 -4.44 54.78
CA LEU C 81 -13.52 -4.53 56.11
C LEU C 81 -12.79 -5.52 57.02
N ILE C 82 -12.50 -6.72 56.53
CA ILE C 82 -11.84 -7.72 57.36
C ILE C 82 -10.36 -7.42 57.60
N ASN C 83 -9.74 -6.69 56.68
CA ASN C 83 -8.35 -6.26 56.89
C ASN C 83 -8.25 -5.08 57.84
N THR C 84 -9.16 -4.12 57.71
CA THR C 84 -9.14 -2.91 58.53
C THR C 84 -9.46 -3.21 59.98
N LEU C 85 -10.47 -4.04 60.21
CA LEU C 85 -10.85 -4.44 61.55
C LEU C 85 -9.67 -5.08 62.28
N ALA C 86 -9.17 -6.19 61.75
CA ALA C 86 -8.03 -6.89 62.33
C ALA C 86 -6.91 -5.93 62.73
N CYS C 87 -6.62 -4.96 61.88
CA CYS C 87 -5.55 -4.01 62.16
C CYS C 87 -5.93 -3.05 63.27
N VAL C 88 -7.19 -2.60 63.27
CA VAL C 88 -7.67 -1.74 64.33
C VAL C 88 -7.62 -2.47 65.67
N VAL C 89 -8.11 -3.70 65.70
CA VAL C 89 -8.09 -4.50 66.91
C VAL C 89 -6.66 -4.69 67.41
N ALA C 90 -5.73 -4.90 66.49
CA ALA C 90 -4.33 -5.05 66.88
C ALA C 90 -3.76 -3.77 67.47
N LEU C 91 -3.98 -2.65 66.76
CA LEU C 91 -3.45 -1.36 67.19
C LEU C 91 -4.05 -0.86 68.52
N ARG C 92 -5.32 -1.17 68.75
CA ARG C 92 -5.99 -0.73 69.96
C ARG C 92 -5.54 -1.54 71.18
N SER C 93 -5.17 -2.80 70.94
CA SER C 93 -4.71 -3.66 72.02
C SER C 93 -3.49 -3.08 72.73
N TRP C 94 -2.43 -2.82 71.98
CA TRP C 94 -1.22 -2.24 72.54
C TRP C 94 -1.34 -0.73 72.72
N ASN C 95 -2.56 -0.22 72.66
CA ASN C 95 -2.80 1.22 72.73
C ASN C 95 -1.75 2.04 71.97
N LEU C 96 -1.53 1.67 70.70
CA LEU C 96 -0.51 2.32 69.88
C LEU C 96 -1.12 3.08 68.71
N PHE C 97 -0.33 4.01 68.17
CA PHE C 97 -0.70 4.75 66.97
C PHE C 97 -2.19 5.10 66.92
N PRO C 98 -2.64 5.98 67.82
CA PRO C 98 -4.05 6.36 67.94
C PRO C 98 -4.57 7.03 66.68
N HIS C 99 -3.71 7.71 65.93
CA HIS C 99 -4.16 8.46 64.77
C HIS C 99 -4.73 7.55 63.67
N GLN C 100 -3.90 6.64 63.16
CA GLN C 100 -4.33 5.77 62.08
C GLN C 100 -5.31 4.70 62.55
N CYS C 101 -5.31 4.42 63.85
CA CYS C 101 -6.26 3.48 64.40
C CYS C 101 -7.66 4.09 64.42
N ASN C 102 -7.73 5.42 64.49
CA ASN C 102 -9.01 6.12 64.51
C ASN C 102 -9.63 6.31 63.12
N LYS C 103 -8.79 6.59 62.12
CA LYS C 103 -9.25 6.61 60.75
C LYS C 103 -9.86 5.26 60.41
N GLY C 104 -9.14 4.20 60.78
CA GLY C 104 -9.56 2.84 60.54
C GLY C 104 -10.96 2.55 61.05
N ILE C 105 -11.27 3.01 62.26
CA ILE C 105 -12.61 2.81 62.82
C ILE C 105 -13.64 3.59 62.01
N THR C 106 -13.28 4.82 61.63
CA THR C 106 -14.16 5.65 60.83
C THR C 106 -14.54 4.92 59.54
N PHE C 107 -13.55 4.65 58.70
CA PHE C 107 -13.77 3.90 57.46
C PHE C 107 -14.65 2.68 57.70
N PHE C 108 -14.48 2.03 58.85
CA PHE C 108 -15.27 0.84 59.15
C PHE C 108 -16.74 1.16 59.39
N ARG C 109 -17.01 2.28 60.06
CA ARG C 109 -18.38 2.72 60.27
C ARG C 109 -19.01 3.13 58.94
N GLU C 110 -18.31 4.00 58.22
CA GLU C 110 -18.80 4.54 56.97
C GLU C 110 -18.60 3.55 55.82
N ASN C 111 -18.80 2.27 56.09
CA ASN C 111 -18.57 1.21 55.10
C ASN C 111 -19.03 -0.18 55.50
N ILE C 112 -19.62 -0.31 56.69
CA ILE C 112 -20.05 -1.63 57.16
C ILE C 112 -21.40 -2.02 56.57
N GLY C 113 -22.24 -1.03 56.28
CA GLY C 113 -23.52 -1.29 55.65
C GLY C 113 -23.37 -1.83 54.25
N LYS C 114 -22.47 -1.21 53.48
CA LYS C 114 -22.24 -1.58 52.09
C LYS C 114 -21.57 -2.94 51.95
N LEU C 115 -21.67 -3.77 52.98
CA LEU C 115 -21.06 -5.10 52.95
C LEU C 115 -22.03 -6.08 52.32
N GLU C 116 -23.32 -5.89 52.59
CA GLU C 116 -24.35 -6.78 52.05
C GLU C 116 -24.78 -6.41 50.64
N ASP C 117 -23.88 -5.79 49.89
CA ASP C 117 -24.15 -5.40 48.51
C ASP C 117 -23.29 -6.20 47.53
N GLU C 118 -22.05 -6.50 47.95
CA GLU C 118 -21.12 -7.24 47.10
C GLU C 118 -21.49 -8.71 47.01
N ASN C 119 -21.58 -9.22 45.78
CA ASN C 119 -21.85 -10.62 45.54
C ASN C 119 -20.92 -11.53 46.36
N ASP C 120 -21.47 -12.63 46.84
CA ASP C 120 -20.68 -13.61 47.58
C ASP C 120 -19.90 -14.47 46.58
N GLU C 121 -19.99 -14.11 45.31
CA GLU C 121 -19.30 -14.84 44.24
C GLU C 121 -17.79 -14.83 44.44
N HIS C 122 -17.27 -13.77 45.06
CA HIS C 122 -15.86 -13.71 45.40
C HIS C 122 -15.65 -13.31 46.86
N MET C 123 -15.71 -14.31 47.74
CA MET C 123 -15.57 -14.13 49.18
C MET C 123 -14.41 -14.98 49.72
N PRO C 124 -13.52 -14.36 50.51
CA PRO C 124 -12.30 -14.96 51.08
C PRO C 124 -12.54 -16.23 51.90
N ILE C 125 -11.51 -17.05 52.06
CA ILE C 125 -11.61 -18.32 52.77
C ILE C 125 -12.01 -18.13 54.22
N GLY C 126 -13.11 -18.76 54.62
CA GLY C 126 -13.55 -18.76 56.00
C GLY C 126 -13.89 -17.38 56.55
N PHE C 127 -14.21 -16.45 55.65
CA PHE C 127 -14.62 -15.11 56.07
C PHE C 127 -15.79 -15.18 57.05
N GLU C 128 -16.73 -16.06 56.75
CA GLU C 128 -17.95 -16.19 57.56
C GLU C 128 -17.67 -16.49 59.03
N VAL C 129 -16.55 -17.15 59.31
CA VAL C 129 -16.21 -17.54 60.68
C VAL C 129 -15.18 -16.59 61.32
N ALA C 130 -14.34 -15.98 60.50
CA ALA C 130 -13.26 -15.12 61.01
C ALA C 130 -13.74 -13.72 61.37
N PHE C 131 -14.35 -13.04 60.41
CA PHE C 131 -14.90 -11.70 60.62
C PHE C 131 -15.69 -11.57 61.93
N PRO C 132 -16.48 -12.60 62.28
CA PRO C 132 -17.14 -12.60 63.59
C PRO C 132 -16.14 -12.79 64.74
N SER C 133 -15.32 -13.84 64.68
CA SER C 133 -14.32 -14.09 65.71
C SER C 133 -13.52 -12.81 65.93
N LEU C 134 -13.38 -12.03 64.86
CA LEU C 134 -12.61 -10.81 64.89
C LEU C 134 -13.44 -9.67 65.45
N LEU C 135 -14.75 -9.83 65.40
CA LEU C 135 -15.66 -8.81 65.90
C LEU C 135 -16.03 -9.11 67.35
N GLU C 136 -15.56 -10.25 67.85
CA GLU C 136 -15.73 -10.60 69.25
C GLU C 136 -14.60 -9.98 70.08
N ILE C 137 -13.41 -9.98 69.50
CA ILE C 137 -12.21 -9.45 70.15
C ILE C 137 -12.26 -7.92 70.21
N ALA C 138 -12.92 -7.31 69.23
CA ALA C 138 -13.05 -5.86 69.17
C ALA C 138 -14.00 -5.36 70.24
N ARG C 139 -15.00 -6.17 70.56
CA ARG C 139 -15.93 -5.86 71.64
C ARG C 139 -15.19 -5.90 72.98
N GLY C 140 -14.31 -6.88 73.12
CA GLY C 140 -13.58 -7.10 74.36
C GLY C 140 -12.64 -5.98 74.75
N ILE C 141 -12.40 -5.04 73.84
CA ILE C 141 -11.50 -3.93 74.14
C ILE C 141 -12.13 -2.56 73.86
N ASN C 142 -13.45 -2.55 73.72
CA ASN C 142 -14.22 -1.31 73.62
C ASN C 142 -13.89 -0.47 72.39
N ILE C 143 -14.28 -0.97 71.23
CA ILE C 143 -14.22 -0.23 69.99
C ILE C 143 -15.66 0.04 69.55
N ASP C 144 -15.96 1.30 69.24
CA ASP C 144 -17.34 1.67 68.92
C ASP C 144 -17.67 1.43 67.45
N VAL C 145 -18.33 0.31 67.19
CA VAL C 145 -18.69 -0.10 65.83
C VAL C 145 -20.09 -0.69 65.82
N PRO C 146 -20.88 -0.38 64.78
CA PRO C 146 -22.26 -0.88 64.66
C PRO C 146 -22.34 -2.38 64.91
N TYR C 147 -22.57 -2.78 66.16
CA TYR C 147 -22.62 -4.20 66.51
C TYR C 147 -23.99 -4.82 66.26
N ASP C 148 -25.04 -4.04 66.47
CA ASP C 148 -26.41 -4.50 66.23
C ASP C 148 -26.72 -4.56 64.74
N SER C 149 -26.22 -3.58 63.99
CA SER C 149 -26.46 -3.42 62.55
C SER C 149 -26.93 -4.69 61.82
N PRO C 150 -27.93 -4.52 60.93
CA PRO C 150 -28.55 -5.62 60.19
C PRO C 150 -27.54 -6.52 59.51
N VAL C 151 -26.66 -5.93 58.70
CA VAL C 151 -25.67 -6.69 57.94
C VAL C 151 -24.88 -7.66 58.81
N LEU C 152 -24.52 -7.24 60.01
CA LEU C 152 -23.70 -8.06 60.90
C LEU C 152 -24.46 -9.19 61.58
N LYS C 153 -25.74 -8.97 61.86
CA LYS C 153 -26.53 -9.99 62.55
C LYS C 153 -26.59 -11.30 61.76
N ASP C 154 -26.46 -11.21 60.44
CA ASP C 154 -26.47 -12.41 59.59
C ASP C 154 -25.23 -13.25 59.82
N ILE C 155 -24.07 -12.72 59.44
CA ILE C 155 -22.81 -13.45 59.56
C ILE C 155 -22.67 -14.08 60.94
N TYR C 156 -23.12 -13.36 61.97
CA TYR C 156 -23.07 -13.84 63.34
C TYR C 156 -23.71 -15.22 63.48
N ALA C 157 -24.84 -15.41 62.82
CA ALA C 157 -25.55 -16.68 62.85
C ALA C 157 -24.94 -17.68 61.89
N LYS C 158 -24.61 -17.19 60.69
CA LYS C 158 -24.04 -18.04 59.64
C LYS C 158 -22.72 -18.64 60.09
N LYS C 159 -22.16 -18.09 61.17
CA LYS C 159 -20.92 -18.59 61.75
C LYS C 159 -21.17 -19.83 62.59
N GLU C 160 -21.96 -19.68 63.65
CA GLU C 160 -22.32 -20.79 64.50
C GLU C 160 -22.96 -21.88 63.66
N LEU C 161 -23.68 -21.46 62.63
CA LEU C 161 -24.24 -22.38 61.65
C LEU C 161 -23.11 -23.17 61.00
N LYS C 162 -22.14 -22.47 60.44
CA LYS C 162 -21.02 -23.08 59.73
C LYS C 162 -20.06 -23.80 60.68
N LEU C 163 -20.04 -23.40 61.94
CA LEU C 163 -19.16 -24.00 62.94
C LEU C 163 -19.59 -25.42 63.32
N THR C 164 -20.90 -25.66 63.34
CA THR C 164 -21.41 -26.96 63.76
C THR C 164 -21.18 -28.05 62.71
N ARG C 165 -21.11 -27.66 61.44
CA ARG C 165 -20.88 -28.60 60.35
C ARG C 165 -19.42 -29.02 60.27
N ILE C 166 -18.69 -28.83 61.36
CA ILE C 166 -17.25 -29.07 61.37
C ILE C 166 -16.84 -30.32 62.14
N PRO C 167 -16.27 -31.30 61.43
CA PRO C 167 -15.79 -32.59 61.96
C PRO C 167 -14.72 -32.42 63.05
N LYS C 168 -15.17 -32.31 64.30
CA LYS C 168 -14.26 -32.10 65.42
C LYS C 168 -13.33 -33.27 65.69
N GLU C 169 -13.81 -34.49 65.50
CA GLU C 169 -12.98 -35.66 65.77
C GLU C 169 -12.01 -35.93 64.62
N ILE C 170 -12.44 -35.64 63.40
CA ILE C 170 -11.60 -35.83 62.22
C ILE C 170 -10.48 -34.79 62.17
N MET C 171 -10.87 -33.52 62.26
CA MET C 171 -9.93 -32.41 62.29
C MET C 171 -8.83 -32.55 63.33
N HIS C 172 -9.05 -33.38 64.34
CA HIS C 172 -8.09 -33.53 65.43
C HIS C 172 -7.15 -34.72 65.24
N LYS C 173 -7.46 -35.57 64.27
CA LYS C 173 -6.75 -36.84 64.11
C LYS C 173 -5.94 -36.96 62.82
N ILE C 174 -6.46 -36.39 61.73
CA ILE C 174 -5.75 -36.43 60.46
C ILE C 174 -5.60 -35.03 59.86
N PRO C 175 -4.55 -34.83 59.05
CA PRO C 175 -4.28 -33.54 58.43
C PRO C 175 -5.40 -33.13 57.47
N THR C 176 -6.03 -31.99 57.73
CA THR C 176 -7.04 -31.45 56.83
C THR C 176 -6.72 -29.99 56.53
N THR C 177 -7.55 -29.35 55.71
CA THR C 177 -7.33 -27.95 55.39
C THR C 177 -7.88 -27.03 56.50
N LEU C 178 -8.58 -27.61 57.46
CA LEU C 178 -9.10 -26.85 58.58
C LEU C 178 -7.96 -26.27 59.42
N LEU C 179 -6.83 -26.96 59.42
CA LEU C 179 -5.66 -26.49 60.15
C LEU C 179 -5.23 -25.10 59.68
N HIS C 180 -5.54 -24.77 58.43
CA HIS C 180 -5.17 -23.50 57.84
C HIS C 180 -5.98 -22.35 58.44
N SER C 181 -7.11 -22.67 59.09
CA SER C 181 -8.01 -21.64 59.59
C SER C 181 -8.53 -21.89 61.00
N LEU C 182 -7.62 -22.09 61.95
CA LEU C 182 -8.01 -22.36 63.33
C LEU C 182 -8.56 -21.15 64.06
N GLU C 183 -8.24 -19.96 63.57
CA GLU C 183 -8.46 -18.72 64.32
C GLU C 183 -9.92 -18.34 64.57
N GLY C 184 -10.85 -19.27 64.36
CA GLY C 184 -12.25 -18.95 64.58
C GLY C 184 -12.97 -19.92 65.51
N MET C 185 -12.27 -20.99 65.89
CA MET C 185 -12.88 -22.08 66.61
C MET C 185 -12.50 -22.10 68.09
N ARG C 186 -13.31 -22.78 68.90
CA ARG C 186 -13.00 -22.96 70.32
C ARG C 186 -12.86 -24.44 70.62
N ASP C 187 -12.86 -24.77 71.91
CA ASP C 187 -12.80 -26.17 72.35
C ASP C 187 -11.85 -26.98 71.48
N LEU C 188 -10.57 -26.64 71.55
CA LEU C 188 -9.56 -27.28 70.71
C LEU C 188 -8.55 -28.03 71.55
N ASP C 189 -8.54 -29.35 71.41
CA ASP C 189 -7.58 -30.17 72.14
C ASP C 189 -6.16 -29.98 71.61
N TRP C 190 -5.48 -28.95 72.10
CA TRP C 190 -4.16 -28.58 71.57
C TRP C 190 -3.08 -29.65 71.73
N GLU C 191 -3.28 -30.60 72.64
CA GLU C 191 -2.31 -31.68 72.79
C GLU C 191 -2.33 -32.54 71.53
N LYS C 192 -3.50 -32.63 70.90
CA LYS C 192 -3.68 -33.42 69.69
C LYS C 192 -3.29 -32.63 68.45
N LEU C 193 -3.76 -31.39 68.36
CA LEU C 193 -3.50 -30.57 67.18
C LEU C 193 -2.01 -30.43 66.89
N LEU C 194 -1.18 -30.43 67.92
CA LEU C 194 0.25 -30.24 67.76
C LEU C 194 0.96 -31.40 67.06
N LYS C 195 0.24 -32.51 66.88
CA LYS C 195 0.78 -33.64 66.14
C LYS C 195 0.49 -33.44 64.67
N LEU C 196 -0.51 -32.61 64.38
CA LEU C 196 -0.87 -32.31 63.00
C LEU C 196 -0.09 -31.10 62.50
N GLN C 197 0.79 -30.59 63.34
CA GLN C 197 1.63 -29.44 63.01
C GLN C 197 2.60 -29.80 61.89
N SER C 198 2.88 -28.83 61.01
CA SER C 198 3.73 -29.07 59.85
C SER C 198 5.20 -29.06 60.21
N GLN C 199 6.01 -29.65 59.34
CA GLN C 199 7.43 -29.87 59.63
C GLN C 199 8.22 -28.60 59.88
N ASP C 200 7.74 -27.47 59.37
CA ASP C 200 8.44 -26.20 59.61
C ASP C 200 7.78 -25.40 60.72
N GLY C 201 6.92 -26.08 61.49
CA GLY C 201 6.30 -25.47 62.65
C GLY C 201 4.95 -24.81 62.42
N SER C 202 4.58 -24.57 61.17
CA SER C 202 3.34 -23.88 60.88
C SER C 202 2.11 -24.78 61.01
N PHE C 203 0.94 -24.15 61.06
CA PHE C 203 -0.31 -24.86 60.86
C PHE C 203 -0.83 -24.62 59.46
N LEU C 204 -0.51 -25.56 58.56
CA LEU C 204 -0.82 -25.45 57.14
C LEU C 204 -0.40 -24.12 56.52
N PHE C 205 0.83 -23.73 56.82
CA PHE C 205 1.46 -22.59 56.16
C PHE C 205 0.61 -21.34 56.19
N SER C 206 -0.12 -21.19 57.30
CA SER C 206 -0.88 -19.99 57.58
C SER C 206 -0.31 -19.26 58.78
N PRO C 207 0.23 -18.05 58.56
CA PRO C 207 0.74 -17.21 59.66
C PRO C 207 -0.33 -16.92 60.70
N SER C 208 -1.46 -16.34 60.28
CA SER C 208 -2.53 -16.02 61.23
C SER C 208 -2.95 -17.23 62.06
N SER C 209 -3.17 -18.36 61.40
CA SER C 209 -3.62 -19.56 62.09
C SER C 209 -2.57 -20.05 63.08
N THR C 210 -1.31 -19.89 62.72
CA THR C 210 -0.19 -20.32 63.57
C THR C 210 0.03 -19.39 64.77
N ALA C 211 -0.10 -18.09 64.55
CA ALA C 211 -0.04 -17.11 65.63
C ALA C 211 -1.06 -17.47 66.69
N PHE C 212 -2.31 -17.64 66.26
CA PHE C 212 -3.37 -18.06 67.17
C PHE C 212 -2.97 -19.32 67.94
N ALA C 213 -2.38 -20.28 67.25
CA ALA C 213 -1.89 -21.49 67.90
C ALA C 213 -0.80 -21.19 68.94
N PHE C 214 0.05 -20.22 68.65
CA PHE C 214 1.14 -19.88 69.58
C PHE C 214 0.63 -19.11 70.80
N MET C 215 -0.51 -18.45 70.65
CA MET C 215 -1.10 -17.71 71.76
C MET C 215 -1.85 -18.66 72.70
N GLN C 216 -1.99 -19.91 72.29
CA GLN C 216 -2.70 -20.90 73.11
C GLN C 216 -1.73 -21.91 73.70
N THR C 217 -0.57 -22.07 73.08
CA THR C 217 0.33 -23.16 73.42
C THR C 217 1.74 -22.69 73.73
N ARG C 218 2.10 -21.52 73.19
CA ARG C 218 3.44 -20.99 73.36
C ARG C 218 4.48 -21.96 72.80
N ASP C 219 4.09 -22.76 71.82
CA ASP C 219 5.01 -23.74 71.24
C ASP C 219 6.19 -23.06 70.57
N SER C 220 7.38 -23.65 70.73
CA SER C 220 8.59 -23.04 70.21
C SER C 220 8.68 -23.08 68.69
N ASN C 221 8.24 -24.19 68.10
CA ASN C 221 8.26 -24.36 66.64
C ASN C 221 7.38 -23.35 65.91
N CYS C 222 6.19 -23.10 66.44
CA CYS C 222 5.30 -22.09 65.88
C CYS C 222 6.03 -20.76 65.80
N LEU C 223 6.80 -20.47 66.84
CA LEU C 223 7.45 -19.19 66.96
C LEU C 223 8.55 -19.09 65.91
N GLU C 224 9.34 -20.15 65.76
CA GLU C 224 10.41 -20.15 64.77
C GLU C 224 9.85 -19.87 63.38
N TYR C 225 8.73 -20.50 63.06
CA TYR C 225 8.01 -20.23 61.81
C TYR C 225 7.65 -18.75 61.70
N LEU C 226 6.83 -18.26 62.64
CA LEU C 226 6.43 -16.85 62.64
C LEU C 226 7.64 -15.93 62.52
N ARG C 227 8.73 -16.27 63.21
CA ARG C 227 9.90 -15.42 63.20
C ARG C 227 10.53 -15.37 61.81
N ASN C 228 10.58 -16.52 61.13
CA ASN C 228 11.17 -16.58 59.79
C ASN C 228 10.36 -15.78 58.78
N ALA C 229 9.04 -15.85 58.93
CA ALA C 229 8.14 -15.13 58.05
C ALA C 229 8.32 -13.63 58.20
N VAL C 230 8.47 -13.18 59.44
CA VAL C 230 8.55 -11.75 59.69
C VAL C 230 9.85 -11.19 59.14
N LYS C 231 10.93 -11.97 59.24
CA LYS C 231 12.22 -11.54 58.69
C LYS C 231 12.14 -11.37 57.19
N ARG C 232 11.66 -12.42 56.52
CA ARG C 232 11.63 -12.50 55.06
C ARG C 232 10.83 -11.39 54.37
N PHE C 233 9.83 -10.85 55.06
CA PHE C 233 9.00 -9.80 54.46
C PHE C 233 9.07 -8.46 55.22
N ASN C 234 10.11 -8.30 56.03
CA ASN C 234 10.34 -7.03 56.71
C ASN C 234 9.15 -6.54 57.54
N GLY C 235 8.59 -7.44 58.36
CA GLY C 235 7.59 -7.04 59.32
C GLY C 235 6.18 -7.52 59.02
N GLY C 236 5.84 -7.62 57.74
CA GLY C 236 4.54 -8.13 57.35
C GLY C 236 4.58 -9.62 57.10
N VAL C 237 3.42 -10.23 56.96
CA VAL C 237 3.36 -11.63 56.55
C VAL C 237 2.30 -11.83 55.46
N PRO C 238 2.52 -12.81 54.56
CA PRO C 238 1.50 -13.14 53.57
C PRO C 238 0.42 -13.92 54.27
N ASN C 239 -0.63 -14.36 53.57
CA ASN C 239 -1.61 -15.22 54.19
C ASN C 239 -1.25 -16.69 54.01
N VAL C 240 -0.22 -16.94 53.21
CA VAL C 240 0.28 -18.28 53.02
C VAL C 240 1.79 -18.23 52.87
N PHE C 241 2.48 -19.20 53.47
CA PHE C 241 3.93 -19.21 53.48
C PHE C 241 4.43 -20.53 54.06
N PRO C 242 5.42 -21.16 53.41
CA PRO C 242 6.00 -20.73 52.13
C PRO C 242 5.04 -20.98 50.98
N VAL C 243 5.56 -20.89 49.76
CA VAL C 243 4.72 -20.96 48.58
C VAL C 243 5.63 -21.31 47.39
N ASP C 244 6.76 -21.94 47.71
CA ASP C 244 7.82 -22.22 46.76
C ASP C 244 7.45 -23.16 45.61
N LEU C 245 6.78 -24.27 45.92
CA LEU C 245 6.39 -25.21 44.87
C LEU C 245 5.40 -24.53 43.93
N PHE C 246 4.32 -24.00 44.48
CA PHE C 246 3.34 -23.27 43.69
C PHE C 246 3.95 -22.17 42.82
N GLU C 247 5.04 -21.55 43.24
CA GLU C 247 5.61 -20.48 42.44
C GLU C 247 6.59 -21.01 41.40
N HIS C 248 7.41 -21.98 41.78
CA HIS C 248 8.34 -22.59 40.84
C HIS C 248 7.60 -23.18 39.64
N ILE C 249 6.45 -23.81 39.89
CA ILE C 249 5.65 -24.47 38.86
C ILE C 249 4.95 -23.48 37.92
N TRP C 250 4.21 -22.53 38.50
CA TRP C 250 3.45 -21.57 37.70
C TRP C 250 4.33 -20.67 36.85
N ILE C 251 5.51 -20.31 37.33
CA ILE C 251 6.37 -19.46 36.53
C ILE C 251 6.74 -20.19 35.25
N VAL C 252 7.08 -21.47 35.37
CA VAL C 252 7.42 -22.28 34.21
C VAL C 252 6.23 -22.46 33.26
N ASP C 253 5.08 -22.82 33.81
CA ASP C 253 3.87 -22.93 33.00
C ASP C 253 3.63 -21.65 32.21
N ARG C 254 3.65 -20.50 32.91
CA ARG C 254 3.43 -19.22 32.27
C ARG C 254 4.47 -18.92 31.19
N LEU C 255 5.73 -19.17 31.52
CA LEU C 255 6.82 -18.92 30.59
C LEU C 255 6.72 -19.77 29.33
N GLN C 256 6.14 -20.96 29.45
CA GLN C 256 6.03 -21.86 28.30
C GLN C 256 4.87 -21.52 27.40
N ARG C 257 3.75 -21.10 27.99
CA ARG C 257 2.58 -20.76 27.19
C ARG C 257 2.76 -19.43 26.46
N LEU C 258 3.39 -18.46 27.14
CA LEU C 258 3.69 -17.18 26.51
C LEU C 258 4.68 -17.36 25.36
N GLY C 259 5.32 -18.53 25.31
CA GLY C 259 6.13 -18.92 24.18
C GLY C 259 7.57 -18.49 24.24
N ILE C 260 7.94 -17.81 25.32
CA ILE C 260 9.29 -17.27 25.44
C ILE C 260 10.22 -18.15 26.26
N SER C 261 9.78 -19.35 26.57
CA SER C 261 10.53 -20.24 27.47
C SER C 261 11.85 -20.74 26.91
N ARG C 262 12.10 -20.53 25.63
CA ARG C 262 13.36 -21.01 25.04
C ARG C 262 14.56 -20.18 25.51
N TYR C 263 14.31 -18.96 25.97
CA TYR C 263 15.37 -18.09 26.49
C TYR C 263 15.84 -18.52 27.87
N PHE C 264 14.98 -19.21 28.61
CA PHE C 264 15.24 -19.48 30.01
C PHE C 264 15.43 -20.96 30.26
N GLU C 265 16.04 -21.64 29.30
CA GLU C 265 16.22 -23.08 29.33
C GLU C 265 17.06 -23.57 30.51
N GLU C 266 18.15 -22.87 30.80
CA GLU C 266 19.06 -23.30 31.87
C GLU C 266 18.44 -23.07 33.25
N GLU C 267 17.72 -21.97 33.40
CA GLU C 267 17.06 -21.63 34.66
C GLU C 267 15.87 -22.53 34.90
N ILE C 268 15.02 -22.66 33.88
CA ILE C 268 13.86 -23.53 33.95
C ILE C 268 14.23 -24.96 34.32
N LYS C 269 15.33 -25.47 33.77
CA LYS C 269 15.76 -26.80 34.15
C LYS C 269 15.89 -26.85 35.67
N GLU C 270 16.63 -25.88 36.21
CA GLU C 270 16.91 -25.84 37.62
C GLU C 270 15.68 -25.59 38.48
N CYS C 271 14.63 -25.02 37.90
CA CYS C 271 13.38 -24.87 38.63
C CYS C 271 12.70 -26.22 38.78
N LEU C 272 12.80 -27.05 37.75
CA LEU C 272 12.21 -28.39 37.82
C LEU C 272 12.97 -29.29 38.77
N ASP C 273 14.31 -29.27 38.69
CA ASP C 273 15.13 -30.06 39.61
C ASP C 273 14.69 -29.78 41.03
N TYR C 274 14.47 -28.50 41.32
CA TYR C 274 13.98 -28.08 42.63
C TYR C 274 12.65 -28.76 42.94
N VAL C 275 11.67 -28.56 42.06
CA VAL C 275 10.35 -29.15 42.25
C VAL C 275 10.38 -30.68 42.37
N HIS C 276 11.17 -31.32 41.53
CA HIS C 276 11.29 -32.76 41.56
C HIS C 276 11.84 -33.26 42.88
N ARG C 277 12.71 -32.46 43.49
CA ARG C 277 13.39 -32.84 44.72
C ARG C 277 12.41 -32.97 45.88
N TYR C 278 11.28 -32.26 45.79
CA TYR C 278 10.29 -32.27 46.86
C TYR C 278 9.02 -33.02 46.46
N TRP C 279 9.05 -33.63 45.28
CA TRP C 279 7.96 -34.46 44.78
C TRP C 279 7.86 -35.77 45.57
N THR C 280 6.63 -36.18 45.89
CA THR C 280 6.40 -37.42 46.63
C THR C 280 5.27 -38.24 46.03
N ASP C 281 5.25 -39.52 46.37
CA ASP C 281 4.27 -40.46 45.83
C ASP C 281 2.84 -40.07 46.17
N ASN C 282 2.69 -39.13 47.10
CA ASN C 282 1.38 -38.64 47.50
C ASN C 282 1.10 -37.29 46.89
N GLY C 283 2.01 -36.88 46.01
CA GLY C 283 1.92 -35.58 45.37
C GLY C 283 2.50 -34.49 46.25
N ILE C 284 2.14 -33.25 45.94
CA ILE C 284 2.63 -32.10 46.69
C ILE C 284 1.47 -31.13 46.92
N CYS C 285 1.73 -30.08 47.70
CA CYS C 285 0.89 -28.89 47.67
C CYS C 285 1.73 -27.68 47.28
N TRP C 286 1.28 -26.47 47.59
CA TRP C 286 2.00 -25.27 47.20
C TRP C 286 3.35 -25.13 47.89
N ALA C 287 3.44 -25.66 49.12
CA ALA C 287 4.66 -25.54 49.93
C ALA C 287 5.37 -26.87 50.06
N ARG C 288 6.70 -26.83 50.09
CA ARG C 288 7.47 -28.06 50.23
C ARG C 288 7.23 -28.72 51.59
N CYS C 289 7.32 -30.06 51.61
CA CYS C 289 7.21 -30.85 52.84
C CYS C 289 5.90 -30.70 53.60
N SER C 290 4.81 -31.21 53.01
CA SER C 290 3.50 -31.09 53.61
C SER C 290 2.87 -32.47 53.82
N HIS C 291 1.99 -32.58 54.81
CA HIS C 291 1.25 -33.81 55.02
C HIS C 291 -0.10 -33.71 54.34
N VAL C 292 -0.35 -32.55 53.74
CA VAL C 292 -1.54 -32.32 52.93
C VAL C 292 -1.15 -31.96 51.50
N GLN C 293 -1.74 -32.65 50.53
CA GLN C 293 -1.47 -32.37 49.12
C GLN C 293 -2.73 -31.93 48.42
N ASP C 294 -2.58 -31.22 47.31
CA ASP C 294 -3.74 -30.81 46.52
C ASP C 294 -3.61 -31.18 45.03
N ILE C 295 -4.74 -31.40 44.39
CA ILE C 295 -4.79 -31.89 43.02
C ILE C 295 -4.22 -30.84 42.05
N ASP C 296 -4.54 -29.58 42.28
CA ASP C 296 -4.11 -28.52 41.39
C ASP C 296 -2.58 -28.46 41.28
N ASP C 297 -1.90 -28.37 42.41
CA ASP C 297 -0.44 -28.35 42.42
C ASP C 297 0.19 -29.65 41.91
N THR C 298 -0.43 -30.78 42.25
CA THR C 298 0.10 -32.09 41.85
C THR C 298 -0.05 -32.34 40.36
N ALA C 299 -1.15 -31.85 39.78
CA ALA C 299 -1.38 -31.98 38.35
C ALA C 299 -0.34 -31.23 37.55
N MET C 300 -0.05 -29.99 37.94
CA MET C 300 0.93 -29.16 37.24
C MET C 300 2.32 -29.77 37.31
N ALA C 301 2.78 -30.11 38.51
CA ALA C 301 4.10 -30.69 38.66
C ALA C 301 4.23 -31.93 37.76
N PHE C 302 3.23 -32.80 37.84
CA PHE C 302 3.22 -34.05 37.08
C PHE C 302 3.43 -33.79 35.60
N ARG C 303 2.66 -32.86 35.06
CA ARG C 303 2.76 -32.53 33.64
C ARG C 303 4.15 -32.01 33.28
N LEU C 304 4.52 -30.86 33.83
CA LEU C 304 5.83 -30.30 33.57
C LEU C 304 6.96 -31.32 33.74
N LEU C 305 6.92 -32.07 34.84
CA LEU C 305 7.95 -33.09 35.10
C LEU C 305 8.01 -34.17 34.02
N ARG C 306 6.86 -34.77 33.72
CA ARG C 306 6.81 -35.83 32.73
C ARG C 306 7.26 -35.37 31.34
N GLN C 307 6.84 -34.16 30.96
CA GLN C 307 7.14 -33.63 29.64
C GLN C 307 8.60 -33.22 29.51
N HIS C 308 9.28 -33.07 30.64
CA HIS C 308 10.68 -32.69 30.63
C HIS C 308 11.62 -33.85 30.93
N GLY C 309 11.06 -35.05 31.07
CA GLY C 309 11.87 -36.25 31.16
C GLY C 309 11.92 -36.97 32.49
N TYR C 310 11.55 -36.28 33.58
CA TYR C 310 11.63 -36.89 34.91
C TYR C 310 10.63 -38.04 35.01
N GLN C 311 11.05 -39.14 35.64
CA GLN C 311 10.18 -40.29 35.79
C GLN C 311 9.21 -40.12 36.96
N VAL C 312 7.96 -39.82 36.65
CA VAL C 312 6.92 -39.63 37.66
C VAL C 312 5.77 -40.63 37.47
N SER C 313 5.36 -41.27 38.56
CA SER C 313 4.27 -42.23 38.48
C SER C 313 2.92 -41.54 38.62
N ALA C 314 1.94 -42.03 37.88
CA ALA C 314 0.58 -41.48 37.93
C ALA C 314 -0.23 -42.02 39.12
N ASP C 315 0.30 -43.03 39.83
CA ASP C 315 -0.35 -43.53 41.03
C ASP C 315 -0.61 -42.38 41.99
N VAL C 316 0.30 -41.41 41.95
CA VAL C 316 0.14 -40.14 42.63
C VAL C 316 -1.30 -39.67 42.76
N PHE C 317 -2.08 -39.84 41.69
CA PHE C 317 -3.43 -39.30 41.63
C PHE C 317 -4.49 -40.14 42.34
N LYS C 318 -4.15 -41.38 42.69
CA LYS C 318 -5.13 -42.31 43.28
C LYS C 318 -5.93 -41.72 44.44
N ASN C 319 -5.24 -41.16 45.42
CA ASN C 319 -5.89 -40.68 46.65
C ASN C 319 -6.86 -39.53 46.45
N PHE C 320 -6.82 -38.91 45.28
CA PHE C 320 -7.69 -37.77 45.00
C PHE C 320 -9.03 -38.20 44.43
N GLU C 321 -9.13 -39.48 44.10
CA GLU C 321 -10.30 -40.03 43.44
C GLU C 321 -11.25 -40.72 44.43
N LYS C 322 -12.55 -40.52 44.21
CA LYS C 322 -13.57 -41.21 44.99
C LYS C 322 -14.74 -41.57 44.07
N GLU C 323 -14.84 -42.86 43.75
CA GLU C 323 -15.98 -43.36 43.00
C GLU C 323 -16.13 -42.69 41.64
N GLY C 324 -15.04 -42.65 40.89
CA GLY C 324 -15.06 -42.13 39.53
C GLY C 324 -14.80 -40.64 39.41
N GLU C 325 -14.91 -39.93 40.54
CA GLU C 325 -14.68 -38.49 40.54
C GLU C 325 -13.35 -38.13 41.16
N PHE C 326 -12.89 -36.91 40.88
CA PHE C 326 -11.63 -36.41 41.43
C PHE C 326 -11.87 -35.12 42.22
N PHE C 327 -11.12 -34.94 43.30
CA PHE C 327 -11.36 -33.82 44.21
C PHE C 327 -10.05 -33.08 44.52
N CYS C 328 -10.18 -31.84 45.00
CA CYS C 328 -9.03 -30.99 45.25
C CYS C 328 -8.10 -31.54 46.34
N PHE C 329 -8.66 -31.92 47.48
CA PHE C 329 -7.86 -32.43 48.59
C PHE C 329 -8.35 -33.79 49.04
N VAL C 330 -7.40 -34.67 49.36
CA VAL C 330 -7.75 -35.98 49.88
C VAL C 330 -8.75 -35.85 51.03
N GLY C 331 -9.85 -36.58 50.92
CA GLY C 331 -10.82 -36.66 52.00
C GLY C 331 -11.90 -35.60 51.99
N GLN C 332 -11.75 -34.59 51.14
CA GLN C 332 -12.68 -33.46 51.16
C GLN C 332 -13.52 -33.38 49.89
N SER C 333 -14.62 -32.64 49.97
CA SER C 333 -15.58 -32.59 48.86
C SER C 333 -15.27 -31.44 47.90
N ASN C 334 -14.32 -30.60 48.26
CA ASN C 334 -14.00 -29.40 47.48
C ASN C 334 -13.61 -29.70 46.03
N GLN C 335 -14.32 -29.09 45.09
CA GLN C 335 -13.97 -29.16 43.66
C GLN C 335 -13.74 -27.76 43.14
N ALA C 336 -12.79 -27.62 42.22
CA ALA C 336 -12.45 -26.30 41.68
C ALA C 336 -12.18 -26.34 40.18
N VAL C 337 -12.49 -25.23 39.51
CA VAL C 337 -12.40 -25.17 38.06
C VAL C 337 -10.97 -25.23 37.53
N THR C 338 -10.06 -24.42 38.07
CA THR C 338 -8.67 -24.46 37.62
C THR C 338 -8.03 -25.78 38.04
N GLY C 339 -8.52 -26.33 39.13
CA GLY C 339 -8.02 -27.60 39.61
C GLY C 339 -8.30 -28.70 38.61
N MET C 340 -9.55 -28.75 38.15
CA MET C 340 -9.95 -29.75 37.16
C MET C 340 -9.28 -29.46 35.82
N PHE C 341 -9.28 -28.19 35.42
CA PHE C 341 -8.64 -27.76 34.19
C PHE C 341 -7.19 -28.24 34.10
N ASN C 342 -6.47 -28.20 35.21
CA ASN C 342 -5.09 -28.69 35.22
C ASN C 342 -4.98 -30.21 35.33
N LEU C 343 -5.98 -30.85 35.91
CA LEU C 343 -6.05 -32.31 35.95
C LEU C 343 -6.26 -32.83 34.53
N TYR C 344 -7.08 -32.11 33.78
CA TYR C 344 -7.32 -32.42 32.37
C TYR C 344 -6.02 -32.36 31.58
N ARG C 345 -5.38 -31.19 31.59
CA ARG C 345 -4.11 -31.02 30.88
C ARG C 345 -3.07 -32.08 31.23
N ALA C 346 -3.10 -32.56 32.46
CA ALA C 346 -2.16 -33.59 32.90
C ALA C 346 -2.55 -34.96 32.37
N SER C 347 -3.83 -35.28 32.50
CA SER C 347 -4.33 -36.59 32.09
C SER C 347 -3.95 -36.91 30.65
N GLN C 348 -3.79 -35.88 29.82
CA GLN C 348 -3.50 -36.07 28.40
C GLN C 348 -2.09 -36.59 28.13
N LEU C 349 -1.26 -36.65 29.17
CA LEU C 349 0.08 -37.18 29.02
C LEU C 349 0.16 -38.61 29.51
N ALA C 350 -1.01 -39.18 29.78
CA ALA C 350 -1.11 -40.56 30.24
C ALA C 350 -0.38 -41.49 29.29
N PHE C 351 0.44 -42.37 29.84
CA PHE C 351 1.02 -43.45 29.06
C PHE C 351 -0.09 -44.48 28.82
N PRO C 352 0.16 -45.44 27.91
CA PRO C 352 -0.84 -46.43 27.52
C PRO C 352 -1.45 -47.21 28.71
N ARG C 353 -0.61 -47.69 29.61
CA ARG C 353 -1.05 -48.59 30.68
C ARG C 353 -1.77 -47.92 31.84
N GLU C 354 -1.61 -46.60 31.97
CA GLU C 354 -2.08 -45.87 33.16
C GLU C 354 -3.57 -45.62 33.18
N GLU C 355 -4.31 -46.55 33.79
CA GLU C 355 -5.77 -46.50 33.79
C GLU C 355 -6.35 -45.31 34.55
N ILE C 356 -5.76 -44.98 35.69
CA ILE C 356 -6.31 -43.93 36.53
C ILE C 356 -6.35 -42.57 35.82
N LEU C 357 -5.39 -42.31 34.94
CA LEU C 357 -5.40 -41.09 34.14
C LEU C 357 -6.46 -41.13 33.04
N LYS C 358 -6.78 -42.34 32.60
CA LYS C 358 -7.86 -42.53 31.64
C LYS C 358 -9.17 -42.08 32.27
N ASN C 359 -9.38 -42.47 33.53
CA ASN C 359 -10.56 -42.03 34.28
C ASN C 359 -10.50 -40.54 34.56
N ALA C 360 -9.30 -40.07 34.90
CA ALA C 360 -9.08 -38.67 35.23
C ALA C 360 -9.46 -37.75 34.07
N LYS C 361 -9.12 -38.17 32.86
CA LYS C 361 -9.38 -37.39 31.66
C LYS C 361 -10.88 -37.31 31.38
N GLU C 362 -11.57 -38.44 31.53
CA GLU C 362 -13.00 -38.51 31.28
C GLU C 362 -13.79 -37.65 32.25
N PHE C 363 -13.42 -37.68 33.53
CA PHE C 363 -14.13 -36.91 34.55
C PHE C 363 -13.87 -35.42 34.44
N SER C 364 -12.60 -35.06 34.28
CA SER C 364 -12.22 -33.67 34.13
C SER C 364 -12.86 -33.07 32.89
N TYR C 365 -12.91 -33.85 31.82
CA TYR C 365 -13.47 -33.37 30.55
C TYR C 365 -14.97 -33.11 30.64
N ASN C 366 -15.71 -34.07 31.19
CA ASN C 366 -17.16 -33.92 31.29
C ASN C 366 -17.57 -32.93 32.36
N TYR C 367 -16.71 -32.75 33.36
CA TYR C 367 -16.91 -31.72 34.37
C TYR C 367 -16.78 -30.33 33.74
N LEU C 368 -15.64 -30.09 33.09
CA LEU C 368 -15.41 -28.83 32.39
C LEU C 368 -16.48 -28.54 31.35
N LEU C 369 -17.02 -29.60 30.73
CA LEU C 369 -18.06 -29.44 29.72
C LEU C 369 -19.38 -28.95 30.32
N GLU C 370 -19.87 -29.65 31.34
CA GLU C 370 -21.07 -29.23 32.08
C GLU C 370 -20.93 -27.78 32.53
N LYS C 371 -19.72 -27.39 32.93
CA LYS C 371 -19.47 -26.05 33.41
C LYS C 371 -19.53 -25.02 32.29
N ARG C 372 -18.90 -25.33 31.16
CA ARG C 372 -18.88 -24.41 30.04
C ARG C 372 -20.29 -24.13 29.52
N GLU C 373 -21.21 -25.07 29.75
CA GLU C 373 -22.57 -24.95 29.25
C GLU C 373 -23.47 -24.16 30.19
N ARG C 374 -23.18 -24.23 31.49
CA ARG C 374 -23.91 -23.43 32.48
C ARG C 374 -23.25 -22.06 32.62
N GLU C 375 -22.08 -21.91 32.00
CA GLU C 375 -21.32 -20.67 32.05
C GLU C 375 -20.78 -20.33 33.45
N GLU C 376 -20.58 -21.37 34.25
CA GLU C 376 -19.95 -21.25 35.55
C GLU C 376 -18.46 -21.53 35.41
N LEU C 377 -17.86 -21.02 34.35
CA LEU C 377 -16.44 -21.24 34.08
C LEU C 377 -15.53 -20.25 34.84
N ILE C 378 -16.07 -19.66 35.90
CA ILE C 378 -15.27 -18.76 36.73
C ILE C 378 -14.86 -19.47 38.02
N ASP C 379 -13.64 -19.24 38.46
CA ASP C 379 -13.17 -19.80 39.73
C ASP C 379 -13.37 -18.79 40.84
N LYS C 380 -13.96 -19.24 41.94
CA LYS C 380 -14.24 -18.36 43.07
C LYS C 380 -12.97 -17.93 43.80
N TRP C 381 -11.89 -18.66 43.60
CA TRP C 381 -10.64 -18.45 44.34
C TRP C 381 -9.58 -17.66 43.59
N ILE C 382 -9.84 -17.31 42.33
CA ILE C 382 -8.84 -16.60 41.53
C ILE C 382 -9.48 -15.72 40.46
N ILE C 383 -9.40 -14.41 40.66
CA ILE C 383 -9.94 -13.46 39.69
C ILE C 383 -9.02 -13.35 38.47
N MET C 384 -9.55 -13.72 37.30
CA MET C 384 -8.73 -13.83 36.09
C MET C 384 -9.23 -12.95 34.95
N LYS C 385 -8.45 -12.87 33.88
CA LYS C 385 -8.81 -12.08 32.71
C LYS C 385 -9.69 -12.85 31.73
N ASP C 386 -9.32 -14.08 31.40
CA ASP C 386 -10.10 -14.88 30.47
C ASP C 386 -10.00 -16.38 30.74
N LEU C 387 -10.55 -16.82 31.87
CA LEU C 387 -10.52 -18.23 32.23
C LEU C 387 -11.33 -19.11 31.27
N PRO C 388 -12.54 -18.66 30.90
CA PRO C 388 -13.37 -19.47 29.99
C PRO C 388 -12.76 -19.56 28.60
N GLY C 389 -11.86 -18.64 28.29
CA GLY C 389 -11.14 -18.67 27.04
C GLY C 389 -10.02 -19.68 27.05
N GLU C 390 -9.26 -19.71 28.14
CA GLU C 390 -8.19 -20.69 28.28
C GLU C 390 -8.76 -22.09 28.24
N ILE C 391 -9.92 -22.27 28.88
CA ILE C 391 -10.55 -23.57 28.99
C ILE C 391 -11.26 -23.96 27.70
N GLY C 392 -11.95 -23.01 27.10
CA GLY C 392 -12.60 -23.24 25.81
C GLY C 392 -11.59 -23.78 24.83
N PHE C 393 -10.37 -23.25 24.89
CA PHE C 393 -9.32 -23.66 23.98
C PHE C 393 -8.79 -25.07 24.25
N ALA C 394 -8.78 -25.47 25.52
CA ALA C 394 -8.31 -26.82 25.86
C ALA C 394 -9.35 -27.87 25.46
N LEU C 395 -10.61 -27.44 25.34
CA LEU C 395 -11.66 -28.35 24.91
C LEU C 395 -11.69 -28.46 23.39
N GLU C 396 -11.62 -27.32 22.70
CA GLU C 396 -11.60 -27.30 21.24
C GLU C 396 -10.38 -28.05 20.71
N ILE C 397 -9.24 -27.95 21.40
CA ILE C 397 -7.98 -28.48 20.91
C ILE C 397 -7.29 -29.39 21.94
N PRO C 398 -7.30 -30.71 21.69
CA PRO C 398 -6.60 -31.64 22.58
C PRO C 398 -5.12 -31.32 22.62
N TRP C 399 -4.37 -31.93 23.53
CA TRP C 399 -2.94 -31.69 23.61
C TRP C 399 -2.21 -32.26 22.40
N TYR C 400 -2.67 -33.42 21.93
CA TYR C 400 -2.08 -34.05 20.75
C TYR C 400 -2.10 -33.14 19.53
N ALA C 401 -3.07 -32.24 19.48
CA ALA C 401 -3.22 -31.31 18.36
C ALA C 401 -2.63 -29.94 18.65
N SER C 402 -2.16 -29.74 19.88
CA SER C 402 -1.68 -28.42 20.32
C SER C 402 -0.36 -28.03 19.68
N LEU C 403 -0.43 -27.23 18.62
CA LEU C 403 0.77 -26.67 18.02
C LEU C 403 1.16 -25.41 18.76
N PRO C 404 2.43 -25.33 19.19
CA PRO C 404 3.00 -24.26 20.00
C PRO C 404 2.45 -22.87 19.68
N ARG C 405 2.65 -22.41 18.45
CA ARG C 405 2.27 -21.06 18.06
C ARG C 405 0.78 -20.79 18.21
N VAL C 406 -0.03 -21.83 17.98
CA VAL C 406 -1.49 -21.69 18.05
C VAL C 406 -1.93 -21.54 19.49
N GLU C 407 -1.35 -22.35 20.37
CA GLU C 407 -1.56 -22.26 21.80
C GLU C 407 -1.15 -20.87 22.27
N THR C 408 0.09 -20.50 21.97
CA THR C 408 0.62 -19.20 22.39
C THR C 408 -0.20 -18.02 21.86
N ARG C 409 -0.53 -18.05 20.58
CA ARG C 409 -1.29 -16.97 19.98
C ARG C 409 -2.57 -16.66 20.75
N PHE C 410 -3.14 -17.67 21.38
CA PHE C 410 -4.40 -17.51 22.09
C PHE C 410 -4.19 -17.13 23.55
N TYR C 411 -3.10 -17.61 24.13
CA TYR C 411 -2.82 -17.34 25.53
C TYR C 411 -2.43 -15.89 25.77
N ILE C 412 -1.65 -15.32 24.86
CA ILE C 412 -1.21 -13.93 25.02
C ILE C 412 -2.39 -12.99 25.17
N ASP C 413 -3.53 -13.36 24.61
CA ASP C 413 -4.74 -12.54 24.71
C ASP C 413 -5.59 -12.93 25.91
N GLN C 414 -5.10 -13.91 26.67
CA GLN C 414 -5.82 -14.40 27.84
C GLN C 414 -5.06 -14.12 29.14
N TYR C 415 -3.73 -14.06 29.06
CA TYR C 415 -2.88 -13.79 30.22
C TYR C 415 -3.15 -12.39 30.76
N GLY C 416 -3.53 -12.33 32.04
CA GLY C 416 -3.98 -11.08 32.65
C GLY C 416 -2.89 -10.24 33.26
N GLY C 417 -1.65 -10.68 33.12
CA GLY C 417 -0.51 -9.95 33.68
C GLY C 417 -0.74 -9.62 35.14
N GLU C 418 -0.28 -8.45 35.57
CA GLU C 418 -0.37 -8.09 36.98
C GLU C 418 -1.78 -7.74 37.45
N ASN C 419 -2.77 -7.94 36.59
CA ASN C 419 -4.15 -7.68 36.99
C ASN C 419 -4.84 -8.91 37.57
N ASP C 420 -4.11 -10.02 37.65
CA ASP C 420 -4.66 -11.24 38.22
C ASP C 420 -4.52 -11.25 39.74
N VAL C 421 -5.63 -11.49 40.42
CA VAL C 421 -5.69 -11.39 41.87
C VAL C 421 -6.26 -12.66 42.48
N TRP C 422 -5.50 -13.28 43.38
CA TRP C 422 -5.93 -14.50 44.02
C TRP C 422 -6.72 -14.21 45.30
N ILE C 423 -7.49 -15.19 45.76
CA ILE C 423 -8.32 -15.00 46.94
C ILE C 423 -8.08 -16.09 47.97
N GLY C 424 -7.50 -15.72 49.10
CA GLY C 424 -7.32 -16.63 50.21
C GLY C 424 -8.05 -16.08 51.43
N LYS C 425 -7.34 -15.94 52.55
CA LYS C 425 -7.88 -15.25 53.70
C LYS C 425 -8.14 -13.79 53.31
N THR C 426 -7.20 -13.23 52.55
CA THR C 426 -7.36 -11.90 51.96
C THR C 426 -7.01 -11.95 50.48
N LEU C 427 -7.18 -10.82 49.78
CA LEU C 427 -6.72 -10.73 48.40
C LEU C 427 -5.20 -10.62 48.38
N TYR C 428 -4.55 -11.39 47.51
CA TYR C 428 -3.11 -11.26 47.36
C TYR C 428 -2.65 -11.39 45.90
N ARG C 429 -1.39 -11.03 45.66
CA ARG C 429 -0.83 -10.99 44.33
C ARG C 429 0.51 -11.70 44.26
N MET C 430 0.89 -12.16 43.07
CA MET C 430 2.12 -12.89 42.89
C MET C 430 2.96 -12.26 41.78
N PRO C 431 3.65 -11.17 42.09
CA PRO C 431 4.49 -10.41 41.18
C PRO C 431 5.28 -11.24 40.17
N TYR C 432 5.80 -12.40 40.58
CA TYR C 432 6.64 -13.21 39.69
C TYR C 432 5.89 -14.25 38.86
N VAL C 433 4.60 -14.44 39.15
CA VAL C 433 3.75 -15.32 38.34
C VAL C 433 2.94 -14.49 37.35
N ASN C 434 2.07 -13.62 37.85
CA ASN C 434 1.35 -12.67 37.02
C ASN C 434 2.15 -11.37 36.93
N ASN C 435 2.60 -11.01 35.73
CA ASN C 435 3.56 -9.92 35.62
C ASN C 435 3.66 -9.33 34.20
N ASN C 436 3.55 -8.01 34.09
CA ASN C 436 3.55 -7.32 32.80
C ASN C 436 4.83 -7.37 31.96
N GLY C 437 5.96 -7.62 32.60
CA GLY C 437 7.21 -7.75 31.88
C GLY C 437 7.25 -8.99 31.00
N TYR C 438 6.61 -10.06 31.46
CA TYR C 438 6.49 -11.29 30.68
C TYR C 438 5.66 -11.02 29.43
N LEU C 439 4.47 -10.46 29.65
CA LEU C 439 3.52 -10.23 28.57
C LEU C 439 4.03 -9.27 27.51
N GLU C 440 4.91 -8.35 27.91
CA GLU C 440 5.47 -7.40 26.95
C GLU C 440 6.56 -8.06 26.12
N LEU C 441 7.29 -8.99 26.74
CA LEU C 441 8.25 -9.81 26.03
C LEU C 441 7.56 -10.76 25.07
N ALA C 442 6.53 -11.46 25.56
CA ALA C 442 5.81 -12.41 24.73
C ALA C 442 5.30 -11.76 23.44
N LYS C 443 4.89 -10.50 23.53
CA LYS C 443 4.46 -9.73 22.36
C LYS C 443 5.64 -9.40 21.45
N GLN C 444 6.64 -8.74 22.01
CA GLN C 444 7.83 -8.40 21.23
C GLN C 444 8.42 -9.61 20.53
N ASP C 445 8.38 -10.78 21.17
CA ASP C 445 8.97 -11.97 20.58
C ASP C 445 8.06 -12.62 19.56
N TYR C 446 6.77 -12.68 19.88
CA TYR C 446 5.81 -13.27 18.97
C TYR C 446 5.76 -12.49 17.66
N ASN C 447 5.89 -11.17 17.77
CA ASN C 447 5.83 -10.30 16.60
C ASN C 447 7.11 -10.33 15.77
N ASN C 448 8.25 -10.48 16.44
CA ASN C 448 9.52 -10.61 15.72
C ASN C 448 9.57 -11.90 14.89
N CYS C 449 9.08 -13.00 15.44
CA CYS C 449 9.06 -14.28 14.72
C CYS C 449 8.03 -14.28 13.61
N GLN C 450 6.93 -13.57 13.83
CA GLN C 450 5.86 -13.47 12.84
C GLN C 450 6.33 -12.69 11.60
N ALA C 451 7.09 -11.62 11.82
CA ALA C 451 7.64 -10.84 10.71
C ALA C 451 8.61 -11.68 9.90
N GLN C 452 9.40 -12.49 10.61
CA GLN C 452 10.31 -13.43 9.97
C GLN C 452 9.52 -14.47 9.18
N HIS C 453 8.36 -14.87 9.70
CA HIS C 453 7.51 -15.83 9.01
C HIS C 453 6.91 -15.26 7.73
N GLN C 454 6.53 -13.99 7.78
CA GLN C 454 5.90 -13.36 6.64
C GLN C 454 6.93 -13.09 5.54
N LEU C 455 8.18 -12.88 5.95
CA LEU C 455 9.26 -12.71 4.99
C LEU C 455 9.53 -14.05 4.30
N GLU C 456 9.45 -15.13 5.07
CA GLU C 456 9.69 -16.47 4.52
C GLU C 456 8.56 -16.91 3.60
N TRP C 457 7.33 -16.48 3.89
CA TRP C 457 6.18 -16.89 3.11
C TRP C 457 6.16 -16.24 1.74
N ASP C 458 6.77 -15.05 1.64
CA ASP C 458 6.90 -14.38 0.35
C ASP C 458 7.91 -15.14 -0.51
N ILE C 459 9.04 -15.49 0.09
CA ILE C 459 10.04 -16.34 -0.56
C ILE C 459 9.43 -17.66 -1.00
N PHE C 460 8.64 -18.28 -0.12
CA PHE C 460 8.06 -19.59 -0.38
C PHE C 460 7.18 -19.62 -1.63
N GLN C 461 6.41 -18.56 -1.82
CA GLN C 461 5.56 -18.46 -3.00
C GLN C 461 6.40 -18.26 -4.26
N LYS C 462 7.48 -17.50 -4.13
CA LYS C 462 8.39 -17.27 -5.26
C LYS C 462 9.30 -18.47 -5.50
N TRP C 463 8.90 -19.63 -5.01
CA TRP C 463 9.61 -20.87 -5.25
C TRP C 463 8.59 -21.88 -5.73
N TYR C 464 7.34 -21.62 -5.37
CA TYR C 464 6.20 -22.36 -5.87
C TYR C 464 5.96 -21.95 -7.33
N GLU C 465 6.25 -20.70 -7.64
CA GLU C 465 5.98 -20.16 -8.98
C GLU C 465 7.11 -20.40 -9.97
N GLU C 466 8.35 -20.22 -9.54
CA GLU C 466 9.49 -20.42 -10.42
C GLU C 466 9.68 -21.89 -10.80
N ASN C 467 9.28 -22.79 -9.92
CA ASN C 467 9.28 -24.21 -10.26
C ASN C 467 7.93 -24.70 -10.81
N ARG C 468 6.97 -23.79 -10.88
CA ARG C 468 5.69 -24.06 -11.51
C ARG C 468 5.00 -25.25 -10.86
N LEU C 469 5.12 -25.38 -9.55
CA LEU C 469 4.56 -26.52 -8.85
C LEU C 469 3.03 -26.55 -8.96
N SER C 470 2.45 -25.44 -9.43
CA SER C 470 1.01 -25.36 -9.64
C SER C 470 0.56 -26.40 -10.67
N GLU C 471 1.46 -26.73 -11.59
CA GLU C 471 1.14 -27.63 -12.67
C GLU C 471 1.40 -29.07 -12.29
N TRP C 472 2.15 -29.29 -11.22
CA TRP C 472 2.40 -30.64 -10.74
C TRP C 472 1.35 -31.07 -9.73
N GLY C 473 0.23 -30.34 -9.71
CA GLY C 473 -0.90 -30.69 -8.88
C GLY C 473 -0.70 -30.32 -7.43
N VAL C 474 -0.35 -29.07 -7.19
CA VAL C 474 -0.19 -28.55 -5.84
C VAL C 474 -0.73 -27.12 -5.82
N ARG C 475 -1.96 -26.95 -5.35
CA ARG C 475 -2.60 -25.63 -5.43
C ARG C 475 -2.21 -24.71 -4.27
N ARG C 476 -2.62 -23.45 -4.37
CA ARG C 476 -2.12 -22.39 -3.49
C ARG C 476 -2.42 -22.60 -2.00
N SER C 477 -3.59 -23.16 -1.70
CA SER C 477 -3.98 -23.37 -0.31
C SER C 477 -3.13 -24.46 0.34
N GLU C 478 -2.92 -25.56 -0.39
CA GLU C 478 -2.08 -26.64 0.11
C GLU C 478 -0.69 -26.12 0.44
N LEU C 479 -0.16 -25.25 -0.42
CA LEU C 479 1.15 -24.64 -0.18
C LEU C 479 1.17 -23.93 1.16
N LEU C 480 0.20 -23.03 1.35
CA LEU C 480 0.06 -22.32 2.61
C LEU C 480 0.00 -23.29 3.79
N GLU C 481 -0.92 -24.25 3.72
CA GLU C 481 -1.09 -25.24 4.78
C GLU C 481 0.21 -25.94 5.12
N CYS C 482 1.03 -26.23 4.11
CA CYS C 482 2.31 -26.90 4.34
C CYS C 482 3.31 -26.00 5.06
N TYR C 483 3.24 -24.70 4.77
CA TYR C 483 4.11 -23.74 5.43
C TYR C 483 3.64 -23.44 6.86
N TYR C 484 2.34 -23.21 7.01
CA TYR C 484 1.75 -22.95 8.31
C TYR C 484 2.04 -24.06 9.31
N LEU C 485 1.72 -25.30 8.93
CA LEU C 485 1.95 -26.44 9.81
C LEU C 485 3.40 -26.60 10.24
N ALA C 486 4.33 -26.06 9.46
CA ALA C 486 5.74 -26.11 9.84
C ALA C 486 6.15 -24.90 10.66
N ALA C 487 5.59 -23.74 10.34
CA ALA C 487 5.95 -22.51 11.05
C ALA C 487 5.32 -22.42 12.43
N ALA C 488 4.16 -23.07 12.59
CA ALA C 488 3.49 -23.07 13.88
C ALA C 488 4.09 -24.13 14.81
N THR C 489 4.98 -24.95 14.28
CA THR C 489 5.70 -25.93 15.09
C THR C 489 7.13 -25.45 15.37
N ILE C 490 7.97 -25.44 14.34
CA ILE C 490 9.29 -24.84 14.43
C ILE C 490 9.20 -23.37 14.03
N PHE C 491 9.09 -22.49 15.03
CA PHE C 491 8.81 -21.08 14.77
C PHE C 491 10.02 -20.19 15.02
N GLU C 492 11.04 -20.75 15.65
CA GLU C 492 12.24 -19.98 15.96
C GLU C 492 12.90 -19.42 14.70
N SER C 493 13.03 -18.11 14.64
CA SER C 493 13.74 -17.45 13.55
C SER C 493 15.10 -18.11 13.35
N GLU C 494 15.77 -18.40 14.47
CA GLU C 494 17.11 -18.98 14.44
C GLU C 494 17.13 -20.43 13.94
N ARG C 495 15.96 -20.96 13.60
CA ARG C 495 15.83 -22.33 13.09
C ARG C 495 15.22 -22.40 11.69
N SER C 496 15.49 -21.40 10.86
CA SER C 496 14.86 -21.31 9.55
C SER C 496 15.10 -22.51 8.64
N HIS C 497 16.30 -23.09 8.71
CA HIS C 497 16.62 -24.25 7.88
C HIS C 497 15.70 -25.45 8.11
N GLU C 498 15.37 -25.72 9.37
CA GLU C 498 14.50 -26.85 9.69
C GLU C 498 13.05 -26.57 9.29
N ARG C 499 12.65 -25.30 9.38
CA ARG C 499 11.29 -24.92 9.04
C ARG C 499 11.03 -24.99 7.53
N MET C 500 12.04 -24.64 6.74
CA MET C 500 11.94 -24.61 5.28
C MET C 500 12.01 -25.99 4.64
N VAL C 501 12.95 -26.81 5.11
CA VAL C 501 13.09 -28.17 4.59
C VAL C 501 11.81 -28.96 4.81
N TRP C 502 11.12 -28.68 5.90
CA TRP C 502 9.87 -29.38 6.20
C TRP C 502 8.78 -28.94 5.23
N ALA C 503 8.52 -27.64 5.17
CA ALA C 503 7.48 -27.11 4.30
C ALA C 503 7.73 -27.45 2.82
N LYS C 504 8.98 -27.35 2.38
CA LYS C 504 9.32 -27.70 1.00
C LYS C 504 9.21 -29.19 0.75
N SER C 505 9.78 -29.99 1.64
CA SER C 505 9.68 -31.45 1.51
C SER C 505 8.22 -31.91 1.56
N SER C 506 7.39 -31.15 2.25
CA SER C 506 5.96 -31.45 2.33
C SER C 506 5.26 -31.14 0.99
N VAL C 507 5.60 -30.00 0.40
CA VAL C 507 5.00 -29.60 -0.87
C VAL C 507 5.45 -30.51 -2.01
N LEU C 508 6.72 -30.91 -1.99
CA LEU C 508 7.27 -31.77 -3.03
C LEU C 508 6.75 -33.20 -2.97
N VAL C 509 6.41 -33.68 -1.78
CA VAL C 509 5.80 -35.00 -1.66
C VAL C 509 4.37 -34.99 -2.22
N LYS C 510 3.62 -33.94 -1.92
CA LYS C 510 2.26 -33.82 -2.44
C LYS C 510 2.25 -33.75 -3.96
N ALA C 511 3.28 -33.15 -4.54
CA ALA C 511 3.42 -33.06 -5.98
C ALA C 511 3.72 -34.43 -6.59
N ILE C 512 4.80 -35.05 -6.11
CA ILE C 512 5.17 -36.39 -6.55
C ILE C 512 4.05 -37.39 -6.35
N SER C 513 3.12 -37.10 -5.45
CA SER C 513 2.00 -38.00 -5.21
C SER C 513 0.80 -37.64 -6.09
N SER C 514 0.53 -36.34 -6.21
CA SER C 514 -0.61 -35.87 -6.98
C SER C 514 -0.40 -36.12 -8.47
N SER C 515 0.83 -36.43 -8.86
CA SER C 515 1.18 -36.52 -10.28
C SER C 515 1.63 -37.90 -10.75
N PHE C 516 2.11 -38.74 -9.85
CA PHE C 516 2.63 -40.05 -10.25
C PHE C 516 2.24 -41.17 -9.30
N GLY C 517 1.13 -41.01 -8.59
CA GLY C 517 0.74 -41.99 -7.60
C GLY C 517 -0.33 -42.99 -8.04
N GLU C 518 -0.83 -42.82 -9.25
CA GLU C 518 -2.00 -43.56 -9.72
C GLU C 518 -1.86 -45.10 -9.68
N SER C 519 -0.74 -45.62 -10.16
CA SER C 519 -0.57 -47.07 -10.27
C SER C 519 0.82 -47.53 -9.88
N SER C 520 1.03 -48.84 -9.91
CA SER C 520 2.34 -49.42 -9.62
C SER C 520 3.33 -49.06 -10.73
N ASP C 521 2.81 -48.77 -11.92
CA ASP C 521 3.66 -48.45 -13.06
C ASP C 521 4.18 -47.02 -13.01
N SER C 522 3.28 -46.07 -12.77
CA SER C 522 3.66 -44.67 -12.68
C SER C 522 4.54 -44.38 -11.46
N ARG C 523 4.38 -45.19 -10.41
CA ARG C 523 5.19 -45.02 -9.22
C ARG C 523 6.62 -45.53 -9.42
N ARG C 524 6.77 -46.62 -10.17
CA ARG C 524 8.10 -47.08 -10.54
C ARG C 524 8.66 -46.16 -11.62
N SER C 525 7.76 -45.48 -12.32
CA SER C 525 8.15 -44.60 -13.41
C SER C 525 8.99 -43.44 -12.87
N PHE C 526 8.42 -42.71 -11.92
CA PHE C 526 9.13 -41.59 -11.30
C PHE C 526 10.30 -42.08 -10.43
N SER C 527 10.06 -43.19 -9.72
CA SER C 527 11.07 -43.73 -8.81
C SER C 527 12.38 -44.07 -9.50
N ASP C 528 12.29 -44.45 -10.77
CA ASP C 528 13.48 -44.91 -11.47
C ASP C 528 14.21 -43.79 -12.21
N GLN C 529 13.51 -42.68 -12.43
CA GLN C 529 14.16 -41.49 -12.97
C GLN C 529 15.00 -40.84 -11.88
N PHE C 530 14.47 -40.85 -10.65
CA PHE C 530 15.18 -40.35 -9.49
C PHE C 530 16.52 -41.04 -9.32
N HIS C 531 16.50 -42.37 -9.21
CA HIS C 531 17.72 -43.15 -9.04
C HIS C 531 18.64 -43.02 -10.26
N GLU C 532 18.05 -42.77 -11.43
CA GLU C 532 18.82 -42.63 -12.66
C GLU C 532 19.10 -41.15 -12.94
N TYR C 533 18.86 -40.32 -11.94
CA TYR C 533 19.19 -38.90 -11.98
C TYR C 533 20.33 -38.70 -11.00
N ILE C 534 20.52 -39.70 -10.14
CA ILE C 534 21.62 -39.75 -9.20
C ILE C 534 22.84 -40.36 -9.87
N ALA C 535 22.60 -41.08 -10.96
CA ALA C 535 23.66 -41.71 -11.75
C ALA C 535 24.32 -40.68 -12.67
N ASN C 536 24.89 -39.65 -12.07
CA ASN C 536 25.61 -38.62 -12.81
C ASN C 536 26.93 -38.27 -12.12
N ALA C 537 26.88 -38.08 -10.81
CA ALA C 537 28.07 -37.79 -10.01
C ALA C 537 28.23 -38.77 -8.85
N GLY C 555 5.32 -39.59 -20.53
CA GLY C 555 5.45 -40.60 -19.51
C GLY C 555 6.72 -40.45 -18.68
N SER C 556 7.78 -41.14 -19.09
CA SER C 556 9.06 -41.05 -18.40
C SER C 556 9.78 -39.75 -18.76
N VAL C 557 9.09 -38.87 -19.46
CA VAL C 557 9.62 -37.54 -19.77
C VAL C 557 9.19 -36.56 -18.69
N GLN C 558 7.90 -36.61 -18.35
CA GLN C 558 7.35 -35.79 -17.27
C GLN C 558 8.00 -36.16 -15.93
N ALA C 559 8.32 -37.44 -15.76
CA ALA C 559 8.93 -37.91 -14.53
C ALA C 559 10.30 -37.27 -14.32
N SER C 560 11.08 -37.14 -15.39
CA SER C 560 12.42 -36.58 -15.28
C SER C 560 12.42 -35.07 -15.02
N ARG C 561 11.40 -34.37 -15.52
CA ARG C 561 11.23 -32.95 -15.22
C ARG C 561 11.02 -32.75 -13.72
N LEU C 562 9.95 -33.35 -13.20
CA LEU C 562 9.56 -33.16 -11.80
C LEU C 562 10.59 -33.71 -10.82
N ALA C 563 11.39 -34.69 -11.25
CA ALA C 563 12.47 -35.19 -10.41
C ALA C 563 13.61 -34.18 -10.36
N GLY C 564 13.81 -33.46 -11.46
CA GLY C 564 14.82 -32.41 -11.53
C GLY C 564 14.54 -31.26 -10.58
N VAL C 565 13.26 -30.95 -10.39
CA VAL C 565 12.85 -29.96 -9.39
C VAL C 565 13.16 -30.50 -8.00
N LEU C 566 12.83 -31.76 -7.77
CA LEU C 566 13.08 -32.40 -6.48
C LEU C 566 14.56 -32.44 -6.17
N ILE C 567 15.38 -32.60 -7.19
CA ILE C 567 16.82 -32.64 -7.02
C ILE C 567 17.39 -31.23 -6.87
N GLY C 568 16.81 -30.28 -7.58
CA GLY C 568 17.24 -28.89 -7.49
C GLY C 568 17.05 -28.32 -6.10
N THR C 569 15.97 -28.73 -5.44
CA THR C 569 15.66 -28.28 -4.09
C THR C 569 16.55 -28.96 -3.04
N LEU C 570 16.62 -30.30 -3.08
CA LEU C 570 17.49 -31.02 -2.15
C LEU C 570 18.91 -30.50 -2.26
N ASN C 571 19.31 -30.10 -3.46
CA ASN C 571 20.64 -29.55 -3.69
C ASN C 571 20.78 -28.15 -3.08
N GLN C 572 19.82 -27.29 -3.35
CA GLN C 572 19.81 -25.92 -2.84
C GLN C 572 19.86 -25.86 -1.31
N MET C 573 19.45 -26.94 -0.65
CA MET C 573 19.38 -26.96 0.81
C MET C 573 20.57 -27.66 1.46
N SER C 574 21.00 -28.77 0.88
CA SER C 574 22.18 -29.45 1.36
C SER C 574 23.35 -28.48 1.34
N PHE C 575 23.46 -27.71 0.26
CA PHE C 575 24.54 -26.76 0.12
C PHE C 575 24.33 -25.51 0.96
N ASP C 576 23.06 -25.17 1.19
CA ASP C 576 22.72 -24.06 2.07
C ASP C 576 23.24 -24.34 3.47
N LEU C 577 22.95 -25.54 3.98
CA LEU C 577 23.42 -25.95 5.30
C LEU C 577 24.94 -26.06 5.35
N PHE C 578 25.58 -26.05 4.19
CA PHE C 578 27.02 -26.15 4.14
C PHE C 578 27.65 -24.78 4.36
N MET C 579 27.00 -23.74 3.87
CA MET C 579 27.50 -22.37 4.03
C MET C 579 27.48 -21.96 5.48
N SER C 580 26.61 -22.60 6.26
CA SER C 580 26.41 -22.23 7.65
C SER C 580 27.23 -23.06 8.65
N HIS C 581 27.24 -24.38 8.45
CA HIS C 581 27.88 -25.27 9.42
C HIS C 581 28.90 -26.21 8.79
N GLY C 582 29.35 -25.87 7.59
CA GLY C 582 30.36 -26.62 6.88
C GLY C 582 30.16 -28.12 6.83
N ARG C 583 28.91 -28.56 6.94
CA ARG C 583 28.62 -29.99 7.00
C ARG C 583 28.03 -30.51 5.69
N ASP C 584 28.42 -31.72 5.33
CA ASP C 584 28.03 -32.34 4.06
C ASP C 584 26.95 -33.40 4.27
N VAL C 585 25.69 -32.98 4.24
CA VAL C 585 24.57 -33.89 4.45
C VAL C 585 23.93 -34.27 3.12
N ASN C 586 24.76 -34.53 2.12
CA ASN C 586 24.26 -34.80 0.77
C ASN C 586 23.92 -36.27 0.53
N ASN C 587 24.93 -37.13 0.60
CA ASN C 587 24.74 -38.55 0.34
C ASN C 587 23.70 -39.18 1.26
N LEU C 588 23.42 -38.50 2.37
CA LEU C 588 22.46 -38.98 3.35
C LEU C 588 21.06 -38.47 2.99
N LEU C 589 21.00 -37.23 2.51
CA LEU C 589 19.74 -36.62 2.09
C LEU C 589 19.00 -37.52 1.11
N TYR C 590 19.71 -37.94 0.06
CA TYR C 590 19.11 -38.77 -0.99
C TYR C 590 18.72 -40.14 -0.47
N LEU C 591 19.63 -40.75 0.28
CA LEU C 591 19.37 -42.07 0.86
C LEU C 591 18.02 -42.04 1.58
N SER C 592 17.68 -40.89 2.16
CA SER C 592 16.42 -40.74 2.88
C SER C 592 15.25 -40.63 1.92
N TRP C 593 15.48 -39.99 0.78
CA TRP C 593 14.43 -39.90 -0.23
C TRP C 593 14.32 -41.19 -1.03
N GLY C 594 15.45 -41.85 -1.22
CA GLY C 594 15.46 -43.17 -1.82
C GLY C 594 14.64 -44.14 -0.99
N ASP C 595 15.00 -44.26 0.28
CA ASP C 595 14.27 -45.10 1.21
C ASP C 595 12.78 -44.86 1.09
N TRP C 596 12.39 -43.59 1.08
CA TRP C 596 10.97 -43.26 1.05
C TRP C 596 10.26 -43.83 -0.17
N MET C 597 10.92 -43.78 -1.32
CA MET C 597 10.31 -44.22 -2.58
C MET C 597 10.10 -45.72 -2.68
N GLU C 598 11.11 -46.50 -2.28
CA GLU C 598 10.97 -47.96 -2.27
C GLU C 598 9.73 -48.33 -1.48
N LYS C 599 9.46 -47.56 -0.43
CA LYS C 599 8.33 -47.81 0.45
C LYS C 599 7.04 -47.27 -0.19
N TRP C 600 7.20 -46.49 -1.25
CA TRP C 600 6.09 -45.81 -1.90
C TRP C 600 5.63 -46.58 -3.13
N LYS C 601 6.51 -47.42 -3.67
CA LYS C 601 6.18 -48.32 -4.76
C LYS C 601 5.16 -49.36 -4.28
N LEU C 602 5.53 -50.08 -3.23
CA LEU C 602 4.77 -51.23 -2.75
C LEU C 602 3.46 -50.83 -2.06
N TYR C 603 3.37 -49.58 -1.65
CA TYR C 603 2.18 -49.05 -0.98
C TYR C 603 1.58 -47.89 -1.78
N GLY C 604 1.28 -46.81 -1.06
CA GLY C 604 0.88 -45.55 -1.67
C GLY C 604 1.58 -44.44 -0.92
N ASP C 605 0.95 -43.27 -0.82
CA ASP C 605 1.50 -42.19 -0.01
C ASP C 605 1.72 -42.74 1.40
N GLU C 606 2.96 -43.07 1.72
CA GLU C 606 3.26 -43.86 2.91
C GLU C 606 3.99 -43.09 4.01
N GLY C 607 5.21 -43.53 4.30
CA GLY C 607 5.97 -43.05 5.44
C GLY C 607 6.45 -41.61 5.33
N GLU C 608 5.55 -40.71 4.97
CA GLU C 608 5.85 -39.28 4.94
C GLU C 608 6.36 -38.83 6.32
N GLY C 609 5.78 -39.39 7.38
CA GLY C 609 6.18 -39.07 8.73
C GLY C 609 7.67 -39.23 8.94
N GLU C 610 8.18 -40.43 8.70
CA GLU C 610 9.60 -40.69 8.87
C GLU C 610 10.46 -39.76 8.02
N LEU C 611 10.00 -39.46 6.81
CA LEU C 611 10.78 -38.64 5.88
C LEU C 611 10.94 -37.21 6.36
N MET C 612 9.86 -36.60 6.82
CA MET C 612 9.91 -35.23 7.33
C MET C 612 10.86 -35.13 8.52
N VAL C 613 10.79 -36.13 9.41
CA VAL C 613 11.60 -36.16 10.63
C VAL C 613 13.09 -36.15 10.35
N LYS C 614 13.53 -37.02 9.44
CA LYS C 614 14.94 -37.07 9.07
C LYS C 614 15.39 -35.77 8.42
N MET C 615 14.53 -35.20 7.57
CA MET C 615 14.83 -33.95 6.90
C MET C 615 15.20 -32.87 7.90
N ILE C 616 14.37 -32.76 8.93
CA ILE C 616 14.53 -31.75 9.96
C ILE C 616 15.79 -32.00 10.78
N ILE C 617 16.05 -33.26 11.09
CA ILE C 617 17.22 -33.63 11.89
C ILE C 617 18.56 -33.36 11.19
N LEU C 618 18.61 -33.61 9.89
CA LEU C 618 19.81 -33.33 9.10
C LEU C 618 20.09 -31.84 9.06
N MET C 619 19.02 -31.05 9.03
CA MET C 619 19.11 -29.59 8.93
C MET C 619 19.42 -28.88 10.26
N LYS C 620 19.32 -29.59 11.37
CA LYS C 620 19.59 -28.99 12.68
C LYS C 620 21.04 -28.53 12.79
N ASN C 621 21.27 -27.48 13.57
CA ASN C 621 22.58 -26.83 13.64
C ASN C 621 23.70 -27.72 14.15
N ASN C 622 23.36 -28.62 15.08
CA ASN C 622 24.32 -29.59 15.58
C ASN C 622 24.01 -30.98 15.03
N ASP C 623 25.04 -31.69 14.59
CA ASP C 623 24.89 -32.98 13.93
C ASP C 623 24.40 -34.11 14.85
N LEU C 624 23.16 -34.55 14.66
CA LEU C 624 22.62 -35.68 15.40
C LEU C 624 22.36 -36.85 14.46
N THR C 625 23.05 -36.87 13.33
CA THR C 625 22.78 -37.82 12.26
C THR C 625 23.18 -39.25 12.59
N ASN C 626 23.58 -39.49 13.84
CA ASN C 626 24.11 -40.79 14.21
C ASN C 626 23.09 -41.64 14.95
N PHE C 627 21.93 -41.05 15.25
CA PHE C 627 20.84 -41.79 15.87
C PHE C 627 19.99 -42.52 14.83
N PHE C 628 20.21 -42.22 13.55
CA PHE C 628 19.39 -42.81 12.49
C PHE C 628 19.41 -44.33 12.53
N THR C 629 20.53 -44.89 12.96
CA THR C 629 20.64 -46.34 13.16
C THR C 629 20.67 -46.63 14.65
N HIS C 630 19.50 -46.64 15.27
CA HIS C 630 19.42 -46.73 16.72
C HIS C 630 18.12 -47.39 17.16
N THR C 631 18.24 -48.34 18.09
CA THR C 631 17.10 -49.11 18.54
C THR C 631 15.87 -48.26 18.87
N HIS C 632 16.09 -46.99 19.22
CA HIS C 632 14.97 -46.14 19.58
C HIS C 632 14.49 -45.25 18.46
N PHE C 633 15.39 -44.87 17.57
CA PHE C 633 15.00 -44.10 16.39
C PHE C 633 14.13 -44.98 15.50
N VAL C 634 14.58 -46.22 15.30
CA VAL C 634 13.85 -47.17 14.47
C VAL C 634 12.48 -47.48 15.06
N ARG C 635 12.42 -47.66 16.38
CA ARG C 635 11.15 -47.93 17.06
C ARG C 635 10.18 -46.75 16.96
N LEU C 636 10.72 -45.55 16.77
CA LEU C 636 9.87 -44.38 16.60
C LEU C 636 9.41 -44.21 15.16
N ALA C 637 10.30 -44.52 14.21
CA ALA C 637 9.93 -44.48 12.80
C ALA C 637 8.84 -45.50 12.49
N GLU C 638 8.90 -46.66 13.16
CA GLU C 638 7.91 -47.70 12.96
C GLU C 638 6.55 -47.23 13.46
N ILE C 639 6.56 -46.37 14.47
CA ILE C 639 5.32 -45.94 15.10
C ILE C 639 4.70 -44.76 14.37
N ILE C 640 5.54 -43.93 13.77
CA ILE C 640 5.05 -42.72 13.12
C ILE C 640 4.58 -42.95 11.69
N ASN C 641 5.19 -43.90 11.00
CA ASN C 641 4.73 -44.28 9.66
C ASN C 641 3.37 -44.97 9.73
N ARG C 642 2.83 -45.02 10.95
CA ARG C 642 1.59 -45.70 11.25
C ARG C 642 0.59 -44.68 11.81
N ILE C 643 1.09 -43.46 12.02
CA ILE C 643 0.28 -42.33 12.46
C ILE C 643 0.03 -41.38 11.29
N CYS C 644 0.88 -41.48 10.27
CA CYS C 644 0.78 -40.63 9.08
C CYS C 644 0.33 -41.46 7.87
N LEU C 645 -0.97 -41.41 7.58
CA LEU C 645 -1.55 -42.24 6.51
C LEU C 645 -2.73 -41.56 5.82
N PRO C 646 -2.46 -40.63 4.89
CA PRO C 646 -3.54 -39.94 4.17
C PRO C 646 -4.47 -40.90 3.42
N GLU C 659 -13.22 -40.62 12.00
CA GLU C 659 -13.84 -41.94 12.06
C GLU C 659 -13.35 -42.71 13.29
N LYS C 660 -13.10 -44.00 13.11
CA LYS C 660 -12.40 -44.79 14.11
C LYS C 660 -10.91 -44.71 13.77
N THR C 661 -10.60 -43.88 12.77
CA THR C 661 -9.24 -43.58 12.37
C THR C 661 -8.62 -42.58 13.34
N ILE C 662 -9.28 -41.44 13.51
CA ILE C 662 -8.86 -40.46 14.49
C ILE C 662 -8.56 -41.16 15.81
N LYS C 663 -9.41 -42.11 16.17
CA LYS C 663 -9.22 -42.87 17.41
C LYS C 663 -8.42 -44.15 17.17
N SER C 664 -7.37 -44.04 16.38
CA SER C 664 -6.43 -45.13 16.16
C SER C 664 -5.04 -44.54 16.04
N MET C 665 -5.00 -43.29 15.58
CA MET C 665 -3.80 -42.46 15.66
C MET C 665 -3.51 -42.22 17.13
N GLU C 666 -4.56 -42.08 17.93
CA GLU C 666 -4.44 -41.88 19.36
C GLU C 666 -3.81 -43.08 20.06
N LYS C 667 -4.30 -44.27 19.78
CA LYS C 667 -3.75 -45.48 20.40
C LYS C 667 -2.30 -45.66 19.96
N GLU C 668 -1.99 -45.14 18.77
CA GLU C 668 -0.65 -45.21 18.23
C GLU C 668 0.16 -44.05 18.78
N MET C 669 -0.55 -42.97 19.09
CA MET C 669 0.08 -41.77 19.63
C MET C 669 0.62 -42.01 21.03
N GLY C 670 -0.12 -42.76 21.83
CA GLY C 670 0.28 -43.09 23.20
C GLY C 670 1.62 -43.80 23.27
N LYS C 671 1.84 -44.76 22.38
CA LYS C 671 3.13 -45.45 22.33
C LYS C 671 4.23 -44.48 21.94
N MET C 672 3.82 -43.39 21.28
CA MET C 672 4.75 -42.37 20.81
C MET C 672 5.21 -41.48 21.98
N VAL C 673 4.25 -41.01 22.77
CA VAL C 673 4.53 -40.19 23.93
C VAL C 673 5.41 -40.91 24.94
N GLU C 674 5.07 -42.15 25.26
CA GLU C 674 5.85 -42.93 26.20
C GLU C 674 7.32 -43.00 25.78
N LEU C 675 7.56 -43.32 24.51
CA LEU C 675 8.92 -43.52 24.02
C LEU C 675 9.69 -42.21 23.86
N ALA C 676 8.99 -41.16 23.43
CA ALA C 676 9.63 -39.88 23.13
C ALA C 676 10.02 -39.06 24.36
N LEU C 677 9.20 -39.16 25.41
CA LEU C 677 9.46 -38.40 26.64
C LEU C 677 10.40 -39.15 27.59
N SER C 678 10.31 -40.48 27.60
CA SER C 678 11.25 -41.29 28.37
C SER C 678 12.58 -41.42 27.66
N GLU C 679 13.18 -40.29 27.30
CA GLU C 679 14.41 -40.30 26.50
C GLU C 679 15.60 -39.61 27.17
N SER C 680 16.79 -39.92 26.68
CA SER C 680 18.06 -39.44 27.24
C SER C 680 18.17 -37.93 27.21
N ASP C 681 19.35 -37.43 26.86
CA ASP C 681 19.60 -36.00 26.86
C ASP C 681 19.94 -35.45 25.48
N THR C 682 20.82 -36.14 24.76
CA THR C 682 21.14 -35.73 23.40
C THR C 682 20.03 -36.22 22.48
N PHE C 683 19.55 -37.43 22.74
CA PHE C 683 18.45 -37.99 21.99
C PHE C 683 17.22 -37.10 22.13
N ARG C 684 17.11 -36.44 23.27
CA ARG C 684 16.03 -35.48 23.53
C ARG C 684 15.56 -34.78 22.26
N ASP C 685 16.49 -34.16 21.54
CA ASP C 685 16.14 -33.40 20.34
C ASP C 685 15.43 -34.25 19.28
N VAL C 686 15.95 -35.46 19.06
CA VAL C 686 15.36 -36.39 18.10
C VAL C 686 13.95 -36.81 18.48
N SER C 687 13.77 -37.33 19.69
CA SER C 687 12.45 -37.76 20.13
C SER C 687 11.44 -36.62 19.98
N ILE C 688 11.81 -35.44 20.48
CA ILE C 688 10.99 -34.23 20.34
C ILE C 688 10.51 -34.05 18.89
N THR C 689 11.46 -34.01 17.96
CA THR C 689 11.12 -33.82 16.56
C THR C 689 10.02 -34.80 16.14
N PHE C 690 10.14 -36.06 16.57
CA PHE C 690 9.14 -37.09 16.25
C PHE C 690 7.75 -36.70 16.73
N LEU C 691 7.67 -36.16 17.94
CA LEU C 691 6.41 -35.65 18.46
C LEU C 691 5.95 -34.39 17.74
N ASP C 692 6.91 -33.55 17.32
CA ASP C 692 6.58 -32.31 16.61
C ASP C 692 5.81 -32.59 15.34
N VAL C 693 6.31 -33.55 14.56
CA VAL C 693 5.71 -33.93 13.29
C VAL C 693 4.36 -34.59 13.47
N ALA C 694 4.31 -35.63 14.28
CA ALA C 694 3.07 -36.33 14.57
C ALA C 694 1.92 -35.40 14.97
N LYS C 695 2.21 -34.46 15.87
CA LYS C 695 1.18 -33.52 16.34
C LYS C 695 0.62 -32.66 15.22
N ALA C 696 1.42 -32.40 14.20
CA ALA C 696 0.97 -31.59 13.06
C ALA C 696 -0.01 -32.39 12.21
N PHE C 697 0.24 -33.70 12.09
CA PHE C 697 -0.64 -34.58 11.35
C PHE C 697 -1.92 -34.85 12.12
N TYR C 698 -1.82 -34.94 13.44
CA TYR C 698 -3.01 -35.08 14.27
C TYR C 698 -3.85 -33.79 14.23
N TYR C 699 -3.18 -32.65 14.27
CA TYR C 699 -3.87 -31.37 14.24
C TYR C 699 -4.62 -31.18 12.94
N PHE C 700 -4.03 -31.63 11.84
CA PHE C 700 -4.63 -31.49 10.53
C PHE C 700 -5.84 -32.42 10.36
N ALA C 701 -5.66 -33.68 10.73
CA ALA C 701 -6.75 -34.66 10.71
C ALA C 701 -7.95 -34.16 11.53
N LEU C 702 -7.67 -33.34 12.52
CA LEU C 702 -8.69 -32.88 13.44
C LEU C 702 -9.36 -31.58 13.00
N CYS C 703 -8.55 -30.55 12.75
CA CYS C 703 -9.06 -29.22 12.48
C CYS C 703 -8.96 -28.79 11.02
N GLY C 704 -8.31 -29.62 10.21
CA GLY C 704 -8.00 -29.29 8.82
C GLY C 704 -9.07 -28.61 7.98
N ASP C 705 -10.32 -28.63 8.44
CA ASP C 705 -11.42 -28.07 7.68
C ASP C 705 -11.75 -26.64 8.12
N HIS C 706 -11.05 -26.14 9.14
CA HIS C 706 -11.25 -24.77 9.59
C HIS C 706 -9.93 -24.09 9.98
N LEU C 707 -8.85 -24.46 9.30
CA LEU C 707 -7.56 -23.81 9.51
C LEU C 707 -7.66 -22.34 9.19
N GLN C 708 -8.78 -21.95 8.58
CA GLN C 708 -8.99 -20.57 8.15
C GLN C 708 -8.57 -19.55 9.20
N THR C 709 -9.29 -19.52 10.32
CA THR C 709 -9.05 -18.50 11.34
C THR C 709 -7.70 -18.66 12.06
N HIS C 710 -7.29 -19.90 12.29
CA HIS C 710 -6.00 -20.13 12.94
C HIS C 710 -4.84 -19.56 12.13
N ILE C 711 -4.88 -19.74 10.82
CA ILE C 711 -3.81 -19.23 9.96
C ILE C 711 -3.74 -17.70 9.99
N SER C 712 -4.90 -17.04 10.02
CA SER C 712 -4.95 -15.59 10.15
C SER C 712 -4.27 -15.12 11.43
N LYS C 713 -4.81 -15.55 12.58
CA LYS C 713 -4.26 -15.18 13.88
C LYS C 713 -2.77 -15.47 14.00
N VAL C 714 -2.38 -16.70 13.71
CA VAL C 714 -1.01 -17.14 13.92
C VAL C 714 0.00 -16.42 13.01
N LEU C 715 -0.33 -16.28 11.73
CA LEU C 715 0.65 -15.79 10.77
C LEU C 715 0.47 -14.33 10.32
N PHE C 716 -0.78 -13.86 10.22
CA PHE C 716 -1.04 -12.56 9.59
C PHE C 716 -1.67 -11.50 10.49
N GLN C 717 -1.57 -11.68 11.80
CA GLN C 717 -2.11 -10.68 12.74
C GLN C 717 -1.14 -10.43 13.88
N LYS C 718 -0.60 -9.22 13.95
CA LYS C 718 0.24 -8.82 15.07
C LYS C 718 -0.51 -8.98 16.38
N VAL C 719 0.21 -8.84 17.49
CA VAL C 719 -0.43 -8.73 18.79
C VAL C 719 -0.29 -7.28 19.26
N GLY C 720 -1.33 -6.75 19.89
CA GLY C 720 -1.34 -5.35 20.29
C GLY C 720 -1.02 -5.12 21.76
#